data_1TXA
# 
_entry.id   1TXA 
# 
_audit_conform.dict_name       mmcif_pdbx.dic 
_audit_conform.dict_version    5.398 
_audit_conform.dict_location   http://mmcif.pdb.org/dictionaries/ascii/mmcif_pdbx.dic 
# 
loop_
_database_2.database_id 
_database_2.database_code 
_database_2.pdbx_database_accession 
_database_2.pdbx_DOI 
PDB   1TXA         pdb_00001txa 10.2210/pdb1txa/pdb 
WWPDB D_1000176876 ?            ?                   
# 
loop_
_pdbx_audit_revision_history.ordinal 
_pdbx_audit_revision_history.data_content_type 
_pdbx_audit_revision_history.major_revision 
_pdbx_audit_revision_history.minor_revision 
_pdbx_audit_revision_history.revision_date 
1 'Structure model' 1 0 1997-10-15 
2 'Structure model' 1 1 2008-03-24 
3 'Structure model' 1 2 2011-07-13 
4 'Structure model' 1 3 2017-11-29 
5 'Structure model' 1 4 2024-11-06 
# 
_pdbx_audit_revision_details.ordinal             1 
_pdbx_audit_revision_details.revision_ordinal    1 
_pdbx_audit_revision_details.data_content_type   'Structure model' 
_pdbx_audit_revision_details.provider            repository 
_pdbx_audit_revision_details.type                'Initial release' 
_pdbx_audit_revision_details.description         ? 
_pdbx_audit_revision_details.details             ? 
# 
loop_
_pdbx_audit_revision_group.ordinal 
_pdbx_audit_revision_group.revision_ordinal 
_pdbx_audit_revision_group.data_content_type 
_pdbx_audit_revision_group.group 
1 2 'Structure model' 'Version format compliance' 
2 3 'Structure model' 'Version format compliance' 
3 4 'Structure model' 'Derived calculations'      
4 4 'Structure model' Other                       
5 5 'Structure model' 'Data collection'           
6 5 'Structure model' 'Database references'       
7 5 'Structure model' 'Structure summary'         
# 
loop_
_pdbx_audit_revision_category.ordinal 
_pdbx_audit_revision_category.revision_ordinal 
_pdbx_audit_revision_category.data_content_type 
_pdbx_audit_revision_category.category 
1  4 'Structure model' pdbx_database_status      
2  4 'Structure model' pdbx_struct_assembly      
3  4 'Structure model' pdbx_struct_oper_list     
4  4 'Structure model' struct_conf               
5  4 'Structure model' struct_conf_type          
6  5 'Structure model' chem_comp_atom            
7  5 'Structure model' chem_comp_bond            
8  5 'Structure model' database_2                
9  5 'Structure model' pdbx_entry_details        
10 5 'Structure model' pdbx_modification_feature 
# 
loop_
_pdbx_audit_revision_item.ordinal 
_pdbx_audit_revision_item.revision_ordinal 
_pdbx_audit_revision_item.data_content_type 
_pdbx_audit_revision_item.item 
1 4 'Structure model' '_pdbx_database_status.process_site'  
2 5 'Structure model' '_database_2.pdbx_DOI'                
3 5 'Structure model' '_database_2.pdbx_database_accession' 
# 
_pdbx_database_status.status_code                     REL 
_pdbx_database_status.entry_id                        1TXA 
_pdbx_database_status.recvd_initial_deposition_date   1996-07-20 
_pdbx_database_status.deposit_site                    ? 
_pdbx_database_status.process_site                    BNL 
_pdbx_database_status.status_code_sf                  ? 
_pdbx_database_status.status_code_mr                  REL 
_pdbx_database_status.SG_entry                        ? 
_pdbx_database_status.pdb_format_compatible           Y 
_pdbx_database_status.status_code_cs                  ? 
_pdbx_database_status.methods_development_category    ? 
_pdbx_database_status.status_code_nmr_data            ? 
# 
_pdbx_database_related.db_name        PDB 
_pdbx_database_related.db_id          1TXB 
_pdbx_database_related.details        . 
_pdbx_database_related.content_type   ensemble 
# 
loop_
_audit_author.name 
_audit_author.pdbx_ordinal 
'Peng, S.-S.'   1 
'Kumar, T.K.S.' 2 
'Jayaraman, G.' 3 
'Chang, C.-C.'  4 
'Yu, C.'        5 
# 
_citation.id                        primary 
_citation.title                     
'Solution structure of toxin b, a long neurotoxin from the venom of the king cobra (Ophiophagus hannah).' 
_citation.journal_abbrev            J.Biol.Chem. 
_citation.journal_volume            272 
_citation.page_first                7817 
_citation.page_last                 7823 
_citation.year                      1997 
_citation.journal_id_ASTM           JBCHA3 
_citation.country                   US 
_citation.journal_id_ISSN           0021-9258 
_citation.journal_id_CSD            0071 
_citation.book_publisher            ? 
_citation.pdbx_database_id_PubMed   9065446 
_citation.pdbx_database_id_DOI      10.1074/jbc.272.12.7817 
# 
loop_
_citation_author.citation_id 
_citation_author.name 
_citation_author.ordinal 
_citation_author.identifier_ORCID 
primary 'Peng, S.S.'    1 ? 
primary 'Kumar, T.K.'   2 ? 
primary 'Jayaraman, G.' 3 ? 
primary 'Chang, C.C.'   4 ? 
primary 'Yu, C.'        5 ? 
# 
_entity.id                         1 
_entity.type                       polymer 
_entity.src_method                 nat 
_entity.pdbx_description           'TOXIN B' 
_entity.formula_weight             8065.252 
_entity.pdbx_number_of_molecules   1 
_entity.pdbx_ec                    ? 
_entity.pdbx_mutation              ? 
_entity.pdbx_fragment              ? 
_entity.details                    ? 
# 
_entity_name_com.entity_id   1 
_entity_name_com.name        'LONG NEUROTOXIN' 
# 
_entity_poly.entity_id                      1 
_entity_poly.type                           'polypeptide(L)' 
_entity_poly.nstd_linkage                   no 
_entity_poly.nstd_monomer                   no 
_entity_poly.pdbx_seq_one_letter_code       TKCYVTPDATSQTCPDGQDICYTKTWCDGFCSSRGKRIDLGCAATCPKVKPGVDIKCCSTDNCNPFPTWKRKH 
_entity_poly.pdbx_seq_one_letter_code_can   TKCYVTPDATSQTCPDGQDICYTKTWCDGFCSSRGKRIDLGCAATCPKVKPGVDIKCCSTDNCNPFPTWKRKH 
_entity_poly.pdbx_strand_id                 A 
_entity_poly.pdbx_target_identifier         ? 
# 
loop_
_entity_poly_seq.entity_id 
_entity_poly_seq.num 
_entity_poly_seq.mon_id 
_entity_poly_seq.hetero 
1 1  THR n 
1 2  LYS n 
1 3  CYS n 
1 4  TYR n 
1 5  VAL n 
1 6  THR n 
1 7  PRO n 
1 8  ASP n 
1 9  ALA n 
1 10 THR n 
1 11 SER n 
1 12 GLN n 
1 13 THR n 
1 14 CYS n 
1 15 PRO n 
1 16 ASP n 
1 17 GLY n 
1 18 GLN n 
1 19 ASP n 
1 20 ILE n 
1 21 CYS n 
1 22 TYR n 
1 23 THR n 
1 24 LYS n 
1 25 THR n 
1 26 TRP n 
1 27 CYS n 
1 28 ASP n 
1 29 GLY n 
1 30 PHE n 
1 31 CYS n 
1 32 SER n 
1 33 SER n 
1 34 ARG n 
1 35 GLY n 
1 36 LYS n 
1 37 ARG n 
1 38 ILE n 
1 39 ASP n 
1 40 LEU n 
1 41 GLY n 
1 42 CYS n 
1 43 ALA n 
1 44 ALA n 
1 45 THR n 
1 46 CYS n 
1 47 PRO n 
1 48 LYS n 
1 49 VAL n 
1 50 LYS n 
1 51 PRO n 
1 52 GLY n 
1 53 VAL n 
1 54 ASP n 
1 55 ILE n 
1 56 LYS n 
1 57 CYS n 
1 58 CYS n 
1 59 SER n 
1 60 THR n 
1 61 ASP n 
1 62 ASN n 
1 63 CYS n 
1 64 ASN n 
1 65 PRO n 
1 66 PHE n 
1 67 PRO n 
1 68 THR n 
1 69 TRP n 
1 70 LYS n 
1 71 ARG n 
1 72 LYS n 
1 73 HIS n 
# 
_entity_src_nat.entity_id                  1 
_entity_src_nat.pdbx_src_id                1 
_entity_src_nat.pdbx_alt_source_flag       sample 
_entity_src_nat.pdbx_beg_seq_num           ? 
_entity_src_nat.pdbx_end_seq_num           ? 
_entity_src_nat.common_name                'king cobra' 
_entity_src_nat.pdbx_organism_scientific   'Ophiophagus hannah' 
_entity_src_nat.pdbx_ncbi_taxonomy_id      8665 
_entity_src_nat.genus                      Ophiophagus 
_entity_src_nat.species                    ? 
_entity_src_nat.strain                     ? 
_entity_src_nat.tissue                     ? 
_entity_src_nat.tissue_fraction            ? 
_entity_src_nat.pdbx_secretion             ? 
_entity_src_nat.pdbx_fragment              ? 
_entity_src_nat.pdbx_variant               ? 
_entity_src_nat.pdbx_cell_line             ? 
_entity_src_nat.pdbx_atcc                  ? 
_entity_src_nat.pdbx_cellular_location     ? 
_entity_src_nat.pdbx_organ                 ? 
_entity_src_nat.pdbx_organelle             ? 
_entity_src_nat.pdbx_cell                  ? 
_entity_src_nat.pdbx_plasmid_name          ? 
_entity_src_nat.pdbx_plasmid_details       ? 
_entity_src_nat.details                    ? 
# 
loop_
_chem_comp.id 
_chem_comp.type 
_chem_comp.mon_nstd_flag 
_chem_comp.name 
_chem_comp.pdbx_synonyms 
_chem_comp.formula 
_chem_comp.formula_weight 
ALA 'L-peptide linking' y ALANINE         ? 'C3 H7 N O2'     89.093  
ARG 'L-peptide linking' y ARGININE        ? 'C6 H15 N4 O2 1' 175.209 
ASN 'L-peptide linking' y ASPARAGINE      ? 'C4 H8 N2 O3'    132.118 
ASP 'L-peptide linking' y 'ASPARTIC ACID' ? 'C4 H7 N O4'     133.103 
CYS 'L-peptide linking' y CYSTEINE        ? 'C3 H7 N O2 S'   121.158 
GLN 'L-peptide linking' y GLUTAMINE       ? 'C5 H10 N2 O3'   146.144 
GLY 'peptide linking'   y GLYCINE         ? 'C2 H5 N O2'     75.067  
HIS 'L-peptide linking' y HISTIDINE       ? 'C6 H10 N3 O2 1' 156.162 
ILE 'L-peptide linking' y ISOLEUCINE      ? 'C6 H13 N O2'    131.173 
LEU 'L-peptide linking' y LEUCINE         ? 'C6 H13 N O2'    131.173 
LYS 'L-peptide linking' y LYSINE          ? 'C6 H15 N2 O2 1' 147.195 
PHE 'L-peptide linking' y PHENYLALANINE   ? 'C9 H11 N O2'    165.189 
PRO 'L-peptide linking' y PROLINE         ? 'C5 H9 N O2'     115.130 
SER 'L-peptide linking' y SERINE          ? 'C3 H7 N O3'     105.093 
THR 'L-peptide linking' y THREONINE       ? 'C4 H9 N O3'     119.119 
TRP 'L-peptide linking' y TRYPTOPHAN      ? 'C11 H12 N2 O2'  204.225 
TYR 'L-peptide linking' y TYROSINE        ? 'C9 H11 N O3'    181.189 
VAL 'L-peptide linking' y VALINE          ? 'C5 H11 N O2'    117.146 
# 
loop_
_pdbx_poly_seq_scheme.asym_id 
_pdbx_poly_seq_scheme.entity_id 
_pdbx_poly_seq_scheme.seq_id 
_pdbx_poly_seq_scheme.mon_id 
_pdbx_poly_seq_scheme.ndb_seq_num 
_pdbx_poly_seq_scheme.pdb_seq_num 
_pdbx_poly_seq_scheme.auth_seq_num 
_pdbx_poly_seq_scheme.pdb_mon_id 
_pdbx_poly_seq_scheme.auth_mon_id 
_pdbx_poly_seq_scheme.pdb_strand_id 
_pdbx_poly_seq_scheme.pdb_ins_code 
_pdbx_poly_seq_scheme.hetero 
A 1 1  THR 1  1  1  THR THR A . n 
A 1 2  LYS 2  2  2  LYS LYS A . n 
A 1 3  CYS 3  3  3  CYS CYS A . n 
A 1 4  TYR 4  4  4  TYR TYR A . n 
A 1 5  VAL 5  5  5  VAL VAL A . n 
A 1 6  THR 6  6  6  THR THR A . n 
A 1 7  PRO 7  7  7  PRO PRO A . n 
A 1 8  ASP 8  8  8  ASP ASP A . n 
A 1 9  ALA 9  9  9  ALA ALA A . n 
A 1 10 THR 10 10 10 THR THR A . n 
A 1 11 SER 11 11 11 SER SER A . n 
A 1 12 GLN 12 12 12 GLN GLN A . n 
A 1 13 THR 13 13 13 THR THR A . n 
A 1 14 CYS 14 14 14 CYS CYS A . n 
A 1 15 PRO 15 15 15 PRO PRO A . n 
A 1 16 ASP 16 16 16 ASP ASP A . n 
A 1 17 GLY 17 17 17 GLY GLY A . n 
A 1 18 GLN 18 18 18 GLN GLN A . n 
A 1 19 ASP 19 19 19 ASP ASP A . n 
A 1 20 ILE 20 20 20 ILE ILE A . n 
A 1 21 CYS 21 21 21 CYS CYS A . n 
A 1 22 TYR 22 22 22 TYR TYR A . n 
A 1 23 THR 23 23 23 THR THR A . n 
A 1 24 LYS 24 24 24 LYS LYS A . n 
A 1 25 THR 25 25 25 THR THR A . n 
A 1 26 TRP 26 26 26 TRP TRP A . n 
A 1 27 CYS 27 27 27 CYS CYS A . n 
A 1 28 ASP 28 28 28 ASP ASP A . n 
A 1 29 GLY 29 29 29 GLY GLY A . n 
A 1 30 PHE 30 30 30 PHE PHE A . n 
A 1 31 CYS 31 31 31 CYS CYS A . n 
A 1 32 SER 32 32 32 SER SER A . n 
A 1 33 SER 33 33 33 SER SER A . n 
A 1 34 ARG 34 34 34 ARG ARG A . n 
A 1 35 GLY 35 35 35 GLY GLY A . n 
A 1 36 LYS 36 36 36 LYS LYS A . n 
A 1 37 ARG 37 37 37 ARG ARG A . n 
A 1 38 ILE 38 38 38 ILE ILE A . n 
A 1 39 ASP 39 39 39 ASP ASP A . n 
A 1 40 LEU 40 40 40 LEU LEU A . n 
A 1 41 GLY 41 41 41 GLY GLY A . n 
A 1 42 CYS 42 42 42 CYS CYS A . n 
A 1 43 ALA 43 43 43 ALA ALA A . n 
A 1 44 ALA 44 44 44 ALA ALA A . n 
A 1 45 THR 45 45 45 THR THR A . n 
A 1 46 CYS 46 46 46 CYS CYS A . n 
A 1 47 PRO 47 47 47 PRO PRO A . n 
A 1 48 LYS 48 48 48 LYS LYS A . n 
A 1 49 VAL 49 49 49 VAL VAL A . n 
A 1 50 LYS 50 50 50 LYS LYS A . n 
A 1 51 PRO 51 51 51 PRO PRO A . n 
A 1 52 GLY 52 52 52 GLY GLY A . n 
A 1 53 VAL 53 53 53 VAL VAL A . n 
A 1 54 ASP 54 54 54 ASP ASP A . n 
A 1 55 ILE 55 55 55 ILE ILE A . n 
A 1 56 LYS 56 56 56 LYS LYS A . n 
A 1 57 CYS 57 57 57 CYS CYS A . n 
A 1 58 CYS 58 58 58 CYS CYS A . n 
A 1 59 SER 59 59 59 SER SER A . n 
A 1 60 THR 60 60 60 THR THR A . n 
A 1 61 ASP 61 61 61 ASP ASP A . n 
A 1 62 ASN 62 62 62 ASN ASN A . n 
A 1 63 CYS 63 63 63 CYS CYS A . n 
A 1 64 ASN 64 64 64 ASN ASN A . n 
A 1 65 PRO 65 65 65 PRO PRO A . n 
A 1 66 PHE 66 66 66 PHE PHE A . n 
A 1 67 PRO 67 67 67 PRO PRO A . n 
A 1 68 THR 68 68 68 THR THR A . n 
A 1 69 TRP 69 69 69 TRP TRP A . n 
A 1 70 LYS 70 70 70 LYS LYS A . n 
A 1 71 ARG 71 71 71 ARG ARG A . n 
A 1 72 LYS 72 72 72 LYS LYS A . n 
A 1 73 HIS 73 73 73 HIS HIS A . n 
# 
loop_
_software.name 
_software.classification 
_software.version 
_software.citation_id 
_software.pdbx_ordinal 
X-PLOR 'model building' . ? 1 
X-PLOR refinement       . ? 2 
X-PLOR phasing          . ? 3 
# 
_cell.entry_id           1TXA 
_cell.length_a           1.000 
_cell.length_b           1.000 
_cell.length_c           1.000 
_cell.angle_alpha        90.00 
_cell.angle_beta         90.00 
_cell.angle_gamma        90.00 
_cell.Z_PDB              1 
_cell.pdbx_unique_axis   ? 
# 
_symmetry.entry_id                         1TXA 
_symmetry.space_group_name_H-M             'P 1' 
_symmetry.pdbx_full_space_group_name_H-M   ? 
_symmetry.cell_setting                     ? 
_symmetry.Int_Tables_number                1 
# 
_exptl.entry_id          1TXA 
_exptl.method            'SOLUTION NMR' 
_exptl.crystals_number   ? 
# 
_struct.entry_id                  1TXA 
_struct.title                     
'SOLUTION NMR STRUCTURE OF TOXIN B, A LONG NEUROTOXIN FROM THE VENOM OF THE KING COBRA, MINIMIZED AVERAGE STRUCTURE' 
_struct.pdbx_model_details        ? 
_struct.pdbx_CASP_flag            ? 
_struct.pdbx_model_type_details   ? 
# 
_struct_keywords.entry_id        1TXA 
_struct_keywords.pdbx_keywords   NEUROTOXIN 
_struct_keywords.text            'VENOM, NEUROTOXIN, MULTIGENE FAMILY, TOXIN B' 
# 
_struct_asym.id                            A 
_struct_asym.pdbx_blank_PDB_chainid_flag   Y 
_struct_asym.pdbx_modified                 N 
_struct_asym.entity_id                     1 
_struct_asym.details                       ? 
# 
_struct_ref.id                         1 
_struct_ref.db_name                    UNP 
_struct_ref.db_code                    NXL2_OPHHA 
_struct_ref.entity_id                  1 
_struct_ref.pdbx_db_accession          P01386 
_struct_ref.pdbx_align_begin           1 
_struct_ref.pdbx_seq_one_letter_code   TKCYVTPDATSQTCPDGQDICYTKTWCDGFCSSRGKRIDLGCAATCPKVKPGVDIKCCSTDNCNPFPTWKRKH 
_struct_ref.pdbx_db_isoform            ? 
# 
_struct_ref_seq.align_id                      1 
_struct_ref_seq.ref_id                        1 
_struct_ref_seq.pdbx_PDB_id_code              1TXA 
_struct_ref_seq.pdbx_strand_id                A 
_struct_ref_seq.seq_align_beg                 1 
_struct_ref_seq.pdbx_seq_align_beg_ins_code   ? 
_struct_ref_seq.seq_align_end                 73 
_struct_ref_seq.pdbx_seq_align_end_ins_code   ? 
_struct_ref_seq.pdbx_db_accession             P01386 
_struct_ref_seq.db_align_beg                  1 
_struct_ref_seq.pdbx_db_align_beg_ins_code    ? 
_struct_ref_seq.db_align_end                  73 
_struct_ref_seq.pdbx_db_align_end_ins_code    ? 
_struct_ref_seq.pdbx_auth_seq_align_beg       1 
_struct_ref_seq.pdbx_auth_seq_align_end       73 
# 
_pdbx_struct_assembly.id                   1 
_pdbx_struct_assembly.details              author_defined_assembly 
_pdbx_struct_assembly.method_details       ? 
_pdbx_struct_assembly.oligomeric_details   monomeric 
_pdbx_struct_assembly.oligomeric_count     1 
# 
_pdbx_struct_assembly_gen.assembly_id       1 
_pdbx_struct_assembly_gen.oper_expression   1 
_pdbx_struct_assembly_gen.asym_id_list      A 
# 
_pdbx_struct_oper_list.id                   1 
_pdbx_struct_oper_list.type                 'identity operation' 
_pdbx_struct_oper_list.name                 1_555 
_pdbx_struct_oper_list.symmetry_operation   ? 
_pdbx_struct_oper_list.matrix[1][1]         1.0000000000 
_pdbx_struct_oper_list.matrix[1][2]         0.0000000000 
_pdbx_struct_oper_list.matrix[1][3]         0.0000000000 
_pdbx_struct_oper_list.vector[1]            0.0000000000 
_pdbx_struct_oper_list.matrix[2][1]         0.0000000000 
_pdbx_struct_oper_list.matrix[2][2]         1.0000000000 
_pdbx_struct_oper_list.matrix[2][3]         0.0000000000 
_pdbx_struct_oper_list.vector[2]            0.0000000000 
_pdbx_struct_oper_list.matrix[3][1]         0.0000000000 
_pdbx_struct_oper_list.matrix[3][2]         0.0000000000 
_pdbx_struct_oper_list.matrix[3][3]         1.0000000000 
_pdbx_struct_oper_list.vector[3]            0.0000000000 
# 
_struct_biol.id   1 
# 
_struct_conf.conf_type_id            HELX_P 
_struct_conf.id                      HELX_P1 
_struct_conf.pdbx_PDB_helix_id       1 
_struct_conf.beg_label_comp_id       PHE 
_struct_conf.beg_label_asym_id       A 
_struct_conf.beg_label_seq_id        30 
_struct_conf.pdbx_beg_PDB_ins_code   ? 
_struct_conf.end_label_comp_id       ARG 
_struct_conf.end_label_asym_id       A 
_struct_conf.end_label_seq_id        34 
_struct_conf.pdbx_end_PDB_ins_code   ? 
_struct_conf.beg_auth_comp_id        PHE 
_struct_conf.beg_auth_asym_id        A 
_struct_conf.beg_auth_seq_id         30 
_struct_conf.end_auth_comp_id        ARG 
_struct_conf.end_auth_asym_id        A 
_struct_conf.end_auth_seq_id         34 
_struct_conf.pdbx_PDB_helix_class    1 
_struct_conf.details                 'NASCENT HELIX' 
_struct_conf.pdbx_PDB_helix_length   5 
# 
_struct_conf_type.id          HELX_P 
_struct_conf_type.criteria    ? 
_struct_conf_type.reference   ? 
# 
loop_
_struct_conn.id 
_struct_conn.conn_type_id 
_struct_conn.pdbx_leaving_atom_flag 
_struct_conn.pdbx_PDB_id 
_struct_conn.ptnr1_label_asym_id 
_struct_conn.ptnr1_label_comp_id 
_struct_conn.ptnr1_label_seq_id 
_struct_conn.ptnr1_label_atom_id 
_struct_conn.pdbx_ptnr1_label_alt_id 
_struct_conn.pdbx_ptnr1_PDB_ins_code 
_struct_conn.pdbx_ptnr1_standard_comp_id 
_struct_conn.ptnr1_symmetry 
_struct_conn.ptnr2_label_asym_id 
_struct_conn.ptnr2_label_comp_id 
_struct_conn.ptnr2_label_seq_id 
_struct_conn.ptnr2_label_atom_id 
_struct_conn.pdbx_ptnr2_label_alt_id 
_struct_conn.pdbx_ptnr2_PDB_ins_code 
_struct_conn.ptnr1_auth_asym_id 
_struct_conn.ptnr1_auth_comp_id 
_struct_conn.ptnr1_auth_seq_id 
_struct_conn.ptnr2_auth_asym_id 
_struct_conn.ptnr2_auth_comp_id 
_struct_conn.ptnr2_auth_seq_id 
_struct_conn.ptnr2_symmetry 
_struct_conn.pdbx_ptnr3_label_atom_id 
_struct_conn.pdbx_ptnr3_label_seq_id 
_struct_conn.pdbx_ptnr3_label_comp_id 
_struct_conn.pdbx_ptnr3_label_asym_id 
_struct_conn.pdbx_ptnr3_label_alt_id 
_struct_conn.pdbx_ptnr3_PDB_ins_code 
_struct_conn.details 
_struct_conn.pdbx_dist_value 
_struct_conn.pdbx_value_order 
_struct_conn.pdbx_role 
disulf1 disulf ? ? A CYS 3  SG ? ? ? 1_555 A CYS 21 SG ? ? A CYS 3  A CYS 21 1_555 ? ? ? ? ? ? ? 1.996 ? ? 
disulf2 disulf ? ? A CYS 14 SG ? ? ? 1_555 A CYS 42 SG ? ? A CYS 14 A CYS 42 1_555 ? ? ? ? ? ? ? 2.026 ? ? 
disulf3 disulf ? ? A CYS 27 SG ? ? ? 1_555 A CYS 31 SG ? ? A CYS 27 A CYS 31 1_555 ? ? ? ? ? ? ? 2.035 ? ? 
disulf4 disulf ? ? A CYS 46 SG ? ? ? 1_555 A CYS 57 SG ? ? A CYS 46 A CYS 57 1_555 ? ? ? ? ? ? ? 1.988 ? ? 
disulf5 disulf ? ? A CYS 58 SG ? ? ? 1_555 A CYS 63 SG ? ? A CYS 58 A CYS 63 1_555 ? ? ? ? ? ? ? 1.993 ? ? 
# 
_struct_conn_type.id          disulf 
_struct_conn_type.criteria    ? 
_struct_conn_type.reference   ? 
# 
loop_
_pdbx_modification_feature.ordinal 
_pdbx_modification_feature.label_comp_id 
_pdbx_modification_feature.label_asym_id 
_pdbx_modification_feature.label_seq_id 
_pdbx_modification_feature.label_alt_id 
_pdbx_modification_feature.modified_residue_label_comp_id 
_pdbx_modification_feature.modified_residue_label_asym_id 
_pdbx_modification_feature.modified_residue_label_seq_id 
_pdbx_modification_feature.modified_residue_label_alt_id 
_pdbx_modification_feature.auth_comp_id 
_pdbx_modification_feature.auth_asym_id 
_pdbx_modification_feature.auth_seq_id 
_pdbx_modification_feature.PDB_ins_code 
_pdbx_modification_feature.symmetry 
_pdbx_modification_feature.modified_residue_auth_comp_id 
_pdbx_modification_feature.modified_residue_auth_asym_id 
_pdbx_modification_feature.modified_residue_auth_seq_id 
_pdbx_modification_feature.modified_residue_PDB_ins_code 
_pdbx_modification_feature.modified_residue_symmetry 
_pdbx_modification_feature.comp_id_linking_atom 
_pdbx_modification_feature.modified_residue_id_linking_atom 
_pdbx_modification_feature.modified_residue_id 
_pdbx_modification_feature.ref_pcm_id 
_pdbx_modification_feature.ref_comp_id 
_pdbx_modification_feature.type 
_pdbx_modification_feature.category 
1 CYS A 3  ? CYS A 21 ? CYS A 3  ? 1_555 CYS A 21 ? 1_555 SG SG . . . None 'Disulfide bridge' 
2 CYS A 14 ? CYS A 42 ? CYS A 14 ? 1_555 CYS A 42 ? 1_555 SG SG . . . None 'Disulfide bridge' 
3 CYS A 27 ? CYS A 31 ? CYS A 27 ? 1_555 CYS A 31 ? 1_555 SG SG . . . None 'Disulfide bridge' 
4 CYS A 46 ? CYS A 57 ? CYS A 46 ? 1_555 CYS A 57 ? 1_555 SG SG . . . None 'Disulfide bridge' 
5 CYS A 58 ? CYS A 63 ? CYS A 58 ? 1_555 CYS A 63 ? 1_555 SG SG . . . None 'Disulfide bridge' 
# 
loop_
_struct_sheet.id 
_struct_sheet.type 
_struct_sheet.number_strands 
_struct_sheet.details 
1 ? 2 ? 
2 ? 3 ? 
# 
loop_
_struct_sheet_order.sheet_id 
_struct_sheet_order.range_id_1 
_struct_sheet_order.range_id_2 
_struct_sheet_order.offset 
_struct_sheet_order.sense 
1 1 2 ? anti-parallel 
2 1 2 ? anti-parallel 
2 2 3 ? anti-parallel 
# 
loop_
_struct_sheet_range.sheet_id 
_struct_sheet_range.id 
_struct_sheet_range.beg_label_comp_id 
_struct_sheet_range.beg_label_asym_id 
_struct_sheet_range.beg_label_seq_id 
_struct_sheet_range.pdbx_beg_PDB_ins_code 
_struct_sheet_range.end_label_comp_id 
_struct_sheet_range.end_label_asym_id 
_struct_sheet_range.end_label_seq_id 
_struct_sheet_range.pdbx_end_PDB_ins_code 
_struct_sheet_range.beg_auth_comp_id 
_struct_sheet_range.beg_auth_asym_id 
_struct_sheet_range.beg_auth_seq_id 
_struct_sheet_range.end_auth_comp_id 
_struct_sheet_range.end_auth_asym_id 
_struct_sheet_range.end_auth_seq_id 
1 1 CYS A 3  ? TYR A 4  ? CYS A 3  TYR A 4  
1 2 GLN A 12 ? THR A 13 ? GLN A 12 THR A 13 
2 1 ILE A 38 ? ALA A 44 ? ILE A 38 ALA A 44 
2 2 ILE A 20 ? THR A 25 ? ILE A 20 THR A 25 
2 3 ASP A 54 ? SER A 59 ? ASP A 54 SER A 59 
# 
_pdbx_entry_details.entry_id                   1TXA 
_pdbx_entry_details.compound_details           ? 
_pdbx_entry_details.source_details             ? 
_pdbx_entry_details.nonpolymer_details         ? 
_pdbx_entry_details.sequence_details           ? 
_pdbx_entry_details.has_ligand_of_interest     ? 
_pdbx_entry_details.has_protein_modification   Y 
# 
loop_
_pdbx_validate_rmsd_bond.id 
_pdbx_validate_rmsd_bond.PDB_model_num 
_pdbx_validate_rmsd_bond.auth_atom_id_1 
_pdbx_validate_rmsd_bond.auth_asym_id_1 
_pdbx_validate_rmsd_bond.auth_comp_id_1 
_pdbx_validate_rmsd_bond.auth_seq_id_1 
_pdbx_validate_rmsd_bond.PDB_ins_code_1 
_pdbx_validate_rmsd_bond.label_alt_id_1 
_pdbx_validate_rmsd_bond.auth_atom_id_2 
_pdbx_validate_rmsd_bond.auth_asym_id_2 
_pdbx_validate_rmsd_bond.auth_comp_id_2 
_pdbx_validate_rmsd_bond.auth_seq_id_2 
_pdbx_validate_rmsd_bond.PDB_ins_code_2 
_pdbx_validate_rmsd_bond.label_alt_id_2 
_pdbx_validate_rmsd_bond.bond_value 
_pdbx_validate_rmsd_bond.bond_target_value 
_pdbx_validate_rmsd_bond.bond_deviation 
_pdbx_validate_rmsd_bond.bond_standard_deviation 
_pdbx_validate_rmsd_bond.linker_flag 
1 1 C A HIS 73 ? ? O   A HIS 73 ? ? 3.511 1.229 2.282 0.019 N 
2 1 C A HIS 73 ? ? OXT A HIS 73 ? ? 2.575 1.229 1.346 0.019 N 
# 
loop_
_pdbx_validate_rmsd_angle.id 
_pdbx_validate_rmsd_angle.PDB_model_num 
_pdbx_validate_rmsd_angle.auth_atom_id_1 
_pdbx_validate_rmsd_angle.auth_asym_id_1 
_pdbx_validate_rmsd_angle.auth_comp_id_1 
_pdbx_validate_rmsd_angle.auth_seq_id_1 
_pdbx_validate_rmsd_angle.PDB_ins_code_1 
_pdbx_validate_rmsd_angle.label_alt_id_1 
_pdbx_validate_rmsd_angle.auth_atom_id_2 
_pdbx_validate_rmsd_angle.auth_asym_id_2 
_pdbx_validate_rmsd_angle.auth_comp_id_2 
_pdbx_validate_rmsd_angle.auth_seq_id_2 
_pdbx_validate_rmsd_angle.PDB_ins_code_2 
_pdbx_validate_rmsd_angle.label_alt_id_2 
_pdbx_validate_rmsd_angle.auth_atom_id_3 
_pdbx_validate_rmsd_angle.auth_asym_id_3 
_pdbx_validate_rmsd_angle.auth_comp_id_3 
_pdbx_validate_rmsd_angle.auth_seq_id_3 
_pdbx_validate_rmsd_angle.PDB_ins_code_3 
_pdbx_validate_rmsd_angle.label_alt_id_3 
_pdbx_validate_rmsd_angle.angle_value 
_pdbx_validate_rmsd_angle.angle_target_value 
_pdbx_validate_rmsd_angle.angle_deviation 
_pdbx_validate_rmsd_angle.angle_standard_deviation 
_pdbx_validate_rmsd_angle.linker_flag 
1  1 CB  A TYR 4  ? ? CA  A TYR 4  ? ? C   A TYR 4  ? ? 94.83  110.40 -15.57 2.00 N 
2  1 CA  A TYR 4  ? ? CB  A TYR 4  ? ? CG  A TYR 4  ? ? 129.76 113.40 16.36  1.90 N 
3  1 CB  A TYR 4  ? ? CG  A TYR 4  ? ? CD2 A TYR 4  ? ? 108.83 121.00 -12.17 0.60 N 
4  1 CB  A TYR 4  ? ? CG  A TYR 4  ? ? CD1 A TYR 4  ? ? 127.54 121.00 6.54   0.60 N 
5  1 CG  A TYR 4  ? ? CD1 A TYR 4  ? ? CE1 A TYR 4  ? ? 115.20 121.30 -6.10  0.80 N 
6  1 CA  A ASP 8  ? ? C   A ASP 8  ? ? N   A ALA 9  ? ? 103.54 117.20 -13.66 2.20 Y 
7  1 N   A ALA 9  ? ? CA  A ALA 9  ? ? CB  A ALA 9  ? ? 101.21 110.10 -8.89  1.40 N 
8  1 N   A SER 11 ? ? CA  A SER 11 ? ? CB  A SER 11 ? ? 100.64 110.50 -9.86  1.50 N 
9  1 CA  A GLY 17 ? ? C   A GLY 17 ? ? N   A GLN 18 ? ? 99.41  117.20 -17.79 2.20 Y 
10 1 CB  A GLN 18 ? ? CG  A GLN 18 ? ? CD  A GLN 18 ? ? 128.15 111.60 16.55  2.60 N 
11 1 CA  A THR 25 ? ? CB  A THR 25 ? ? CG2 A THR 25 ? ? 96.47  112.40 -15.93 1.40 N 
12 1 CA  A CYS 27 ? ? CB  A CYS 27 ? ? SG  A CYS 27 ? ? 127.01 114.20 12.81  1.10 N 
13 1 NH1 A ARG 34 ? ? CZ  A ARG 34 ? ? NH2 A ARG 34 ? ? 126.17 119.40 6.77   1.10 N 
14 1 NE  A ARG 34 ? ? CZ  A ARG 34 ? ? NH2 A ARG 34 ? ? 114.38 120.30 -5.92  0.50 N 
15 1 N   A LYS 36 ? ? CA  A LYS 36 ? ? CB  A LYS 36 ? ? 99.54  110.60 -11.06 1.80 N 
16 1 CB  A ARG 37 ? ? CA  A ARG 37 ? ? C   A ARG 37 ? ? 122.97 110.40 12.57  2.00 N 
17 1 NE  A ARG 37 ? ? CZ  A ARG 37 ? ? NH2 A ARG 37 ? ? 112.95 120.30 -7.35  0.50 N 
18 1 CB  A ILE 38 ? ? CG1 A ILE 38 ? ? CD1 A ILE 38 ? ? 130.74 113.90 16.84  2.80 N 
19 1 CB  A ALA 43 ? ? CA  A ALA 43 ? ? C   A ALA 43 ? ? 99.39  110.10 -10.71 1.50 N 
20 1 N   A ALA 43 ? ? CA  A ALA 43 ? ? CB  A ALA 43 ? ? 101.40 110.10 -8.70  1.40 N 
21 1 CA  A ALA 43 ? ? C   A ALA 43 ? ? N   A ALA 44 ? ? 101.58 117.20 -15.62 2.20 Y 
22 1 OG1 A THR 45 ? ? CB  A THR 45 ? ? CG2 A THR 45 ? ? 93.13  110.00 -16.87 2.30 N 
23 1 CA  A THR 45 ? ? CB  A THR 45 ? ? OG1 A THR 45 ? ? 127.51 109.00 18.51  2.10 N 
24 1 N   A LYS 50 ? ? CA  A LYS 50 ? ? CB  A LYS 50 ? ? 123.09 110.60 12.49  1.80 N 
25 1 CD  A LYS 50 ? ? CE  A LYS 50 ? ? NZ  A LYS 50 ? ? 86.21  111.70 -25.49 2.30 N 
26 1 CA  A CYS 63 ? ? C   A CYS 63 ? ? N   A ASN 64 ? ? 102.21 117.20 -14.99 2.20 Y 
27 1 C   A CYS 63 ? ? N   A ASN 64 ? ? CA  A ASN 64 ? ? 140.29 121.70 18.59  2.50 Y 
28 1 N   A ASN 64 ? ? CA  A ASN 64 ? ? CB  A ASN 64 ? ? 95.39  110.60 -15.21 1.80 N 
29 1 N   A ASN 64 ? ? CA  A ASN 64 ? ? C   A ASN 64 ? ? 134.77 111.00 23.77  2.70 N 
30 1 C   A PRO 65 ? ? N   A PHE 66 ? ? CA  A PHE 66 ? ? 137.26 121.70 15.56  2.50 Y 
31 1 N   A PHE 66 ? ? CA  A PHE 66 ? ? CB  A PHE 66 ? ? 143.04 110.60 32.44  1.80 N 
32 1 CB  A PHE 66 ? ? CG  A PHE 66 ? ? CD1 A PHE 66 ? ? 114.58 120.80 -6.22  0.70 N 
33 1 N   A THR 68 ? ? CA  A THR 68 ? ? CB  A THR 68 ? ? 124.26 110.30 13.96  1.90 N 
34 1 CA  A THR 68 ? ? C   A THR 68 ? ? N   A TRP 69 ? ? 98.96  117.20 -18.24 2.20 Y 
35 1 C   A THR 68 ? ? N   A TRP 69 ? ? CA  A TRP 69 ? ? 106.05 121.70 -15.65 2.50 Y 
36 1 CA  A TRP 69 ? ? CB  A TRP 69 ? ? CG  A TRP 69 ? ? 97.01  113.70 -16.69 1.90 N 
37 1 NE1 A TRP 69 ? ? CE2 A TRP 69 ? ? CZ2 A TRP 69 ? ? 137.57 130.40 7.17   1.10 N 
38 1 N   A LYS 70 ? ? CA  A LYS 70 ? ? CB  A LYS 70 ? ? 96.85  110.60 -13.75 1.80 N 
39 1 CB  A ARG 71 ? ? CA  A ARG 71 ? ? C   A ARG 71 ? ? 95.91  110.40 -14.49 2.00 N 
40 1 N   A ARG 71 ? ? CA  A ARG 71 ? ? CB  A ARG 71 ? ? 98.68  110.60 -11.92 1.80 N 
41 1 CA  A ARG 71 ? ? CB  A ARG 71 ? ? CG  A ARG 71 ? ? 99.25  113.40 -14.15 2.20 N 
42 1 NE  A ARG 71 ? ? CZ  A ARG 71 ? ? NH2 A ARG 71 ? ? 114.33 120.30 -5.97  0.50 N 
43 1 CD  A LYS 72 ? ? CE  A LYS 72 ? ? NZ  A LYS 72 ? ? 97.88  111.70 -13.82 2.30 N 
44 1 CA  A LYS 72 ? ? C   A LYS 72 ? ? N   A HIS 73 ? ? 100.59 117.20 -16.61 2.20 Y 
45 1 CA  A HIS 73 ? ? CB  A HIS 73 ? ? CG  A HIS 73 ? ? 103.28 113.60 -10.32 1.70 N 
46 1 CE1 A HIS 73 ? ? NE2 A HIS 73 ? ? CD2 A HIS 73 ? ? 113.32 109.00 4.32   0.70 N 
47 1 CA  A HIS 73 ? ? C   A HIS 73 ? ? O   A HIS 73 ? ? 84.07  120.10 -36.03 2.10 N 
# 
loop_
_pdbx_validate_torsion.id 
_pdbx_validate_torsion.PDB_model_num 
_pdbx_validate_torsion.auth_comp_id 
_pdbx_validate_torsion.auth_asym_id 
_pdbx_validate_torsion.auth_seq_id 
_pdbx_validate_torsion.PDB_ins_code 
_pdbx_validate_torsion.label_alt_id 
_pdbx_validate_torsion.phi 
_pdbx_validate_torsion.psi 
1  1 LYS A 2  ? ? -152.31 -154.65 
2  1 CYS A 3  ? ? -107.95 -119.72 
3  1 TYR A 4  ? ? 123.80  -161.70 
4  1 THR A 6  ? ? -30.20  105.95  
5  1 ASP A 8  ? ? -162.66 -53.08  
6  1 ALA A 9  ? ? -115.05 -159.07 
7  1 CYS A 14 ? ? 65.59   84.62   
8  1 ASP A 16 ? ? 24.78   -77.76  
9  1 GLN A 18 ? ? -177.64 -0.98   
10 1 ASP A 19 ? ? -133.17 -122.67 
11 1 THR A 25 ? ? -142.87 -131.52 
12 1 TRP A 26 ? ? -136.33 -87.04  
13 1 SER A 32 ? ? -147.81 35.27   
14 1 SER A 33 ? ? -76.18  29.54   
15 1 ARG A 34 ? ? -151.22 6.90    
16 1 LYS A 36 ? ? -174.41 -149.30 
17 1 ARG A 37 ? ? 160.30  -30.30  
18 1 ALA A 43 ? ? -30.92  177.96  
19 1 ALA A 44 ? ? -177.90 29.43   
20 1 THR A 45 ? ? 117.76  125.30  
21 1 PRO A 47 ? ? -85.44  -145.30 
22 1 LYS A 48 ? ? -150.75 62.97   
23 1 PRO A 51 ? ? -77.65  -97.66  
24 1 THR A 60 ? ? 124.92  -139.42 
25 1 ASP A 61 ? ? -129.51 -91.84  
26 1 CYS A 63 ? ? 43.58   -106.90 
27 1 ASN A 64 ? ? -4.78   106.26  
28 1 PHE A 66 ? ? -59.70  72.68   
29 1 THR A 68 ? ? 28.76   142.17  
30 1 TRP A 69 ? ? -131.58 -61.86  
31 1 LYS A 70 ? ? -150.83 -12.60  
32 1 ARG A 71 ? ? 171.45  1.68    
33 1 LYS A 72 ? ? 69.11   75.07   
# 
loop_
_pdbx_validate_peptide_omega.id 
_pdbx_validate_peptide_omega.PDB_model_num 
_pdbx_validate_peptide_omega.auth_comp_id_1 
_pdbx_validate_peptide_omega.auth_asym_id_1 
_pdbx_validate_peptide_omega.auth_seq_id_1 
_pdbx_validate_peptide_omega.PDB_ins_code_1 
_pdbx_validate_peptide_omega.label_alt_id_1 
_pdbx_validate_peptide_omega.auth_comp_id_2 
_pdbx_validate_peptide_omega.auth_asym_id_2 
_pdbx_validate_peptide_omega.auth_seq_id_2 
_pdbx_validate_peptide_omega.PDB_ins_code_2 
_pdbx_validate_peptide_omega.label_alt_id_2 
_pdbx_validate_peptide_omega.omega 
1 1 VAL A 5  ? ? THR A 6  ? ? -146.52 
2 1 GLY A 17 ? ? GLN A 18 ? ? -90.07  
3 1 GLN A 18 ? ? ASP A 19 ? ? -130.58 
4 1 GLY A 35 ? ? LYS A 36 ? ? -118.94 
5 1 ARG A 37 ? ? ILE A 38 ? ? -110.80 
6 1 PRO A 65 ? ? PHE A 66 ? ? -122.78 
7 1 THR A 68 ? ? TRP A 69 ? ? -135.11 
8 1 ARG A 71 ? ? LYS A 72 ? ? -139.63 
9 1 LYS A 72 ? ? HIS A 73 ? ? 88.40   
# 
loop_
_pdbx_validate_chiral.id 
_pdbx_validate_chiral.PDB_model_num 
_pdbx_validate_chiral.auth_atom_id 
_pdbx_validate_chiral.label_alt_id 
_pdbx_validate_chiral.auth_asym_id 
_pdbx_validate_chiral.auth_comp_id 
_pdbx_validate_chiral.auth_seq_id 
_pdbx_validate_chiral.PDB_ins_code 
_pdbx_validate_chiral.details 
_pdbx_validate_chiral.omega 
1 1 CA ? A ASN 64 ? 'WRONG HAND' . 
2 1 CA ? A PHE 66 ? 'WRONG HAND' . 
# 
loop_
_pdbx_validate_planes.id 
_pdbx_validate_planes.PDB_model_num 
_pdbx_validate_planes.auth_comp_id 
_pdbx_validate_planes.auth_asym_id 
_pdbx_validate_planes.auth_seq_id 
_pdbx_validate_planes.PDB_ins_code 
_pdbx_validate_planes.label_alt_id 
_pdbx_validate_planes.rmsd 
_pdbx_validate_planes.type 
1 1 TYR A 4  ? ? 0.220 'SIDE CHAIN' 
2 1 ARG A 34 ? ? 0.143 'SIDE CHAIN' 
3 1 ARG A 37 ? ? 0.172 'SIDE CHAIN' 
# 
_pdbx_validate_main_chain_plane.id                       1 
_pdbx_validate_main_chain_plane.PDB_model_num            1 
_pdbx_validate_main_chain_plane.auth_comp_id             GLY 
_pdbx_validate_main_chain_plane.auth_asym_id             A 
_pdbx_validate_main_chain_plane.auth_seq_id              17 
_pdbx_validate_main_chain_plane.PDB_ins_code             ? 
_pdbx_validate_main_chain_plane.label_alt_id             ? 
_pdbx_validate_main_chain_plane.improper_torsion_angle   10.45 
# 
_pdbx_nmr_ensemble.entry_id                             1TXA 
_pdbx_nmr_ensemble.conformers_calculated_total_number   ? 
_pdbx_nmr_ensemble.conformers_submitted_total_number    1 
_pdbx_nmr_ensemble.conformer_selection_criteria         ? 
# 
_pdbx_nmr_software.classification   refinement 
_pdbx_nmr_software.name             X-PLOR 
_pdbx_nmr_software.version          ? 
_pdbx_nmr_software.authors          BRUNGER 
_pdbx_nmr_software.ordinal          1 
# 
loop_
_chem_comp_atom.comp_id 
_chem_comp_atom.atom_id 
_chem_comp_atom.type_symbol 
_chem_comp_atom.pdbx_aromatic_flag 
_chem_comp_atom.pdbx_stereo_config 
_chem_comp_atom.pdbx_ordinal 
ALA N    N N N 1   
ALA CA   C N S 2   
ALA C    C N N 3   
ALA O    O N N 4   
ALA CB   C N N 5   
ALA OXT  O N N 6   
ALA H    H N N 7   
ALA H2   H N N 8   
ALA HA   H N N 9   
ALA HB1  H N N 10  
ALA HB2  H N N 11  
ALA HB3  H N N 12  
ALA HXT  H N N 13  
ARG N    N N N 14  
ARG CA   C N S 15  
ARG C    C N N 16  
ARG O    O N N 17  
ARG CB   C N N 18  
ARG CG   C N N 19  
ARG CD   C N N 20  
ARG NE   N N N 21  
ARG CZ   C N N 22  
ARG NH1  N N N 23  
ARG NH2  N N N 24  
ARG OXT  O N N 25  
ARG H    H N N 26  
ARG H2   H N N 27  
ARG HA   H N N 28  
ARG HB2  H N N 29  
ARG HB3  H N N 30  
ARG HG2  H N N 31  
ARG HG3  H N N 32  
ARG HD2  H N N 33  
ARG HD3  H N N 34  
ARG HE   H N N 35  
ARG HH11 H N N 36  
ARG HH12 H N N 37  
ARG HH21 H N N 38  
ARG HH22 H N N 39  
ARG HXT  H N N 40  
ASN N    N N N 41  
ASN CA   C N S 42  
ASN C    C N N 43  
ASN O    O N N 44  
ASN CB   C N N 45  
ASN CG   C N N 46  
ASN OD1  O N N 47  
ASN ND2  N N N 48  
ASN OXT  O N N 49  
ASN H    H N N 50  
ASN H2   H N N 51  
ASN HA   H N N 52  
ASN HB2  H N N 53  
ASN HB3  H N N 54  
ASN HD21 H N N 55  
ASN HD22 H N N 56  
ASN HXT  H N N 57  
ASP N    N N N 58  
ASP CA   C N S 59  
ASP C    C N N 60  
ASP O    O N N 61  
ASP CB   C N N 62  
ASP CG   C N N 63  
ASP OD1  O N N 64  
ASP OD2  O N N 65  
ASP OXT  O N N 66  
ASP H    H N N 67  
ASP H2   H N N 68  
ASP HA   H N N 69  
ASP HB2  H N N 70  
ASP HB3  H N N 71  
ASP HD2  H N N 72  
ASP HXT  H N N 73  
CYS N    N N N 74  
CYS CA   C N R 75  
CYS C    C N N 76  
CYS O    O N N 77  
CYS CB   C N N 78  
CYS SG   S N N 79  
CYS OXT  O N N 80  
CYS H    H N N 81  
CYS H2   H N N 82  
CYS HA   H N N 83  
CYS HB2  H N N 84  
CYS HB3  H N N 85  
CYS HG   H N N 86  
CYS HXT  H N N 87  
GLN N    N N N 88  
GLN CA   C N S 89  
GLN C    C N N 90  
GLN O    O N N 91  
GLN CB   C N N 92  
GLN CG   C N N 93  
GLN CD   C N N 94  
GLN OE1  O N N 95  
GLN NE2  N N N 96  
GLN OXT  O N N 97  
GLN H    H N N 98  
GLN H2   H N N 99  
GLN HA   H N N 100 
GLN HB2  H N N 101 
GLN HB3  H N N 102 
GLN HG2  H N N 103 
GLN HG3  H N N 104 
GLN HE21 H N N 105 
GLN HE22 H N N 106 
GLN HXT  H N N 107 
GLY N    N N N 108 
GLY CA   C N N 109 
GLY C    C N N 110 
GLY O    O N N 111 
GLY OXT  O N N 112 
GLY H    H N N 113 
GLY H2   H N N 114 
GLY HA2  H N N 115 
GLY HA3  H N N 116 
GLY HXT  H N N 117 
HIS N    N N N 118 
HIS CA   C N S 119 
HIS C    C N N 120 
HIS O    O N N 121 
HIS CB   C N N 122 
HIS CG   C Y N 123 
HIS ND1  N Y N 124 
HIS CD2  C Y N 125 
HIS CE1  C Y N 126 
HIS NE2  N Y N 127 
HIS OXT  O N N 128 
HIS H    H N N 129 
HIS H2   H N N 130 
HIS HA   H N N 131 
HIS HB2  H N N 132 
HIS HB3  H N N 133 
HIS HD1  H N N 134 
HIS HD2  H N N 135 
HIS HE1  H N N 136 
HIS HE2  H N N 137 
HIS HXT  H N N 138 
ILE N    N N N 139 
ILE CA   C N S 140 
ILE C    C N N 141 
ILE O    O N N 142 
ILE CB   C N S 143 
ILE CG1  C N N 144 
ILE CG2  C N N 145 
ILE CD1  C N N 146 
ILE OXT  O N N 147 
ILE H    H N N 148 
ILE H2   H N N 149 
ILE HA   H N N 150 
ILE HB   H N N 151 
ILE HG12 H N N 152 
ILE HG13 H N N 153 
ILE HG21 H N N 154 
ILE HG22 H N N 155 
ILE HG23 H N N 156 
ILE HD11 H N N 157 
ILE HD12 H N N 158 
ILE HD13 H N N 159 
ILE HXT  H N N 160 
LEU N    N N N 161 
LEU CA   C N S 162 
LEU C    C N N 163 
LEU O    O N N 164 
LEU CB   C N N 165 
LEU CG   C N N 166 
LEU CD1  C N N 167 
LEU CD2  C N N 168 
LEU OXT  O N N 169 
LEU H    H N N 170 
LEU H2   H N N 171 
LEU HA   H N N 172 
LEU HB2  H N N 173 
LEU HB3  H N N 174 
LEU HG   H N N 175 
LEU HD11 H N N 176 
LEU HD12 H N N 177 
LEU HD13 H N N 178 
LEU HD21 H N N 179 
LEU HD22 H N N 180 
LEU HD23 H N N 181 
LEU HXT  H N N 182 
LYS N    N N N 183 
LYS CA   C N S 184 
LYS C    C N N 185 
LYS O    O N N 186 
LYS CB   C N N 187 
LYS CG   C N N 188 
LYS CD   C N N 189 
LYS CE   C N N 190 
LYS NZ   N N N 191 
LYS OXT  O N N 192 
LYS H    H N N 193 
LYS H2   H N N 194 
LYS HA   H N N 195 
LYS HB2  H N N 196 
LYS HB3  H N N 197 
LYS HG2  H N N 198 
LYS HG3  H N N 199 
LYS HD2  H N N 200 
LYS HD3  H N N 201 
LYS HE2  H N N 202 
LYS HE3  H N N 203 
LYS HZ1  H N N 204 
LYS HZ2  H N N 205 
LYS HZ3  H N N 206 
LYS HXT  H N N 207 
PHE N    N N N 208 
PHE CA   C N S 209 
PHE C    C N N 210 
PHE O    O N N 211 
PHE CB   C N N 212 
PHE CG   C Y N 213 
PHE CD1  C Y N 214 
PHE CD2  C Y N 215 
PHE CE1  C Y N 216 
PHE CE2  C Y N 217 
PHE CZ   C Y N 218 
PHE OXT  O N N 219 
PHE H    H N N 220 
PHE H2   H N N 221 
PHE HA   H N N 222 
PHE HB2  H N N 223 
PHE HB3  H N N 224 
PHE HD1  H N N 225 
PHE HD2  H N N 226 
PHE HE1  H N N 227 
PHE HE2  H N N 228 
PHE HZ   H N N 229 
PHE HXT  H N N 230 
PRO N    N N N 231 
PRO CA   C N S 232 
PRO C    C N N 233 
PRO O    O N N 234 
PRO CB   C N N 235 
PRO CG   C N N 236 
PRO CD   C N N 237 
PRO OXT  O N N 238 
PRO H    H N N 239 
PRO HA   H N N 240 
PRO HB2  H N N 241 
PRO HB3  H N N 242 
PRO HG2  H N N 243 
PRO HG3  H N N 244 
PRO HD2  H N N 245 
PRO HD3  H N N 246 
PRO HXT  H N N 247 
SER N    N N N 248 
SER CA   C N S 249 
SER C    C N N 250 
SER O    O N N 251 
SER CB   C N N 252 
SER OG   O N N 253 
SER OXT  O N N 254 
SER H    H N N 255 
SER H2   H N N 256 
SER HA   H N N 257 
SER HB2  H N N 258 
SER HB3  H N N 259 
SER HG   H N N 260 
SER HXT  H N N 261 
THR N    N N N 262 
THR CA   C N S 263 
THR C    C N N 264 
THR O    O N N 265 
THR CB   C N R 266 
THR OG1  O N N 267 
THR CG2  C N N 268 
THR OXT  O N N 269 
THR H    H N N 270 
THR H2   H N N 271 
THR HA   H N N 272 
THR HB   H N N 273 
THR HG1  H N N 274 
THR HG21 H N N 275 
THR HG22 H N N 276 
THR HG23 H N N 277 
THR HXT  H N N 278 
TRP N    N N N 279 
TRP CA   C N S 280 
TRP C    C N N 281 
TRP O    O N N 282 
TRP CB   C N N 283 
TRP CG   C Y N 284 
TRP CD1  C Y N 285 
TRP CD2  C Y N 286 
TRP NE1  N Y N 287 
TRP CE2  C Y N 288 
TRP CE3  C Y N 289 
TRP CZ2  C Y N 290 
TRP CZ3  C Y N 291 
TRP CH2  C Y N 292 
TRP OXT  O N N 293 
TRP H    H N N 294 
TRP H2   H N N 295 
TRP HA   H N N 296 
TRP HB2  H N N 297 
TRP HB3  H N N 298 
TRP HD1  H N N 299 
TRP HE1  H N N 300 
TRP HE3  H N N 301 
TRP HZ2  H N N 302 
TRP HZ3  H N N 303 
TRP HH2  H N N 304 
TRP HXT  H N N 305 
TYR N    N N N 306 
TYR CA   C N S 307 
TYR C    C N N 308 
TYR O    O N N 309 
TYR CB   C N N 310 
TYR CG   C Y N 311 
TYR CD1  C Y N 312 
TYR CD2  C Y N 313 
TYR CE1  C Y N 314 
TYR CE2  C Y N 315 
TYR CZ   C Y N 316 
TYR OH   O N N 317 
TYR OXT  O N N 318 
TYR H    H N N 319 
TYR H2   H N N 320 
TYR HA   H N N 321 
TYR HB2  H N N 322 
TYR HB3  H N N 323 
TYR HD1  H N N 324 
TYR HD2  H N N 325 
TYR HE1  H N N 326 
TYR HE2  H N N 327 
TYR HH   H N N 328 
TYR HXT  H N N 329 
VAL N    N N N 330 
VAL CA   C N S 331 
VAL C    C N N 332 
VAL O    O N N 333 
VAL CB   C N N 334 
VAL CG1  C N N 335 
VAL CG2  C N N 336 
VAL OXT  O N N 337 
VAL H    H N N 338 
VAL H2   H N N 339 
VAL HA   H N N 340 
VAL HB   H N N 341 
VAL HG11 H N N 342 
VAL HG12 H N N 343 
VAL HG13 H N N 344 
VAL HG21 H N N 345 
VAL HG22 H N N 346 
VAL HG23 H N N 347 
VAL HXT  H N N 348 
# 
loop_
_chem_comp_bond.comp_id 
_chem_comp_bond.atom_id_1 
_chem_comp_bond.atom_id_2 
_chem_comp_bond.value_order 
_chem_comp_bond.pdbx_aromatic_flag 
_chem_comp_bond.pdbx_stereo_config 
_chem_comp_bond.pdbx_ordinal 
ALA N   CA   sing N N 1   
ALA N   H    sing N N 2   
ALA N   H2   sing N N 3   
ALA CA  C    sing N N 4   
ALA CA  CB   sing N N 5   
ALA CA  HA   sing N N 6   
ALA C   O    doub N N 7   
ALA C   OXT  sing N N 8   
ALA CB  HB1  sing N N 9   
ALA CB  HB2  sing N N 10  
ALA CB  HB3  sing N N 11  
ALA OXT HXT  sing N N 12  
ARG N   CA   sing N N 13  
ARG N   H    sing N N 14  
ARG N   H2   sing N N 15  
ARG CA  C    sing N N 16  
ARG CA  CB   sing N N 17  
ARG CA  HA   sing N N 18  
ARG C   O    doub N N 19  
ARG C   OXT  sing N N 20  
ARG CB  CG   sing N N 21  
ARG CB  HB2  sing N N 22  
ARG CB  HB3  sing N N 23  
ARG CG  CD   sing N N 24  
ARG CG  HG2  sing N N 25  
ARG CG  HG3  sing N N 26  
ARG CD  NE   sing N N 27  
ARG CD  HD2  sing N N 28  
ARG CD  HD3  sing N N 29  
ARG NE  CZ   sing N N 30  
ARG NE  HE   sing N N 31  
ARG CZ  NH1  sing N N 32  
ARG CZ  NH2  doub N N 33  
ARG NH1 HH11 sing N N 34  
ARG NH1 HH12 sing N N 35  
ARG NH2 HH21 sing N N 36  
ARG NH2 HH22 sing N N 37  
ARG OXT HXT  sing N N 38  
ASN N   CA   sing N N 39  
ASN N   H    sing N N 40  
ASN N   H2   sing N N 41  
ASN CA  C    sing N N 42  
ASN CA  CB   sing N N 43  
ASN CA  HA   sing N N 44  
ASN C   O    doub N N 45  
ASN C   OXT  sing N N 46  
ASN CB  CG   sing N N 47  
ASN CB  HB2  sing N N 48  
ASN CB  HB3  sing N N 49  
ASN CG  OD1  doub N N 50  
ASN CG  ND2  sing N N 51  
ASN ND2 HD21 sing N N 52  
ASN ND2 HD22 sing N N 53  
ASN OXT HXT  sing N N 54  
ASP N   CA   sing N N 55  
ASP N   H    sing N N 56  
ASP N   H2   sing N N 57  
ASP CA  C    sing N N 58  
ASP CA  CB   sing N N 59  
ASP CA  HA   sing N N 60  
ASP C   O    doub N N 61  
ASP C   OXT  sing N N 62  
ASP CB  CG   sing N N 63  
ASP CB  HB2  sing N N 64  
ASP CB  HB3  sing N N 65  
ASP CG  OD1  doub N N 66  
ASP CG  OD2  sing N N 67  
ASP OD2 HD2  sing N N 68  
ASP OXT HXT  sing N N 69  
CYS N   CA   sing N N 70  
CYS N   H    sing N N 71  
CYS N   H2   sing N N 72  
CYS CA  C    sing N N 73  
CYS CA  CB   sing N N 74  
CYS CA  HA   sing N N 75  
CYS C   O    doub N N 76  
CYS C   OXT  sing N N 77  
CYS CB  SG   sing N N 78  
CYS CB  HB2  sing N N 79  
CYS CB  HB3  sing N N 80  
CYS SG  HG   sing N N 81  
CYS OXT HXT  sing N N 82  
GLN N   CA   sing N N 83  
GLN N   H    sing N N 84  
GLN N   H2   sing N N 85  
GLN CA  C    sing N N 86  
GLN CA  CB   sing N N 87  
GLN CA  HA   sing N N 88  
GLN C   O    doub N N 89  
GLN C   OXT  sing N N 90  
GLN CB  CG   sing N N 91  
GLN CB  HB2  sing N N 92  
GLN CB  HB3  sing N N 93  
GLN CG  CD   sing N N 94  
GLN CG  HG2  sing N N 95  
GLN CG  HG3  sing N N 96  
GLN CD  OE1  doub N N 97  
GLN CD  NE2  sing N N 98  
GLN NE2 HE21 sing N N 99  
GLN NE2 HE22 sing N N 100 
GLN OXT HXT  sing N N 101 
GLY N   CA   sing N N 102 
GLY N   H    sing N N 103 
GLY N   H2   sing N N 104 
GLY CA  C    sing N N 105 
GLY CA  HA2  sing N N 106 
GLY CA  HA3  sing N N 107 
GLY C   O    doub N N 108 
GLY C   OXT  sing N N 109 
GLY OXT HXT  sing N N 110 
HIS N   CA   sing N N 111 
HIS N   H    sing N N 112 
HIS N   H2   sing N N 113 
HIS CA  C    sing N N 114 
HIS CA  CB   sing N N 115 
HIS CA  HA   sing N N 116 
HIS C   O    doub N N 117 
HIS C   OXT  sing N N 118 
HIS CB  CG   sing N N 119 
HIS CB  HB2  sing N N 120 
HIS CB  HB3  sing N N 121 
HIS CG  ND1  sing Y N 122 
HIS CG  CD2  doub Y N 123 
HIS ND1 CE1  doub Y N 124 
HIS ND1 HD1  sing N N 125 
HIS CD2 NE2  sing Y N 126 
HIS CD2 HD2  sing N N 127 
HIS CE1 NE2  sing Y N 128 
HIS CE1 HE1  sing N N 129 
HIS NE2 HE2  sing N N 130 
HIS OXT HXT  sing N N 131 
ILE N   CA   sing N N 132 
ILE N   H    sing N N 133 
ILE N   H2   sing N N 134 
ILE CA  C    sing N N 135 
ILE CA  CB   sing N N 136 
ILE CA  HA   sing N N 137 
ILE C   O    doub N N 138 
ILE C   OXT  sing N N 139 
ILE CB  CG1  sing N N 140 
ILE CB  CG2  sing N N 141 
ILE CB  HB   sing N N 142 
ILE CG1 CD1  sing N N 143 
ILE CG1 HG12 sing N N 144 
ILE CG1 HG13 sing N N 145 
ILE CG2 HG21 sing N N 146 
ILE CG2 HG22 sing N N 147 
ILE CG2 HG23 sing N N 148 
ILE CD1 HD11 sing N N 149 
ILE CD1 HD12 sing N N 150 
ILE CD1 HD13 sing N N 151 
ILE OXT HXT  sing N N 152 
LEU N   CA   sing N N 153 
LEU N   H    sing N N 154 
LEU N   H2   sing N N 155 
LEU CA  C    sing N N 156 
LEU CA  CB   sing N N 157 
LEU CA  HA   sing N N 158 
LEU C   O    doub N N 159 
LEU C   OXT  sing N N 160 
LEU CB  CG   sing N N 161 
LEU CB  HB2  sing N N 162 
LEU CB  HB3  sing N N 163 
LEU CG  CD1  sing N N 164 
LEU CG  CD2  sing N N 165 
LEU CG  HG   sing N N 166 
LEU CD1 HD11 sing N N 167 
LEU CD1 HD12 sing N N 168 
LEU CD1 HD13 sing N N 169 
LEU CD2 HD21 sing N N 170 
LEU CD2 HD22 sing N N 171 
LEU CD2 HD23 sing N N 172 
LEU OXT HXT  sing N N 173 
LYS N   CA   sing N N 174 
LYS N   H    sing N N 175 
LYS N   H2   sing N N 176 
LYS CA  C    sing N N 177 
LYS CA  CB   sing N N 178 
LYS CA  HA   sing N N 179 
LYS C   O    doub N N 180 
LYS C   OXT  sing N N 181 
LYS CB  CG   sing N N 182 
LYS CB  HB2  sing N N 183 
LYS CB  HB3  sing N N 184 
LYS CG  CD   sing N N 185 
LYS CG  HG2  sing N N 186 
LYS CG  HG3  sing N N 187 
LYS CD  CE   sing N N 188 
LYS CD  HD2  sing N N 189 
LYS CD  HD3  sing N N 190 
LYS CE  NZ   sing N N 191 
LYS CE  HE2  sing N N 192 
LYS CE  HE3  sing N N 193 
LYS NZ  HZ1  sing N N 194 
LYS NZ  HZ2  sing N N 195 
LYS NZ  HZ3  sing N N 196 
LYS OXT HXT  sing N N 197 
PHE N   CA   sing N N 198 
PHE N   H    sing N N 199 
PHE N   H2   sing N N 200 
PHE CA  C    sing N N 201 
PHE CA  CB   sing N N 202 
PHE CA  HA   sing N N 203 
PHE C   O    doub N N 204 
PHE C   OXT  sing N N 205 
PHE CB  CG   sing N N 206 
PHE CB  HB2  sing N N 207 
PHE CB  HB3  sing N N 208 
PHE CG  CD1  doub Y N 209 
PHE CG  CD2  sing Y N 210 
PHE CD1 CE1  sing Y N 211 
PHE CD1 HD1  sing N N 212 
PHE CD2 CE2  doub Y N 213 
PHE CD2 HD2  sing N N 214 
PHE CE1 CZ   doub Y N 215 
PHE CE1 HE1  sing N N 216 
PHE CE2 CZ   sing Y N 217 
PHE CE2 HE2  sing N N 218 
PHE CZ  HZ   sing N N 219 
PHE OXT HXT  sing N N 220 
PRO N   CA   sing N N 221 
PRO N   CD   sing N N 222 
PRO N   H    sing N N 223 
PRO CA  C    sing N N 224 
PRO CA  CB   sing N N 225 
PRO CA  HA   sing N N 226 
PRO C   O    doub N N 227 
PRO C   OXT  sing N N 228 
PRO CB  CG   sing N N 229 
PRO CB  HB2  sing N N 230 
PRO CB  HB3  sing N N 231 
PRO CG  CD   sing N N 232 
PRO CG  HG2  sing N N 233 
PRO CG  HG3  sing N N 234 
PRO CD  HD2  sing N N 235 
PRO CD  HD3  sing N N 236 
PRO OXT HXT  sing N N 237 
SER N   CA   sing N N 238 
SER N   H    sing N N 239 
SER N   H2   sing N N 240 
SER CA  C    sing N N 241 
SER CA  CB   sing N N 242 
SER CA  HA   sing N N 243 
SER C   O    doub N N 244 
SER C   OXT  sing N N 245 
SER CB  OG   sing N N 246 
SER CB  HB2  sing N N 247 
SER CB  HB3  sing N N 248 
SER OG  HG   sing N N 249 
SER OXT HXT  sing N N 250 
THR N   CA   sing N N 251 
THR N   H    sing N N 252 
THR N   H2   sing N N 253 
THR CA  C    sing N N 254 
THR CA  CB   sing N N 255 
THR CA  HA   sing N N 256 
THR C   O    doub N N 257 
THR C   OXT  sing N N 258 
THR CB  OG1  sing N N 259 
THR CB  CG2  sing N N 260 
THR CB  HB   sing N N 261 
THR OG1 HG1  sing N N 262 
THR CG2 HG21 sing N N 263 
THR CG2 HG22 sing N N 264 
THR CG2 HG23 sing N N 265 
THR OXT HXT  sing N N 266 
TRP N   CA   sing N N 267 
TRP N   H    sing N N 268 
TRP N   H2   sing N N 269 
TRP CA  C    sing N N 270 
TRP CA  CB   sing N N 271 
TRP CA  HA   sing N N 272 
TRP C   O    doub N N 273 
TRP C   OXT  sing N N 274 
TRP CB  CG   sing N N 275 
TRP CB  HB2  sing N N 276 
TRP CB  HB3  sing N N 277 
TRP CG  CD1  doub Y N 278 
TRP CG  CD2  sing Y N 279 
TRP CD1 NE1  sing Y N 280 
TRP CD1 HD1  sing N N 281 
TRP CD2 CE2  doub Y N 282 
TRP CD2 CE3  sing Y N 283 
TRP NE1 CE2  sing Y N 284 
TRP NE1 HE1  sing N N 285 
TRP CE2 CZ2  sing Y N 286 
TRP CE3 CZ3  doub Y N 287 
TRP CE3 HE3  sing N N 288 
TRP CZ2 CH2  doub Y N 289 
TRP CZ2 HZ2  sing N N 290 
TRP CZ3 CH2  sing Y N 291 
TRP CZ3 HZ3  sing N N 292 
TRP CH2 HH2  sing N N 293 
TRP OXT HXT  sing N N 294 
TYR N   CA   sing N N 295 
TYR N   H    sing N N 296 
TYR N   H2   sing N N 297 
TYR CA  C    sing N N 298 
TYR CA  CB   sing N N 299 
TYR CA  HA   sing N N 300 
TYR C   O    doub N N 301 
TYR C   OXT  sing N N 302 
TYR CB  CG   sing N N 303 
TYR CB  HB2  sing N N 304 
TYR CB  HB3  sing N N 305 
TYR CG  CD1  doub Y N 306 
TYR CG  CD2  sing Y N 307 
TYR CD1 CE1  sing Y N 308 
TYR CD1 HD1  sing N N 309 
TYR CD2 CE2  doub Y N 310 
TYR CD2 HD2  sing N N 311 
TYR CE1 CZ   doub Y N 312 
TYR CE1 HE1  sing N N 313 
TYR CE2 CZ   sing Y N 314 
TYR CE2 HE2  sing N N 315 
TYR CZ  OH   sing N N 316 
TYR OH  HH   sing N N 317 
TYR OXT HXT  sing N N 318 
VAL N   CA   sing N N 319 
VAL N   H    sing N N 320 
VAL N   H2   sing N N 321 
VAL CA  C    sing N N 322 
VAL CA  CB   sing N N 323 
VAL CA  HA   sing N N 324 
VAL C   O    doub N N 325 
VAL C   OXT  sing N N 326 
VAL CB  CG1  sing N N 327 
VAL CB  CG2  sing N N 328 
VAL CB  HB   sing N N 329 
VAL CG1 HG11 sing N N 330 
VAL CG1 HG12 sing N N 331 
VAL CG1 HG13 sing N N 332 
VAL CG2 HG21 sing N N 333 
VAL CG2 HG22 sing N N 334 
VAL CG2 HG23 sing N N 335 
VAL OXT HXT  sing N N 336 
# 
_atom_sites.entry_id                    1TXA 
_atom_sites.fract_transf_matrix[1][1]   1.000000 
_atom_sites.fract_transf_matrix[1][2]   0.000000 
_atom_sites.fract_transf_matrix[1][3]   0.000000 
_atom_sites.fract_transf_matrix[2][1]   0.000000 
_atom_sites.fract_transf_matrix[2][2]   1.000000 
_atom_sites.fract_transf_matrix[2][3]   0.000000 
_atom_sites.fract_transf_matrix[3][1]   0.000000 
_atom_sites.fract_transf_matrix[3][2]   0.000000 
_atom_sites.fract_transf_matrix[3][3]   1.000000 
_atom_sites.fract_transf_vector[1]      0.00000 
_atom_sites.fract_transf_vector[2]      0.00000 
_atom_sites.fract_transf_vector[3]      0.00000 
# 
loop_
_atom_type.symbol 
C 
H 
N 
O 
S 
# 
loop_
_atom_site.group_PDB 
_atom_site.id 
_atom_site.type_symbol 
_atom_site.label_atom_id 
_atom_site.label_alt_id 
_atom_site.label_comp_id 
_atom_site.label_asym_id 
_atom_site.label_entity_id 
_atom_site.label_seq_id 
_atom_site.pdbx_PDB_ins_code 
_atom_site.Cartn_x 
_atom_site.Cartn_y 
_atom_site.Cartn_z 
_atom_site.occupancy 
_atom_site.B_iso_or_equiv 
_atom_site.pdbx_formal_charge 
_atom_site.auth_seq_id 
_atom_site.auth_comp_id 
_atom_site.auth_asym_id 
_atom_site.auth_atom_id 
_atom_site.pdbx_PDB_model_num 
ATOM 1    N N    . THR A 1 1  ? 3.486   0.419   -14.190 1.00 2.43 ? 1  THR A N    1 
ATOM 2    C CA   . THR A 1 1  ? 3.203   1.498   -13.241 1.00 1.77 ? 1  THR A CA   1 
ATOM 3    C C    . THR A 1 1  ? 2.640   0.695   -12.142 1.00 1.63 ? 1  THR A C    1 
ATOM 4    O O    . THR A 1 1  ? 2.560   -0.517  -12.269 1.00 1.98 ? 1  THR A O    1 
ATOM 5    C CB   . THR A 1 1  ? 2.319   2.670   -13.664 1.00 1.88 ? 1  THR A CB   1 
ATOM 6    O OG1  . THR A 1 1  ? 2.566   3.748   -12.755 1.00 2.82 ? 1  THR A OG1  1 
ATOM 7    C CG2  . THR A 1 1  ? 0.879   2.169   -13.814 1.00 2.29 ? 1  THR A CG2  1 
ATOM 8    H H1   . THR A 1 1  ? 2.691   -0.270  -14.080 1.00 2.49 ? 1  THR A H1   1 
ATOM 9    H H2   . THR A 1 1  ? 3.576   0.681   -15.182 1.00 3.00 ? 1  THR A H2   1 
ATOM 10   H H3   . THR A 1 1  ? 4.291   -0.148  -13.846 1.00 2.65 ? 1  THR A H3   1 
ATOM 11   H HA   . THR A 1 1  ? 4.089   1.946   -12.817 1.00 1.67 ? 1  THR A HA   1 
ATOM 12   H HB   . THR A 1 1  ? 2.705   2.990   -14.631 1.00 1.80 ? 1  THR A HB   1 
ATOM 13   H HG1  . THR A 1 1  ? 1.847   4.369   -12.719 1.00 3.17 ? 1  THR A HG1  1 
ATOM 14   H HG21 . THR A 1 1  ? 0.463   2.414   -12.841 1.00 2.54 ? 1  THR A HG21 1 
ATOM 15   H HG22 . THR A 1 1  ? -0.003  2.789   -13.943 1.00 2.24 ? 1  THR A HG22 1 
ATOM 16   H HG23 . THR A 1 1  ? 0.697   2.346   -14.869 1.00 3.10 ? 1  THR A HG23 1 
ATOM 17   N N    . LYS A 1 2  ? 2.323   1.372   -11.064 1.00 1.28 ? 2  LYS A N    1 
ATOM 18   C CA   . LYS A 1 2  ? 1.935   0.531   -9.970  1.00 1.23 ? 2  LYS A CA   1 
ATOM 19   C C    . LYS A 1 2  ? 0.988   1.368   -9.132  1.00 1.06 ? 2  LYS A C    1 
ATOM 20   O O    . LYS A 1 2  ? 0.353   2.263   -9.668  1.00 1.30 ? 2  LYS A O    1 
ATOM 21   C CB   . LYS A 1 2  ? 3.245   0.030   -9.416  1.00 1.48 ? 2  LYS A CB   1 
ATOM 22   C CG   . LYS A 1 2  ? 3.147   -0.724  -8.104  1.00 2.07 ? 2  LYS A CG   1 
ATOM 23   C CD   . LYS A 1 2  ? 3.530   0.224   -6.982  1.00 2.76 ? 2  LYS A CD   1 
ATOM 24   C CE   . LYS A 1 2  ? 4.985   0.473   -7.186  1.00 3.53 ? 2  LYS A CE   1 
ATOM 25   N NZ   . LYS A 1 2  ? 5.443   1.544   -6.363  1.00 4.44 ? 2  LYS A NZ   1 
ATOM 26   H H    . LYS A 1 2  ? 2.497   2.352   -10.954 1.00 1.19 ? 2  LYS A H    1 
ATOM 27   H HA   . LYS A 1 2  ? 1.391   -0.310  -10.343 1.00 1.41 ? 2  LYS A HA   1 
ATOM 28   H HB2  . LYS A 1 2  ? 3.792   -0.592  -10.128 1.00 1.99 ? 2  LYS A HB2  1 
ATOM 29   H HB3  . LYS A 1 2  ? 3.817   0.939   -9.400  1.00 1.75 ? 2  LYS A HB3  1 
ATOM 30   H HG2  . LYS A 1 2  ? 2.171   -1.183  -8.016  1.00 2.31 ? 2  LYS A HG2  1 
ATOM 31   H HG3  . LYS A 1 2  ? 3.846   -1.558  -8.113  1.00 2.69 ? 2  LYS A HG3  1 
ATOM 32   H HD2  . LYS A 1 2  ? 3.077   1.204   -7.086  1.00 3.13 ? 2  LYS A HD2  1 
ATOM 33   H HD3  . LYS A 1 2  ? 3.301   -0.146  -5.984  1.00 2.83 ? 2  LYS A HD3  1 
ATOM 34   H HE2  . LYS A 1 2  ? 5.595   -0.401  -7.157  1.00 3.50 ? 2  LYS A HE2  1 
ATOM 35   H HE3  . LYS A 1 2  ? 5.187   0.776   -8.184  1.00 3.86 ? 2  LYS A HE3  1 
ATOM 36   H HZ1  . LYS A 1 2  ? 5.225   1.322   -5.376  1.00 4.76 ? 2  LYS A HZ1  1 
ATOM 37   H HZ2  . LYS A 1 2  ? 6.463   1.589   -6.556  1.00 4.68 ? 2  LYS A HZ2  1 
ATOM 38   H HZ3  . LYS A 1 2  ? 4.927   2.384   -6.704  1.00 4.84 ? 2  LYS A HZ3  1 
ATOM 39   N N    . CYS A 1 3  ? 0.857   1.093   -7.834  1.00 0.95 ? 3  CYS A N    1 
ATOM 40   C CA   . CYS A 1 3  ? 0.113   1.946   -6.933  1.00 1.11 ? 3  CYS A CA   1 
ATOM 41   C C    . CYS A 1 3  ? 1.123   2.644   -6.053  1.00 1.13 ? 3  CYS A C    1 
ATOM 42   O O    . CYS A 1 3  ? 1.961   3.356   -6.589  1.00 1.86 ? 3  CYS A O    1 
ATOM 43   C CB   . CYS A 1 3  ? -0.942  1.193   -6.155  1.00 1.31 ? 3  CYS A CB   1 
ATOM 44   S SG   . CYS A 1 3  ? -0.420  -0.030  -4.979  1.00 1.10 ? 3  CYS A SG   1 
ATOM 45   H H    . CYS A 1 3  ? 1.408   0.366   -7.434  1.00 0.99 ? 3  CYS A H    1 
ATOM 46   H HA   . CYS A 1 3  ? -0.427  2.663   -7.539  1.00 1.35 ? 3  CYS A HA   1 
ATOM 47   H HB2  . CYS A 1 3  ? -1.661  1.865   -5.687  1.00 1.83 ? 3  CYS A HB2  1 
ATOM 48   H HB3  . CYS A 1 3  ? -1.402  0.628   -6.921  1.00 1.71 ? 3  CYS A HB3  1 
ATOM 49   N N    . TYR A 1 4  ? 0.969   2.381   -4.720  1.00 0.98 ? 4  TYR A N    1 
ATOM 50   C CA   . TYR A 1 4  ? 1.320   3.154   -3.543  1.00 1.03 ? 4  TYR A CA   1 
ATOM 51   C C    . TYR A 1 4  ? 0.040   3.388   -2.630  1.00 0.96 ? 4  TYR A C    1 
ATOM 52   O O    . TYR A 1 4  ? -1.028  2.826   -2.823  1.00 1.37 ? 4  TYR A O    1 
ATOM 53   C CB   . TYR A 1 4  ? 1.460   4.583   -3.932  1.00 1.43 ? 4  TYR A CB   1 
ATOM 54   C CG   . TYR A 1 4  ? 2.474   5.226   -4.716  1.00 2.11 ? 4  TYR A CG   1 
ATOM 55   C CD1  . TYR A 1 4  ? 3.777   4.819   -4.898  1.00 3.04 ? 4  TYR A CD1  1 
ATOM 56   C CD2  . TYR A 1 4  ? 2.013   6.454   -5.115  1.00 2.72 ? 4  TYR A CD2  1 
ATOM 57   C CE1  . TYR A 1 4  ? 4.664   5.822   -5.233  1.00 4.12 ? 4  TYR A CE1  1 
ATOM 58   C CE2  . TYR A 1 4  ? 2.840   7.381   -5.618  1.00 3.84 ? 4  TYR A CE2  1 
ATOM 59   C CZ   . TYR A 1 4  ? 4.177   7.105   -5.473  1.00 4.44 ? 4  TYR A CZ   1 
ATOM 60   O OH   . TYR A 1 4  ? 4.985   8.182   -5.524  1.00 5.69 ? 4  TYR A OH   1 
ATOM 61   H H    . TYR A 1 4  ? 0.399   1.627   -4.407  1.00 1.36 ? 4  TYR A H    1 
ATOM 62   H HA   . TYR A 1 4  ? 2.156   2.690   -3.019  1.00 1.19 ? 4  TYR A HA   1 
ATOM 63   H HB2  . TYR A 1 4  ? 0.510   4.860   -4.385  1.00 1.93 ? 4  TYR A HB2  1 
ATOM 64   H HB3  . TYR A 1 4  ? 1.781   5.189   -3.093  1.00 1.83 ? 4  TYR A HB3  1 
ATOM 65   H HD1  . TYR A 1 4  ? 4.086   3.803   -4.706  1.00 3.32 ? 4  TYR A HD1  1 
ATOM 66   H HD2  . TYR A 1 4  ? 0.998   6.720   -4.916  1.00 2.78 ? 4  TYR A HD2  1 
ATOM 67   H HE1  . TYR A 1 4  ? 5.719   5.609   -5.217  1.00 4.96 ? 4  TYR A HE1  1 
ATOM 68   H HE2  . TYR A 1 4  ? 2.397   8.296   -5.992  1.00 4.51 ? 4  TYR A HE2  1 
ATOM 69   H HH   . TYR A 1 4  ? 4.761   8.645   -4.720  1.00 6.17 ? 4  TYR A HH   1 
ATOM 70   N N    . VAL A 1 5  ? 0.212   4.419   -1.744  1.00 0.99 ? 5  VAL A N    1 
ATOM 71   C CA   . VAL A 1 5  ? -0.764  5.247   -1.066  1.00 0.98 ? 5  VAL A CA   1 
ATOM 72   C C    . VAL A 1 5  ? -0.562  6.728   -1.449  1.00 1.41 ? 5  VAL A C    1 
ATOM 73   O O    . VAL A 1 5  ? -1.509  7.333   -1.931  1.00 2.41 ? 5  VAL A O    1 
ATOM 74   C CB   . VAL A 1 5  ? -0.715  5.029   0.473   1.00 0.92 ? 5  VAL A CB   1 
ATOM 75   C CG1  . VAL A 1 5  ? -0.977  3.545   0.736   1.00 1.37 ? 5  VAL A CG1  1 
ATOM 76   C CG2  . VAL A 1 5  ? 0.601   5.463   1.163   1.00 1.46 ? 5  VAL A CG2  1 
ATOM 77   H H    . VAL A 1 5  ? 1.092   4.874   -1.656  1.00 1.43 ? 5  VAL A H    1 
ATOM 78   H HA   . VAL A 1 5  ? -1.739  4.963   -1.462  1.00 1.02 ? 5  VAL A HA   1 
ATOM 79   H HB   . VAL A 1 5  ? -1.514  5.623   0.913   1.00 1.35 ? 5  VAL A HB   1 
ATOM 80   H HG11 . VAL A 1 5  ? -1.311  3.015   -0.160  1.00 1.58 ? 5  VAL A HG11 1 
ATOM 81   H HG12 . VAL A 1 5  ? -0.046  3.066   1.025   1.00 1.71 ? 5  VAL A HG12 1 
ATOM 82   H HG13 . VAL A 1 5  ? -1.717  3.397   1.517   1.00 2.13 ? 5  VAL A HG13 1 
ATOM 83   H HG21 . VAL A 1 5  ? 1.252   5.696   0.366   1.00 1.92 ? 5  VAL A HG21 1 
ATOM 84   H HG22 . VAL A 1 5  ? 0.627   6.412   1.691   1.00 2.14 ? 5  VAL A HG22 1 
ATOM 85   H HG23 . VAL A 1 5  ? 1.106   4.686   1.743   1.00 1.80 ? 5  VAL A HG23 1 
ATOM 86   N N    . THR A 1 6  ? 0.663   7.297   -1.157  1.00 0.95 ? 6  THR A N    1 
ATOM 87   C CA   . THR A 1 6  ? 0.821   8.701   -0.779  1.00 1.18 ? 6  THR A CA   1 
ATOM 88   C C    . THR A 1 6  ? -0.239  9.521   -1.426  1.00 1.99 ? 6  THR A C    1 
ATOM 89   O O    . THR A 1 6  ? -0.253  9.674   -2.643  1.00 2.72 ? 6  THR A O    1 
ATOM 90   C CB   . THR A 1 6  ? 2.155   9.387   -1.046  1.00 1.77 ? 6  THR A CB   1 
ATOM 91   O OG1  . THR A 1 6  ? 3.133   8.441   -0.639  1.00 1.86 ? 6  THR A OG1  1 
ATOM 92   C CG2  . THR A 1 6  ? 2.189   10.705  -0.221  1.00 2.38 ? 6  THR A CG2  1 
ATOM 93   H H    . THR A 1 6  ? 1.493   6.825   -0.867  1.00 1.15 ? 6  THR A H    1 
ATOM 94   H HA   . THR A 1 6  ? 0.721   8.659   0.299   1.00 1.09 ? 6  THR A HA   1 
ATOM 95   H HB   . THR A 1 6  ? 2.253   9.624   -2.119  1.00 2.30 ? 6  THR A HB   1 
ATOM 96   H HG1  . THR A 1 6  ? 3.997   8.790   -0.849  1.00 2.28 ? 6  THR A HG1  1 
ATOM 97   H HG21 . THR A 1 6  ? 1.446   10.690  0.562   1.00 2.97 ? 6  THR A HG21 1 
ATOM 98   H HG22 . THR A 1 6  ? 3.111   10.885  0.323   1.00 2.55 ? 6  THR A HG22 1 
ATOM 99   H HG23 . THR A 1 6  ? 1.931   11.585  -0.815  1.00 2.81 ? 6  THR A HG23 1 
ATOM 100  N N    . PRO A 1 7  ? -1.201  9.924   -0.585  1.00 2.42 ? 7  PRO A N    1 
ATOM 101  C CA   . PRO A 1 7  ? -2.387  10.476  -1.149  1.00 3.45 ? 7  PRO A CA   1 
ATOM 102  C C    . PRO A 1 7  ? -1.888  11.870  -1.380  1.00 3.46 ? 7  PRO A C    1 
ATOM 103  O O    . PRO A 1 7  ? -1.415  12.506  -0.452  1.00 3.78 ? 7  PRO A O    1 
ATOM 104  C CB   . PRO A 1 7  ? -3.367  10.398  0.010   1.00 4.13 ? 7  PRO A CB   1 
ATOM 105  C CG   . PRO A 1 7  ? -2.507  10.606  1.265   1.00 3.67 ? 7  PRO A CG   1 
ATOM 106  C CD   . PRO A 1 7  ? -1.175  9.970   0.886   1.00 2.52 ? 7  PRO A CD   1 
ATOM 107  H HA   . PRO A 1 7  ? -2.701  9.976   -2.071  1.00 3.91 ? 7  PRO A HA   1 
ATOM 108  H HB2  . PRO A 1 7  ? -4.176  11.114  -0.112  1.00 4.81 ? 7  PRO A HB2  1 
ATOM 109  H HB3  . PRO A 1 7  ? -3.760  9.383   0.010   1.00 4.46 ? 7  PRO A HB3  1 
ATOM 110  H HG2  . PRO A 1 7  ? -2.351  11.673  1.439   1.00 3.88 ? 7  PRO A HG2  1 
ATOM 111  H HG3  . PRO A 1 7  ? -2.916  10.184  2.177   1.00 4.17 ? 7  PRO A HG3  1 
ATOM 112  H HD2  . PRO A 1 7  ? -0.385  10.618  1.257   1.00 2.26 ? 7  PRO A HD2  1 
ATOM 113  H HD3  . PRO A 1 7  ? -1.072  8.973   1.307   1.00 2.39 ? 7  PRO A HD3  1 
ATOM 114  N N    . ASP A 1 8  ? -1.904  12.270  -2.625  1.00 3.33 ? 8  ASP A N    1 
ATOM 115  C CA   . ASP A 1 8  ? -1.492  13.660  -2.804  1.00 3.52 ? 8  ASP A CA   1 
ATOM 116  C C    . ASP A 1 8  ? -1.962  14.077  -4.152  1.00 2.65 ? 8  ASP A C    1 
ATOM 117  O O    . ASP A 1 8  ? -2.663  15.036  -4.436  1.00 2.56 ? 8  ASP A O    1 
ATOM 118  C CB   . ASP A 1 8  ? 0.057   13.768  -2.752  1.00 4.18 ? 8  ASP A CB   1 
ATOM 119  C CG   . ASP A 1 8  ? 0.426   15.013  -1.934  1.00 5.25 ? 8  ASP A CG   1 
ATOM 120  O OD1  . ASP A 1 8  ? 0.078   15.075  -0.750  1.00 5.97 ? 8  ASP A OD1  1 
ATOM 121  O OD2  . ASP A 1 8  ? 1.063   15.917  -2.476  1.00 5.63 ? 8  ASP A OD2  1 
ATOM 122  H H    . ASP A 1 8  ? -2.180  11.646  -3.364  1.00 3.31 ? 8  ASP A H    1 
ATOM 123  H HA   . ASP A 1 8  ? -2.024  14.269  -2.074  1.00 4.03 ? 8  ASP A HA   1 
ATOM 124  H HB2  . ASP A 1 8  ? 0.521   12.886  -2.313  1.00 4.05 ? 8  ASP A HB2  1 
ATOM 125  H HB3  . ASP A 1 8  ? 0.524   13.853  -3.740  1.00 4.41 ? 8  ASP A HB3  1 
ATOM 126  N N    . ALA A 1 9  ? -1.477  13.154  -4.945  1.00 2.19 ? 9  ALA A N    1 
ATOM 127  C CA   . ALA A 1 9  ? -1.688  13.055  -6.317  1.00 1.47 ? 9  ALA A CA   1 
ATOM 128  C C    . ALA A 1 9  ? -2.453  11.756  -6.338  1.00 1.15 ? 9  ALA A C    1 
ATOM 129  O O    . ALA A 1 9  ? -2.975  11.280  -5.326  1.00 1.55 ? 9  ALA A O    1 
ATOM 130  C CB   . ALA A 1 9  ? -0.241  13.055  -6.844  1.00 1.76 ? 9  ALA A CB   1 
ATOM 131  H H    . ALA A 1 9  ? -0.967  12.388  -4.560  1.00 2.46 ? 9  ALA A H    1 
ATOM 132  H HA   . ALA A 1 9  ? -2.311  13.876  -6.668  1.00 1.46 ? 9  ALA A HA   1 
ATOM 133  H HB1  . ALA A 1 9  ? 0.465   12.695  -6.087  1.00 2.30 ? 9  ALA A HB1  1 
ATOM 134  H HB2  . ALA A 1 9  ? -0.070  12.478  -7.746  1.00 1.80 ? 9  ALA A HB2  1 
ATOM 135  H HB3  . ALA A 1 9  ? 0.044   14.090  -7.029  1.00 2.09 ? 9  ALA A HB3  1 
ATOM 136  N N    . THR A 1 10 ? -2.407  11.184  -7.541  1.00 1.16 ? 10 THR A N    1 
ATOM 137  C CA   . THR A 1 10 ? -2.841  9.817   -7.565  1.00 1.11 ? 10 THR A CA   1 
ATOM 138  C C    . THR A 1 10 ? -1.590  9.114   -7.151  1.00 1.69 ? 10 THR A C    1 
ATOM 139  O O    . THR A 1 10 ? -0.547  9.703   -6.898  1.00 2.53 ? 10 THR A O    1 
ATOM 140  C CB   . THR A 1 10 ? -3.283  9.320   -8.955  1.00 1.25 ? 10 THR A CB   1 
ATOM 141  O OG1  . THR A 1 10 ? -2.222  8.793   -9.731  1.00 1.96 ? 10 THR A OG1  1 
ATOM 142  C CG2  . THR A 1 10 ? -3.999  10.369  -9.793  1.00 1.98 ? 10 THR A CG2  1 
ATOM 143  H H    . THR A 1 10 ? -1.612  11.486  -8.054  1.00 1.77 ? 10 THR A H    1 
ATOM 144  H HA   . THR A 1 10 ? -3.622  9.638   -6.816  1.00 1.24 ? 10 THR A HA   1 
ATOM 145  H HB   . THR A 1 10 ? -3.977  8.488   -8.791  1.00 1.43 ? 10 THR A HB   1 
ATOM 146  H HG1  . THR A 1 10 ? -1.475  9.383   -9.688  1.00 2.29 ? 10 THR A HG1  1 
ATOM 147  H HG21 . THR A 1 10 ? -3.531  11.349  -9.729  1.00 2.63 ? 10 THR A HG21 1 
ATOM 148  H HG22 . THR A 1 10 ? -3.977  10.065  -10.838 1.00 2.11 ? 10 THR A HG22 1 
ATOM 149  H HG23 . THR A 1 10 ? -5.040  10.463  -9.484  1.00 2.49 ? 10 THR A HG23 1 
ATOM 150  N N    . SER A 1 11 ? -1.783  7.822   -7.146  1.00 1.80 ? 11 SER A N    1 
ATOM 151  C CA   . SER A 1 11 ? -0.829  7.030   -6.484  1.00 2.60 ? 11 SER A CA   1 
ATOM 152  C C    . SER A 1 11 ? -0.639  5.773   -7.258  1.00 2.07 ? 11 SER A C    1 
ATOM 153  O O    . SER A 1 11 ? -0.935  4.680   -6.792  1.00 1.82 ? 11 SER A O    1 
ATOM 154  C CB   . SER A 1 11 ? -1.534  6.790   -5.158  1.00 3.66 ? 11 SER A CB   1 
ATOM 155  O OG   . SER A 1 11 ? -1.876  7.999   -4.508  1.00 4.30 ? 11 SER A OG   1 
ATOM 156  H H    . SER A 1 11 ? -2.675  7.422   -7.336  1.00 1.68 ? 11 SER A H    1 
ATOM 157  H HA   . SER A 1 11 ? 0.125   7.558   -6.476  1.00 3.08 ? 11 SER A HA   1 
ATOM 158  H HB2  . SER A 1 11 ? -2.473  6.279   -5.380  1.00 3.88 ? 11 SER A HB2  1 
ATOM 159  H HB3  . SER A 1 11 ? -1.004  6.141   -4.476  1.00 4.06 ? 11 SER A HB3  1 
ATOM 160  H HG   . SER A 1 11 ? -1.273  8.714   -4.721  1.00 4.34 ? 11 SER A HG   1 
ATOM 161  N N    . GLN A 1 12 ? -0.092  6.032   -8.450  1.00 2.08 ? 12 GLN A N    1 
ATOM 162  C CA   . GLN A 1 12 ? 0.273   4.927   -9.280  1.00 1.59 ? 12 GLN A CA   1 
ATOM 163  C C    . GLN A 1 12 ? 1.520   5.273   -10.062 1.00 1.53 ? 12 GLN A C    1 
ATOM 164  O O    . GLN A 1 12 ? 1.474   5.877   -11.133 1.00 1.74 ? 12 GLN A O    1 
ATOM 165  C CB   . GLN A 1 12 ? -0.921  4.577   -10.173 1.00 1.48 ? 12 GLN A CB   1 
ATOM 166  C CG   . GLN A 1 12 ? -1.618  5.828   -10.717 1.00 1.47 ? 12 GLN A CG   1 
ATOM 167  C CD   . GLN A 1 12 ? -2.902  5.453   -11.412 1.00 1.62 ? 12 GLN A CD   1 
ATOM 168  O OE1  . GLN A 1 12 ? -3.997  5.776   -10.984 1.00 1.68 ? 12 GLN A OE1  1 
ATOM 169  N NE2  . GLN A 1 12 ? -2.700  4.818   -12.555 1.00 2.48 ? 12 GLN A NE2  1 
ATOM 170  H H    . GLN A 1 12 ? -0.102  6.963   -8.814  1.00 2.46 ? 12 GLN A H    1 
ATOM 171  H HA   . GLN A 1 12 ? 0.561   4.134   -8.601  1.00 1.52 ? 12 GLN A HA   1 
ATOM 172  H HB2  . GLN A 1 12 ? -0.612  3.921   -10.989 1.00 1.41 ? 12 GLN A HB2  1 
ATOM 173  H HB3  . GLN A 1 12 ? -1.631  4.003   -9.574  1.00 1.67 ? 12 GLN A HB3  1 
ATOM 174  H HG2  . GLN A 1 12 ? -1.915  6.501   -9.921  1.00 1.75 ? 12 GLN A HG2  1 
ATOM 175  H HG3  . GLN A 1 12 ? -0.974  6.376   -11.404 1.00 1.52 ? 12 GLN A HG3  1 
ATOM 176  H HE21 . GLN A 1 12 ? -1.769  4.599   -12.836 1.00 3.05 ? 12 GLN A HE21 1 
ATOM 177  H HE22 . GLN A 1 12 ? -3.498  4.543   -13.090 1.00 2.71 ? 12 GLN A HE22 1 
ATOM 178  N N    . THR A 1 13 ? 2.621   4.844   -9.454  1.00 1.43 ? 13 THR A N    1 
ATOM 179  C CA   . THR A 1 13 ? 3.937   5.136   -9.950  1.00 1.53 ? 13 THR A CA   1 
ATOM 180  C C    . THR A 1 13 ? 4.838   3.979   -9.516  1.00 1.41 ? 13 THR A C    1 
ATOM 181  O O    . THR A 1 13 ? 4.438   3.020   -8.862  1.00 1.82 ? 13 THR A O    1 
ATOM 182  C CB   . THR A 1 13 ? 4.427   6.475   -9.342  1.00 1.95 ? 13 THR A CB   1 
ATOM 183  O OG1  . THR A 1 13 ? 3.588   6.864   -8.267  1.00 2.11 ? 13 THR A OG1  1 
ATOM 184  C CG2  . THR A 1 13 ? 4.404   7.636   -10.336 1.00 2.21 ? 13 THR A CG2  1 
ATOM 185  H H    . THR A 1 13 ? 2.547   4.342   -8.591  1.00 1.40 ? 13 THR A H    1 
ATOM 186  H HA   . THR A 1 13 ? 3.897   5.151   -11.043 1.00 1.60 ? 13 THR A HA   1 
ATOM 187  H HB   . THR A 1 13 ? 5.466   6.363   -8.994  1.00 2.30 ? 13 THR A HB   1 
ATOM 188  H HG1  . THR A 1 13 ? 4.070   7.444   -7.675  1.00 2.63 ? 13 THR A HG1  1 
ATOM 189  H HG21 . THR A 1 13 ? 4.064   7.329   -11.324 1.00 2.49 ? 13 THR A HG21 1 
ATOM 190  H HG22 . THR A 1 13 ? 3.737   8.432   -10.001 1.00 2.03 ? 13 THR A HG22 1 
ATOM 191  H HG23 . THR A 1 13 ? 5.401   8.061   -10.432 1.00 2.87 ? 13 THR A HG23 1 
ATOM 192  N N    . CYS A 1 14 ? 6.109   4.210   -9.893  1.00 1.39 ? 14 CYS A N    1 
ATOM 193  C CA   . CYS A 1 14 ? 7.138   3.200   -9.850  1.00 1.30 ? 14 CYS A CA   1 
ATOM 194  C C    . CYS A 1 14 ? 6.739   2.128   -10.876 1.00 1.35 ? 14 CYS A C    1 
ATOM 195  O O    . CYS A 1 14 ? 6.083   1.149   -10.557 1.00 1.12 ? 14 CYS A O    1 
ATOM 196  C CB   . CYS A 1 14 ? 7.324   2.655   -8.459  1.00 1.11 ? 14 CYS A CB   1 
ATOM 197  S SG   . CYS A 1 14 ? 8.939   2.088   -7.996  1.00 1.32 ? 14 CYS A SG   1 
ATOM 198  H H    . CYS A 1 14 ? 6.359   5.085   -10.303 1.00 1.74 ? 14 CYS A H    1 
ATOM 199  H HA   . CYS A 1 14 ? 8.065   3.700   -10.103 1.00 1.46 ? 14 CYS A HA   1 
ATOM 200  H HB2  . CYS A 1 14 ? 6.985   3.364   -7.703  1.00 1.57 ? 14 CYS A HB2  1 
ATOM 201  H HB3  . CYS A 1 14 ? 6.728   1.782   -8.378  1.00 1.28 ? 14 CYS A HB3  1 
ATOM 202  N N    . PRO A 1 15 ? 7.125   2.403   -12.133 1.00 1.80 ? 15 PRO A N    1 
ATOM 203  C CA   . PRO A 1 15 ? 6.783   1.544   -13.237 1.00 2.06 ? 15 PRO A CA   1 
ATOM 204  C C    . PRO A 1 15 ? 7.419   0.219   -13.078 1.00 2.14 ? 15 PRO A C    1 
ATOM 205  O O    . PRO A 1 15 ? 6.714   -0.765  -12.928 1.00 2.63 ? 15 PRO A O    1 
ATOM 206  C CB   . PRO A 1 15 ? 7.201   2.292   -14.489 1.00 2.58 ? 15 PRO A CB   1 
ATOM 207  C CG   . PRO A 1 15 ? 8.146   3.399   -14.008 1.00 2.66 ? 15 PRO A CG   1 
ATOM 208  C CD   . PRO A 1 15 ? 7.949   3.535   -12.507 1.00 2.16 ? 15 PRO A CD   1 
ATOM 209  H HA   . PRO A 1 15 ? 5.751   1.281   -13.265 1.00 1.95 ? 15 PRO A HA   1 
ATOM 210  H HB2  . PRO A 1 15 ? 7.658   1.649   -15.244 1.00 2.82 ? 15 PRO A HB2  1 
ATOM 211  H HB3  . PRO A 1 15 ? 6.306   2.730   -14.927 1.00 2.69 ? 15 PRO A HB3  1 
ATOM 212  H HG2  . PRO A 1 15 ? 9.184   3.121   -14.202 1.00 2.85 ? 15 PRO A HG2  1 
ATOM 213  H HG3  . PRO A 1 15 ? 7.942   4.344   -14.505 1.00 2.93 ? 15 PRO A HG3  1 
ATOM 214  H HD2  . PRO A 1 15 ? 8.911   3.484   -11.992 1.00 2.16 ? 15 PRO A HD2  1 
ATOM 215  H HD3  . PRO A 1 15 ? 7.435   4.458   -12.243 1.00 2.17 ? 15 PRO A HD3  1 
ATOM 216  N N    . ASP A 1 16 ? 8.758   0.355   -13.121 1.00 2.22 ? 16 ASP A N    1 
ATOM 217  C CA   . ASP A 1 16 ? 9.809   -0.634  -13.123 1.00 2.40 ? 16 ASP A CA   1 
ATOM 218  C C    . ASP A 1 16 ? 9.295   -1.885  -13.647 1.00 2.38 ? 16 ASP A C    1 
ATOM 219  O O    . ASP A 1 16 ? 9.422   -2.250  -14.808 1.00 2.60 ? 16 ASP A O    1 
ATOM 220  C CB   . ASP A 1 16 ? 10.433  -0.823  -11.725 1.00 2.74 ? 16 ASP A CB   1 
ATOM 221  C CG   . ASP A 1 16 ? 11.885  -0.407  -11.897 1.00 3.11 ? 16 ASP A CG   1 
ATOM 222  O OD1  . ASP A 1 16 ? 12.629  -1.171  -12.511 1.00 3.70 ? 16 ASP A OD1  1 
ATOM 223  O OD2  . ASP A 1 16 ? 12.258  0.686   -11.475 1.00 3.10 ? 16 ASP A OD2  1 
ATOM 224  H H    . ASP A 1 16 ? 9.192   1.242   -13.237 1.00 2.58 ? 16 ASP A H    1 
ATOM 225  H HA   . ASP A 1 16 ? 10.503  -0.317  -13.900 1.00 2.58 ? 16 ASP A HA   1 
ATOM 226  H HB2  . ASP A 1 16 ? 9.915   -0.241  -10.966 1.00 2.71 ? 16 ASP A HB2  1 
ATOM 227  H HB3  . ASP A 1 16 ? 10.454  -1.854  -11.350 1.00 2.96 ? 16 ASP A HB3  1 
ATOM 228  N N    . GLY A 1 17 ? 8.591   -2.465  -12.691 1.00 2.75 ? 17 GLY A N    1 
ATOM 229  C CA   . GLY A 1 17 ? 8.009   -3.673  -13.035 1.00 2.98 ? 17 GLY A CA   1 
ATOM 230  C C    . GLY A 1 17 ? 6.566   -3.662  -13.387 1.00 2.16 ? 17 GLY A C    1 
ATOM 231  O O    . GLY A 1 17 ? 6.072   -3.316  -14.454 1.00 2.21 ? 17 GLY A O    1 
ATOM 232  H H    . GLY A 1 17 ? 8.463   -2.068  -11.784 1.00 3.11 ? 17 GLY A H    1 
ATOM 233  H HA2  . GLY A 1 17 ? 8.281   -3.855  -14.015 1.00 3.34 ? 17 GLY A HA2  1 
ATOM 234  H HA3  . GLY A 1 17 ? 8.427   -4.443  -12.391 1.00 3.82 ? 17 GLY A HA3  1 
ATOM 235  N N    . GLN A 1 18 ? 6.136   -4.526  -12.537 1.00 2.00 ? 18 GLN A N    1 
ATOM 236  C CA   . GLN A 1 18 ? 6.159   -5.911  -13.074 1.00 2.31 ? 18 GLN A CA   1 
ATOM 237  C C    . GLN A 1 18 ? 5.580   -6.810  -12.012 1.00 1.91 ? 18 GLN A C    1 
ATOM 238  O O    . GLN A 1 18 ? 5.458   -8.019  -12.122 1.00 2.71 ? 18 GLN A O    1 
ATOM 239  C CB   . GLN A 1 18 ? 7.539   -6.468  -13.657 1.00 3.06 ? 18 GLN A CB   1 
ATOM 240  C CG   . GLN A 1 18 ? 7.900   -5.867  -15.056 1.00 3.93 ? 18 GLN A CG   1 
ATOM 241  C CD   . GLN A 1 18 ? 8.515   -6.569  -16.241 1.00 4.53 ? 18 GLN A CD   1 
ATOM 242  O OE1  . GLN A 1 18 ? 9.069   -7.656  -16.214 1.00 4.80 ? 18 GLN A OE1  1 
ATOM 243  N NE2  . GLN A 1 18 ? 8.492   -5.709  -17.279 1.00 4.99 ? 18 GLN A NE2  1 
ATOM 244  H H    . GLN A 1 18 ? 6.389   -4.249  -11.605 1.00 2.22 ? 18 GLN A H    1 
ATOM 245  H HA   . GLN A 1 18 ? 5.404   -5.910  -13.849 1.00 2.83 ? 18 GLN A HA   1 
ATOM 246  H HB2  . GLN A 1 18 ? 8.380   -6.358  -12.961 1.00 2.94 ? 18 GLN A HB2  1 
ATOM 247  H HB3  . GLN A 1 18 ? 7.473   -7.547  -13.738 1.00 3.52 ? 18 GLN A HB3  1 
ATOM 248  H HG2  . GLN A 1 18 ? 7.025   -5.346  -15.440 1.00 4.55 ? 18 GLN A HG2  1 
ATOM 249  H HG3  . GLN A 1 18 ? 8.773   -5.230  -15.001 1.00 3.92 ? 18 GLN A HG3  1 
ATOM 250  H HE21 . GLN A 1 18 ? 7.945   -4.882  -17.125 1.00 5.00 ? 18 GLN A HE21 1 
ATOM 251  H HE22 . GLN A 1 18 ? 9.020   -5.803  -18.118 1.00 5.41 ? 18 GLN A HE22 1 
ATOM 252  N N    . ASP A 1 19 ? 5.273   -6.071  -10.969 1.00 1.15 ? 19 ASP A N    1 
ATOM 253  C CA   . ASP A 1 19 ? 5.708   -6.478  -9.706  1.00 1.66 ? 19 ASP A CA   1 
ATOM 254  C C    . ASP A 1 19 ? 4.419   -6.278  -9.028  1.00 1.31 ? 19 ASP A C    1 
ATOM 255  O O    . ASP A 1 19 ? 3.382   -6.822  -9.404  1.00 1.38 ? 19 ASP A O    1 
ATOM 256  C CB   . ASP A 1 19 ? 6.918   -5.561  -9.368  1.00 2.31 ? 19 ASP A CB   1 
ATOM 257  C CG   . ASP A 1 19 ? 8.200   -6.087  -10.054 1.00 3.32 ? 19 ASP A CG   1 
ATOM 258  O OD1  . ASP A 1 19 ? 8.268   -7.255  -10.428 1.00 3.71 ? 19 ASP A OD1  1 
ATOM 259  O OD2  . ASP A 1 19 ? 9.124   -5.303  -10.220 1.00 4.06 ? 19 ASP A OD2  1 
ATOM 260  H H    . ASP A 1 19 ? 4.926   -5.134  -11.012 1.00 0.93 ? 19 ASP A H    1 
ATOM 261  H HA   . ASP A 1 19 ? 5.930   -7.544  -9.679  1.00 2.43 ? 19 ASP A HA   1 
ATOM 262  H HB2  . ASP A 1 19 ? 6.752   -4.535  -9.713  1.00 2.09 ? 19 ASP A HB2  1 
ATOM 263  H HB3  . ASP A 1 19 ? 7.132   -5.489  -8.305  1.00 2.76 ? 19 ASP A HB3  1 
ATOM 264  N N    . ILE A 1 20 ? 4.514   -5.461  -8.030  1.00 1.09 ? 20 ILE A N    1 
ATOM 265  C CA   . ILE A 1 20 ? 3.384   -5.474  -7.187  1.00 0.84 ? 20 ILE A CA   1 
ATOM 266  C C    . ILE A 1 20 ? 3.410   -4.110  -6.557  1.00 0.82 ? 20 ILE A C    1 
ATOM 267  O O    . ILE A 1 20 ? 4.334   -3.298  -6.623  1.00 0.87 ? 20 ILE A O    1 
ATOM 268  C CB   . ILE A 1 20 ? 3.285   -6.756  -6.241  1.00 0.73 ? 20 ILE A CB   1 
ATOM 269  C CG1  . ILE A 1 20 ? 4.355   -7.048  -5.211  1.00 1.53 ? 20 ILE A CG1  1 
ATOM 270  C CG2  . ILE A 1 20 ? 3.155   -8.133  -6.911  1.00 1.60 ? 20 ILE A CG2  1 
ATOM 271  C CD1  . ILE A 1 20 ? 5.256   -8.316  -5.040  1.00 1.67 ? 20 ILE A CD1  1 
ATOM 272  H H    . ILE A 1 20 ? 5.308   -4.857  -7.935  1.00 1.19 ? 20 ILE A H    1 
ATOM 273  H HA   . ILE A 1 20 ? 2.493   -5.421  -7.826  1.00 0.90 ? 20 ILE A HA   1 
ATOM 274  H HB   . ILE A 1 20 ? 2.388   -6.541  -5.670  1.00 1.22 ? 20 ILE A HB   1 
ATOM 275  H HG12 . ILE A 1 20 ? 4.912   -7.068  -6.153  1.00 2.29 ? 20 ILE A HG12 1 
ATOM 276  H HG13 . ILE A 1 20 ? 3.638   -7.635  -4.647  1.00 2.20 ? 20 ILE A HG13 1 
ATOM 277  H HG21 . ILE A 1 20 ? 3.866   -8.358  -7.706  1.00 2.21 ? 20 ILE A HG21 1 
ATOM 278  H HG22 . ILE A 1 20 ? 3.086   -8.970  -6.233  1.00 1.89 ? 20 ILE A HG22 1 
ATOM 279  H HG23 . ILE A 1 20 ? 2.215   -8.189  -7.253  1.00 2.27 ? 20 ILE A HG23 1 
ATOM 280  H HD11 . ILE A 1 20 ? 4.831   -9.250  -5.402  1.00 2.47 ? 20 ILE A HD11 1 
ATOM 281  H HD12 . ILE A 1 20 ? 6.245   -8.279  -5.524  1.00 1.72 ? 20 ILE A HD12 1 
ATOM 282  H HD13 . ILE A 1 20 ? 5.430   -8.457  -3.980  1.00 1.76 ? 20 ILE A HD13 1 
ATOM 283  N N    . CYS A 1 21 ? 2.253   -3.947  -5.994  1.00 0.85 ? 21 CYS A N    1 
ATOM 284  C CA   . CYS A 1 21 ? 2.029   -2.944  -5.029  1.00 0.93 ? 21 CYS A CA   1 
ATOM 285  C C    . CYS A 1 21 ? 2.217   -3.651  -3.737  1.00 1.05 ? 21 CYS A C    1 
ATOM 286  O O    . CYS A 1 21 ? 1.627   -4.698  -3.504  1.00 1.18 ? 21 CYS A O    1 
ATOM 287  C CB   . CYS A 1 21 ? 0.578   -2.598  -5.202  1.00 1.09 ? 21 CYS A CB   1 
ATOM 288  S SG   . CYS A 1 21 ? 0.489   -1.218  -6.300  1.00 0.98 ? 21 CYS A SG   1 
ATOM 289  H H    . CYS A 1 21 ? 1.584   -4.678  -6.108  1.00 0.83 ? 21 CYS A H    1 
ATOM 290  H HA   . CYS A 1 21 ? 2.734   -2.114  -5.141  1.00 0.92 ? 21 CYS A HA   1 
ATOM 291  H HB2  . CYS A 1 21 ? 0.017   -3.421  -5.637  1.00 1.47 ? 21 CYS A HB2  1 
ATOM 292  H HB3  . CYS A 1 21 ? 0.106   -2.339  -4.258  1.00 1.26 ? 21 CYS A HB3  1 
ATOM 293  N N    . TYR A 1 22 ? 3.076   -3.058  -2.911  1.00 1.08 ? 22 TYR A N    1 
ATOM 294  C CA   . TYR A 1 22 ? 3.154   -3.522  -1.546  1.00 1.32 ? 22 TYR A CA   1 
ATOM 295  C C    . TYR A 1 22 ? 2.978   -2.286  -0.693  1.00 1.35 ? 22 TYR A C    1 
ATOM 296  O O    . TYR A 1 22 ? 3.544   -1.238  -0.993  1.00 1.49 ? 22 TYR A O    1 
ATOM 297  C CB   . TYR A 1 22 ? 4.454   -4.325  -1.354  1.00 1.44 ? 22 TYR A CB   1 
ATOM 298  C CG   . TYR A 1 22 ? 5.438   -3.779  -0.358  1.00 1.33 ? 22 TYR A CG   1 
ATOM 299  C CD1  . TYR A 1 22 ? 6.316   -2.764  -0.707  1.00 1.79 ? 22 TYR A CD1  1 
ATOM 300  C CD2  . TYR A 1 22 ? 5.493   -4.302  0.927   1.00 1.46 ? 22 TYR A CD2  1 
ATOM 301  C CE1  . TYR A 1 22 ? 7.240   -2.276  0.217   1.00 1.73 ? 22 TYR A CE1  1 
ATOM 302  C CE2  . TYR A 1 22 ? 6.415   -3.824  1.847   1.00 1.52 ? 22 TYR A CE2  1 
ATOM 303  C CZ   . TYR A 1 22 ? 7.294   -2.814  1.502   1.00 1.32 ? 22 TYR A CZ   1 
ATOM 304  O OH   . TYR A 1 22 ? 8.196   -2.400  2.471   1.00 1.45 ? 22 TYR A OH   1 
ATOM 305  H H    . TYR A 1 22 ? 3.636   -2.300  -3.259  1.00 1.03 ? 22 TYR A H    1 
ATOM 306  H HA   . TYR A 1 22 ? 2.303   -4.172  -1.339  1.00 1.48 ? 22 TYR A HA   1 
ATOM 307  H HB2  . TYR A 1 22 ? 4.158   -5.297  -0.993  1.00 1.72 ? 22 TYR A HB2  1 
ATOM 308  H HB3  . TYR A 1 22 ? 4.947   -4.506  -2.310  1.00 1.58 ? 22 TYR A HB3  1 
ATOM 309  H HD1  . TYR A 1 22 ? 6.276   -2.371  -1.712  1.00 2.45 ? 22 TYR A HD1  1 
ATOM 310  H HD2  . TYR A 1 22 ? 4.816   -5.095  1.208   1.00 1.94 ? 22 TYR A HD2  1 
ATOM 311  H HE1  . TYR A 1 22 ? 7.913   -1.494  -0.106  1.00 2.30 ? 22 TYR A HE1  1 
ATOM 312  H HE2  . TYR A 1 22 ? 6.457   -4.238  2.841   1.00 2.09 ? 22 TYR A HE2  1 
ATOM 313  H HH   . TYR A 1 22 ? 8.496   -1.523  2.243   1.00 1.57 ? 22 TYR A HH   1 
ATOM 314  N N    . THR A 1 23 ? 2.160   -2.476  0.340   1.00 1.20 ? 23 THR A N    1 
ATOM 315  C CA   . THR A 1 23 ? 2.009   -1.503  1.393   1.00 1.18 ? 23 THR A CA   1 
ATOM 316  C C    . THR A 1 23 ? 2.298   -2.232  2.720   1.00 1.05 ? 23 THR A C    1 
ATOM 317  O O    . THR A 1 23 ? 1.730   -3.276  2.988   1.00 1.09 ? 23 THR A O    1 
ATOM 318  C CB   . THR A 1 23 ? 0.593   -0.882  1.301   1.00 1.34 ? 23 THR A CB   1 
ATOM 319  O OG1  . THR A 1 23 ? -0.300  -1.437  0.358   1.00 1.73 ? 23 THR A OG1  1 
ATOM 320  C CG2  . THR A 1 23 ? 0.618   0.598   0.941   1.00 2.27 ? 23 THR A CG2  1 
ATOM 321  H H    . THR A 1 23 ? 1.656   -3.340  0.390   1.00 1.08 ? 23 THR A H    1 
ATOM 322  H HA   . THR A 1 23 ? 2.776   -0.748  1.272   1.00 1.26 ? 23 THR A HA   1 
ATOM 323  H HB   . THR A 1 23 ? 0.128   -0.996  2.278   1.00 1.42 ? 23 THR A HB   1 
ATOM 324  H HG1  . THR A 1 23 ? 0.203   -1.695  -0.421  1.00 2.00 ? 23 THR A HG1  1 
ATOM 325  H HG21 . THR A 1 23 ? 1.549   1.044   1.285   1.00 3.05 ? 23 THR A HG21 1 
ATOM 326  H HG22 . THR A 1 23 ? 0.467   0.803   -0.117  1.00 2.46 ? 23 THR A HG22 1 
ATOM 327  H HG23 . THR A 1 23 ? -0.209  1.095   1.424   1.00 2.67 ? 23 THR A HG23 1 
ATOM 328  N N    . LYS A 1 24 ? 3.214   -1.713  3.540   1.00 0.99 ? 24 LYS A N    1 
ATOM 329  C CA   . LYS A 1 24 ? 3.403   -2.331  4.844   1.00 0.91 ? 24 LYS A CA   1 
ATOM 330  C C    . LYS A 1 24 ? 3.322   -1.266  5.894   1.00 0.62 ? 24 LYS A C    1 
ATOM 331  O O    . LYS A 1 24 ? 3.846   -0.186  5.666   1.00 0.73 ? 24 LYS A O    1 
ATOM 332  C CB   . LYS A 1 24 ? 4.777   -2.984  4.917   1.00 1.25 ? 24 LYS A CB   1 
ATOM 333  C CG   . LYS A 1 24 ? 5.104   -3.497  6.330   1.00 1.12 ? 24 LYS A CG   1 
ATOM 334  C CD   . LYS A 1 24 ? 5.713   -2.496  7.323   1.00 1.27 ? 24 LYS A CD   1 
ATOM 335  C CE   . LYS A 1 24 ? 7.056   -1.906  6.920   1.00 1.55 ? 24 LYS A CE   1 
ATOM 336  N NZ   . LYS A 1 24 ? 8.075   -2.516  7.756   1.00 1.67 ? 24 LYS A NZ   1 
ATOM 337  H H    . LYS A 1 24 ? 3.712   -0.861  3.351   1.00 1.03 ? 24 LYS A H    1 
ATOM 338  H HA   . LYS A 1 24 ? 2.617   -3.046  5.034   1.00 1.01 ? 24 LYS A HA   1 
ATOM 339  H HB2  . LYS A 1 24 ? 4.742   -3.826  4.235   1.00 1.60 ? 24 LYS A HB2  1 
ATOM 340  H HB3  . LYS A 1 24 ? 5.541   -2.315  4.522   1.00 1.66 ? 24 LYS A HB3  1 
ATOM 341  H HG2  . LYS A 1 24 ? 4.163   -3.797  6.785   1.00 1.20 ? 24 LYS A HG2  1 
ATOM 342  H HG3  . LYS A 1 24 ? 5.725   -4.389  6.245   1.00 1.45 ? 24 LYS A HG3  1 
ATOM 343  H HD2  . LYS A 1 24 ? 5.078   -1.648  7.532   1.00 1.44 ? 24 LYS A HD2  1 
ATOM 344  H HD3  . LYS A 1 24 ? 5.753   -2.985  8.299   1.00 1.98 ? 24 LYS A HD3  1 
ATOM 345  H HE2  . LYS A 1 24 ? 7.296   -2.050  5.863   1.00 1.95 ? 24 LYS A HE2  1 
ATOM 346  H HE3  . LYS A 1 24 ? 7.069   -0.828  7.109   1.00 2.03 ? 24 LYS A HE3  1 
ATOM 347  H HZ1  . LYS A 1 24 ? 8.004   -3.554  7.720   1.00 1.49 ? 24 LYS A HZ1  1 
ATOM 348  H HZ2  . LYS A 1 24 ? 9.013   -2.199  7.444   1.00 2.08 ? 24 LYS A HZ2  1 
ATOM 349  H HZ3  . LYS A 1 24 ? 7.901   -2.178  8.726   1.00 2.07 ? 24 LYS A HZ3  1 
ATOM 350  N N    . THR A 1 25 ? 2.718   -1.581  7.070   1.00 0.54 ? 25 THR A N    1 
ATOM 351  C CA   . THR A 1 25 ? 2.660   -0.596  8.120   1.00 0.67 ? 25 THR A CA   1 
ATOM 352  C C    . THR A 1 25 ? 2.810   -1.045  9.492   1.00 0.73 ? 25 THR A C    1 
ATOM 353  O O    . THR A 1 25 ? 3.796   -1.626  9.848   1.00 0.73 ? 25 THR A O    1 
ATOM 354  C CB   . THR A 1 25 ? 1.409   0.231   7.945   1.00 1.01 ? 25 THR A CB   1 
ATOM 355  O OG1  . THR A 1 25 ? 0.298   -0.476  7.409   1.00 1.56 ? 25 THR A OG1  1 
ATOM 356  C CG2  . THR A 1 25 ? 1.923   1.086   6.922   1.00 2.11 ? 25 THR A CG2  1 
ATOM 357  H H    . THR A 1 25 ? 2.108   -2.359  7.129   1.00 0.56 ? 25 THR A H    1 
ATOM 358  H HA   . THR A 1 25 ? 3.606   -0.047  8.075   1.00 0.99 ? 25 THR A HA   1 
ATOM 359  H HB   . THR A 1 25 ? 1.141   0.962   8.718   1.00 1.15 ? 25 THR A HB   1 
ATOM 360  H HG1  . THR A 1 25 ? -0.449  -0.530  8.013   1.00 1.54 ? 25 THR A HG1  1 
ATOM 361  H HG21 . THR A 1 25 ? 2.956   1.422   7.039   1.00 2.40 ? 25 THR A HG21 1 
ATOM 362  H HG22 . THR A 1 25 ? 1.808   0.606   5.987   1.00 2.58 ? 25 THR A HG22 1 
ATOM 363  H HG23 . THR A 1 25 ? 1.341   1.936   7.008   1.00 2.76 ? 25 THR A HG23 1 
ATOM 364  N N    . TRP A 1 26 ? 1.894   -0.570  10.283  1.00 1.01 ? 26 TRP A N    1 
ATOM 365  C CA   . TRP A 1 26 ? 2.012   -0.515  11.665  1.00 1.20 ? 26 TRP A CA   1 
ATOM 366  C C    . TRP A 1 26 ? 0.665   -0.981  12.058  1.00 1.01 ? 26 TRP A C    1 
ATOM 367  O O    . TRP A 1 26 ? 0.419   -2.163  12.225  1.00 1.37 ? 26 TRP A O    1 
ATOM 368  C CB   . TRP A 1 26 ? 2.348   0.961   11.933  1.00 1.43 ? 26 TRP A CB   1 
ATOM 369  C CG   . TRP A 1 26 ? 3.673   0.870   12.595  1.00 1.56 ? 26 TRP A CG   1 
ATOM 370  C CD1  . TRP A 1 26 ? 4.874   0.389   12.071  1.00 2.15 ? 26 TRP A CD1  1 
ATOM 371  C CD2  . TRP A 1 26 ? 3.876   1.161   13.967  1.00 1.96 ? 26 TRP A CD2  1 
ATOM 372  N NE1  . TRP A 1 26 ? 5.793   0.373   13.068  1.00 2.50 ? 26 TRP A NE1  1 
ATOM 373  C CE2  . TRP A 1 26 ? 5.217   0.845   14.250  1.00 2.44 ? 26 TRP A CE2  1 
ATOM 374  C CE3  . TRP A 1 26 ? 3.019   1.627   14.919  1.00 2.51 ? 26 TRP A CE3  1 
ATOM 375  C CZ2  . TRP A 1 26 ? 5.672   1.025   15.523  1.00 3.18 ? 26 TRP A CZ2  1 
ATOM 376  C CZ3  . TRP A 1 26 ? 3.476   1.808   16.212  1.00 3.40 ? 26 TRP A CZ3  1 
ATOM 377  C CH2  . TRP A 1 26 ? 4.807   1.511   16.514  1.00 3.64 ? 26 TRP A CH2  1 
ATOM 378  H H    . TRP A 1 26 ? 1.107   -0.045  9.973   1.00 1.11 ? 26 TRP A H    1 
ATOM 379  H HA   . TRP A 1 26 ? 2.736   -1.257  12.007  1.00 1.52 ? 26 TRP A HA   1 
ATOM 380  H HB2  . TRP A 1 26 ? 2.406   1.599   11.048  1.00 1.73 ? 26 TRP A HB2  1 
ATOM 381  H HB3  . TRP A 1 26 ? 1.642   1.458   12.600  1.00 1.81 ? 26 TRP A HB3  1 
ATOM 382  H HD1  . TRP A 1 26 ? 5.023   0.037   11.058  1.00 2.64 ? 26 TRP A HD1  1 
ATOM 383  H HE1  . TRP A 1 26 ? 6.696   0.002   12.978  1.00 3.02 ? 26 TRP A HE1  1 
ATOM 384  H HE3  . TRP A 1 26 ? 1.983   1.824   14.676  1.00 2.52 ? 26 TRP A HE3  1 
ATOM 385  H HZ2  . TRP A 1 26 ? 6.698   0.773   15.748  1.00 3.61 ? 26 TRP A HZ2  1 
ATOM 386  H HZ3  . TRP A 1 26 ? 2.769   2.156   16.951  1.00 4.05 ? 26 TRP A HZ3  1 
ATOM 387  H HH2  . TRP A 1 26 ? 5.162   1.654   17.520  1.00 4.37 ? 26 TRP A HH2  1 
ATOM 388  N N    . CYS A 1 27 ? -0.186  0.029   12.110  1.00 0.75 ? 27 CYS A N    1 
ATOM 389  C CA   . CYS A 1 27 ? -1.486  -0.251  12.587  1.00 0.93 ? 27 CYS A CA   1 
ATOM 390  C C    . CYS A 1 27 ? -2.394  -0.233  11.394  1.00 0.84 ? 27 CYS A C    1 
ATOM 391  O O    . CYS A 1 27 ? -2.178  0.476   10.402  1.00 0.95 ? 27 CYS A O    1 
ATOM 392  C CB   . CYS A 1 27 ? -1.991  0.886   13.451  1.00 1.51 ? 27 CYS A CB   1 
ATOM 393  S SG   . CYS A 1 27 ? -1.029  1.903   14.560  1.00 1.17 ? 27 CYS A SG   1 
ATOM 394  H H    . CYS A 1 27 ? -0.037  0.905   11.658  1.00 0.80 ? 27 CYS A H    1 
ATOM 395  H HA   . CYS A 1 27 ? -1.524  -1.221  13.086  1.00 1.24 ? 27 CYS A HA   1 
ATOM 396  H HB2  . CYS A 1 27 ? -2.350  1.640   12.751  1.00 2.22 ? 27 CYS A HB2  1 
ATOM 397  H HB3  . CYS A 1 27 ? -2.847  0.521   14.013  1.00 2.23 ? 27 CYS A HB3  1 
ATOM 398  N N    . ASP A 1 28 ? -3.478  -0.921  11.693  1.00 1.14 ? 28 ASP A N    1 
ATOM 399  C CA   . ASP A 1 28 ? -4.576  -0.853  10.800  1.00 1.45 ? 28 ASP A CA   1 
ATOM 400  C C    . ASP A 1 28 ? -5.826  -1.144  11.581  1.00 1.48 ? 28 ASP A C    1 
ATOM 401  O O    . ASP A 1 28 ? -6.301  -2.257  11.732  1.00 1.92 ? 28 ASP A O    1 
ATOM 402  C CB   . ASP A 1 28 ? -4.402  -1.860  9.679   1.00 2.20 ? 28 ASP A CB   1 
ATOM 403  C CG   . ASP A 1 28 ? -5.341  -1.338  8.574   1.00 2.87 ? 28 ASP A CG   1 
ATOM 404  O OD1  . ASP A 1 28 ? -4.998  -0.318  7.959   1.00 3.21 ? 28 ASP A OD1  1 
ATOM 405  O OD2  . ASP A 1 28 ? -6.439  -1.866  8.395   1.00 3.45 ? 28 ASP A OD2  1 
ATOM 406  H H    . ASP A 1 28 ? -3.560  -1.486  12.508  1.00 1.41 ? 28 ASP A H    1 
ATOM 407  H HA   . ASP A 1 28 ? -4.638  0.176   10.431  1.00 1.89 ? 28 ASP A HA   1 
ATOM 408  H HB2  . ASP A 1 28 ? -3.362  -1.901  9.351   1.00 2.43 ? 28 ASP A HB2  1 
ATOM 409  H HB3  . ASP A 1 28 ? -4.651  -2.868  10.030  1.00 2.57 ? 28 ASP A HB3  1 
ATOM 410  N N    . GLY A 1 29 ? -6.378  -0.030  12.058  1.00 1.56 ? 29 GLY A N    1 
ATOM 411  C CA   . GLY A 1 29 ? -7.811  -0.147  12.186  1.00 2.08 ? 29 GLY A CA   1 
ATOM 412  C C    . GLY A 1 29 ? -8.359  0.984   12.979  1.00 2.01 ? 29 GLY A C    1 
ATOM 413  O O    . GLY A 1 29 ? -9.359  1.577   12.603  1.00 2.25 ? 29 GLY A O    1 
ATOM 414  H H    . GLY A 1 29 ? -5.785  0.766   12.126  1.00 1.54 ? 29 GLY A H    1 
ATOM 415  H HA2  . GLY A 1 29 ? -8.209  -0.101  11.172  1.00 2.56 ? 29 GLY A HA2  1 
ATOM 416  H HA3  . GLY A 1 29 ? -8.092  -1.090  12.661  1.00 2.40 ? 29 GLY A HA3  1 
ATOM 417  N N    . PHE A 1 30 ? -7.617  1.302   14.049  1.00 1.76 ? 30 PHE A N    1 
ATOM 418  C CA   . PHE A 1 30 ? -8.193  2.233   15.014  1.00 1.75 ? 30 PHE A CA   1 
ATOM 419  C C    . PHE A 1 30 ? -7.191  3.260   15.526  1.00 1.37 ? 30 PHE A C    1 
ATOM 420  O O    . PHE A 1 30 ? -7.548  4.175   16.258  1.00 1.32 ? 30 PHE A O    1 
ATOM 421  C CB   . PHE A 1 30 ? -8.798  1.404   16.151  1.00 2.16 ? 30 PHE A CB   1 
ATOM 422  C CG   . PHE A 1 30 ? -7.845  0.390   16.744  1.00 2.35 ? 30 PHE A CG   1 
ATOM 423  C CD1  . PHE A 1 30 ? -6.586  0.738   17.242  1.00 2.41 ? 30 PHE A CD1  1 
ATOM 424  C CD2  . PHE A 1 30 ? -8.226  -0.946  16.792  1.00 2.97 ? 30 PHE A CD2  1 
ATOM 425  C CE1  . PHE A 1 30 ? -5.717  -0.227  17.725  1.00 2.76 ? 30 PHE A CE1  1 
ATOM 426  C CE2  . PHE A 1 30 ? -7.370  -1.910  17.302  1.00 3.38 ? 30 PHE A CE2  1 
ATOM 427  C CZ   . PHE A 1 30 ? -6.111  -1.553  17.759  1.00 3.15 ? 30 PHE A CZ   1 
ATOM 428  H H    . PHE A 1 30 ? -6.840  0.712   14.308  1.00 1.73 ? 30 PHE A H    1 
ATOM 429  H HA   . PHE A 1 30 ? -8.967  2.825   14.528  1.00 1.84 ? 30 PHE A HA   1 
ATOM 430  H HB2  . PHE A 1 30 ? -9.214  2.036   16.933  1.00 2.09 ? 30 PHE A HB2  1 
ATOM 431  H HB3  . PHE A 1 30 ? -9.641  0.860   15.721  1.00 2.55 ? 30 PHE A HB3  1 
ATOM 432  H HD1  . PHE A 1 30 ? -6.242  1.755   17.289  1.00 2.57 ? 30 PHE A HD1  1 
ATOM 433  H HD2  . PHE A 1 30 ? -9.200  -1.254  16.433  1.00 3.38 ? 30 PHE A HD2  1 
ATOM 434  H HE1  . PHE A 1 30 ? -4.729  0.042   18.070  1.00 3.03 ? 30 PHE A HE1  1 
ATOM 435  H HE2  . PHE A 1 30 ? -7.687  -2.941  17.336  1.00 4.05 ? 30 PHE A HE2  1 
ATOM 436  H HZ   . PHE A 1 30 ? -5.439  -2.309  18.138  1.00 3.55 ? 30 PHE A HZ   1 
ATOM 437  N N    . CYS A 1 31 ? -5.925  3.079   15.122  1.00 1.27 ? 31 CYS A N    1 
ATOM 438  C CA   . CYS A 1 31 ? -4.904  3.893   15.771  1.00 1.15 ? 31 CYS A CA   1 
ATOM 439  C C    . CYS A 1 31 ? -4.725  5.173   14.960  1.00 1.26 ? 31 CYS A C    1 
ATOM 440  O O    . CYS A 1 31 ? -4.649  6.291   15.458  1.00 1.38 ? 31 CYS A O    1 
ATOM 441  C CB   . CYS A 1 31 ? -3.604  3.093   15.916  1.00 1.26 ? 31 CYS A CB   1 
ATOM 442  S SG   . CYS A 1 31 ? -2.583  3.213   14.449  1.00 1.69 ? 31 CYS A SG   1 
ATOM 443  H H    . CYS A 1 31 ? -5.707  2.333   14.501  1.00 1.37 ? 31 CYS A H    1 
ATOM 444  H HA   . CYS A 1 31 ? -5.246  4.174   16.767  1.00 1.14 ? 31 CYS A HA   1 
ATOM 445  H HB2  . CYS A 1 31 ? -3.001  3.513   16.716  1.00 1.15 ? 31 CYS A HB2  1 
ATOM 446  H HB3  . CYS A 1 31 ? -3.812  2.052   16.170  1.00 1.40 ? 31 CYS A HB3  1 
ATOM 447  N N    . SER A 1 32 ? -4.694  4.953   13.638  1.00 1.47 ? 32 SER A N    1 
ATOM 448  C CA   . SER A 1 32 ? -4.425  6.083   12.787  1.00 1.72 ? 32 SER A CA   1 
ATOM 449  C C    . SER A 1 32 ? -5.172  5.888   11.483  1.00 2.11 ? 32 SER A C    1 
ATOM 450  O O    . SER A 1 32 ? -4.697  6.273   10.411  1.00 2.62 ? 32 SER A O    1 
ATOM 451  C CB   . SER A 1 32 ? -2.926  6.226   12.516  1.00 1.54 ? 32 SER A CB   1 
ATOM 452  O OG   . SER A 1 32 ? -1.968  5.513   13.283  1.00 1.90 ? 32 SER A OG   1 
ATOM 453  H H    . SER A 1 32 ? -4.719  4.017   13.292  1.00 1.52 ? 32 SER A H    1 
ATOM 454  H HA   . SER A 1 32 ? -4.804  6.997   13.245  1.00 1.86 ? 32 SER A HA   1 
ATOM 455  H HB2  . SER A 1 32 ? -2.780  6.030   11.480  1.00 1.61 ? 32 SER A HB2  1 
ATOM 456  H HB3  . SER A 1 32 ? -2.652  7.270   12.595  1.00 1.63 ? 32 SER A HB3  1 
ATOM 457  H HG   . SER A 1 32 ? -2.060  4.559   13.215  1.00 2.13 ? 32 SER A HG   1 
ATOM 458  N N    . SER A 1 33 ? -6.369  5.283   11.617  1.00 2.07 ? 33 SER A N    1 
ATOM 459  C CA   . SER A 1 33 ? -7.007  4.561   10.520  1.00 2.51 ? 33 SER A CA   1 
ATOM 460  C C    . SER A 1 33 ? -7.623  5.472   9.495   1.00 2.65 ? 33 SER A C    1 
ATOM 461  O O    . SER A 1 33 ? -8.684  5.214   8.945   1.00 3.23 ? 33 SER A O    1 
ATOM 462  C CB   . SER A 1 33 ? -8.215  3.848   11.112  1.00 2.96 ? 33 SER A CB   1 
ATOM 463  O OG   . SER A 1 33 ? -9.111  4.853   11.595  1.00 3.84 ? 33 SER A OG   1 
ATOM 464  H H    . SER A 1 33 ? -6.720  5.127   12.547  1.00 1.94 ? 33 SER A H    1 
ATOM 465  H HA   . SER A 1 33 ? -6.260  3.927   10.040  1.00 2.93 ? 33 SER A HA   1 
ATOM 466  H HB2  . SER A 1 33 ? -8.690  3.177   10.377  1.00 2.58 ? 33 SER A HB2  1 
ATOM 467  H HB3  . SER A 1 33 ? -7.898  3.234   11.946  1.00 3.56 ? 33 SER A HB3  1 
ATOM 468  H HG   . SER A 1 33 ? -9.556  5.238   10.848  1.00 4.34 ? 33 SER A HG   1 
ATOM 469  N N    . ARG A 1 34 ? -7.005  6.625   9.396   1.00 2.54 ? 34 ARG A N    1 
ATOM 470  C CA   . ARG A 1 34 ? -7.607  7.685   8.724   1.00 3.18 ? 34 ARG A CA   1 
ATOM 471  C C    . ARG A 1 34 ? -6.590  8.608   8.119   1.00 3.29 ? 34 ARG A C    1 
ATOM 472  O O    . ARG A 1 34 ? -6.910  9.719   7.722   1.00 4.09 ? 34 ARG A O    1 
ATOM 473  C CB   . ARG A 1 34 ? -8.167  8.517   9.830   1.00 3.85 ? 34 ARG A CB   1 
ATOM 474  C CG   . ARG A 1 34 ? -9.653  8.385   9.877   1.00 3.68 ? 34 ARG A CG   1 
ATOM 475  C CD   . ARG A 1 34 ? -10.165 9.771   9.515   1.00 3.80 ? 34 ARG A CD   1 
ATOM 476  N NE   . ARG A 1 34 ? -10.433 10.327  10.798  1.00 3.86 ? 34 ARG A NE   1 
ATOM 477  C CZ   . ARG A 1 34 ? -11.672 10.305  11.256  1.00 4.39 ? 34 ARG A CZ   1 
ATOM 478  N NH1  . ARG A 1 34 ? -12.510 9.344   10.845  1.00 4.85 ? 34 ARG A NH1  1 
ATOM 479  N NH2  . ARG A 1 34 ? -11.963 11.288  12.087  1.00 4.76 ? 34 ARG A NH2  1 
ATOM 480  H H    . ARG A 1 34 ? -6.296  6.942   10.010  1.00 2.38 ? 34 ARG A H    1 
ATOM 481  H HA   . ARG A 1 34 ? -8.304  7.206   8.046   1.00 3.47 ? 34 ARG A HA   1 
ATOM 482  H HB2  . ARG A 1 34 ? -7.713  8.260   10.777  1.00 3.90 ? 34 ARG A HB2  1 
ATOM 483  H HB3  . ARG A 1 34 ? -7.855  9.562   9.777   1.00 4.81 ? 34 ARG A HB3  1 
ATOM 484  H HG2  . ARG A 1 34 ? -10.082 7.553   9.321   1.00 3.78 ? 34 ARG A HG2  1 
ATOM 485  H HG3  . ARG A 1 34 ? -9.879  8.092   10.899  1.00 3.97 ? 34 ARG A HG3  1 
ATOM 486  H HD2  . ARG A 1 34 ? -9.437  10.475  9.093   1.00 3.82 ? 34 ARG A HD2  1 
ATOM 487  H HD3  . ARG A 1 34 ? -11.028 9.825   8.855   1.00 4.36 ? 34 ARG A HD3  1 
ATOM 488  H HE   . ARG A 1 34 ? -9.660  10.563  11.390  1.00 3.75 ? 34 ARG A HE   1 
ATOM 489  H HH11 . ARG A 1 34 ? -12.143 8.577   10.298  1.00 4.85 ? 34 ARG A HH11 1 
ATOM 490  H HH12 . ARG A 1 34 ? -13.479 9.319   11.086  1.00 5.40 ? 34 ARG A HH12 1 
ATOM 491  H HH21 . ARG A 1 34 ? -11.245 11.961  12.280  1.00 4.71 ? 34 ARG A HH21 1 
ATOM 492  H HH22 . ARG A 1 34 ? -12.851 11.413  12.524  1.00 5.29 ? 34 ARG A HH22 1 
ATOM 493  N N    . GLY A 1 35 ? -5.386  8.124   8.241   1.00 2.64 ? 35 GLY A N    1 
ATOM 494  C CA   . GLY A 1 35 ? -4.432  8.879   7.517   1.00 2.84 ? 35 GLY A CA   1 
ATOM 495  C C    . GLY A 1 35 ? -4.241  7.965   6.352   1.00 1.87 ? 35 GLY A C    1 
ATOM 496  O O    . GLY A 1 35 ? -4.530  8.207   5.200   1.00 1.41 ? 35 GLY A O    1 
ATOM 497  H H    . GLY A 1 35 ? -5.271  7.130   8.327   1.00 2.19 ? 35 GLY A H    1 
ATOM 498  H HA2  . GLY A 1 35 ? -4.746  9.868   7.177   1.00 3.41 ? 35 GLY A HA2  1 
ATOM 499  H HA3  . GLY A 1 35 ? -3.585  8.961   8.194   1.00 3.39 ? 35 GLY A HA3  1 
ATOM 500  N N    . LYS A 1 36 ? -3.607  6.915   6.816   1.00 1.64 ? 36 LYS A N    1 
ATOM 501  C CA   . LYS A 1 36 ? -2.331  6.668   6.236   1.00 1.11 ? 36 LYS A CA   1 
ATOM 502  C C    . LYS A 1 36 ? -2.007  5.368   6.887   1.00 1.01 ? 36 LYS A C    1 
ATOM 503  O O    . LYS A 1 36 ? -2.908  4.695   7.353   1.00 1.36 ? 36 LYS A O    1 
ATOM 504  C CB   . LYS A 1 36 ? -1.546  7.833   6.845   1.00 1.78 ? 36 LYS A CB   1 
ATOM 505  C CG   . LYS A 1 36 ? -0.087  8.062   6.575   1.00 1.63 ? 36 LYS A CG   1 
ATOM 506  C CD   . LYS A 1 36 ? 0.322   9.072   7.623   1.00 2.40 ? 36 LYS A CD   1 
ATOM 507  C CE   . LYS A 1 36 ? 1.543   9.785   7.159   1.00 3.18 ? 36 LYS A CE   1 
ATOM 508  N NZ   . LYS A 1 36 ? 1.300   11.110  7.670   1.00 3.74 ? 36 LYS A NZ   1 
ATOM 509  H H    . LYS A 1 36 ? -3.658  6.617   7.773   1.00 1.99 ? 36 LYS A H    1 
ATOM 510  H HA   . LYS A 1 36 ? -2.417  6.614   5.149   1.00 0.94 ? 36 LYS A HA   1 
ATOM 511  H HB2  . LYS A 1 36 ? -1.975  8.760   6.456   1.00 2.47 ? 36 LYS A HB2  1 
ATOM 512  H HB3  . LYS A 1 36 ? -1.731  7.841   7.923   1.00 2.52 ? 36 LYS A HB3  1 
ATOM 513  H HG2  . LYS A 1 36 ? 0.613   7.237   6.558   1.00 1.43 ? 36 LYS A HG2  1 
ATOM 514  H HG3  . LYS A 1 36 ? -0.037  8.501   5.577   1.00 2.28 ? 36 LYS A HG3  1 
ATOM 515  H HD2  . LYS A 1 36 ? -0.533  9.729   7.817   1.00 2.51 ? 36 LYS A HD2  1 
ATOM 516  H HD3  . LYS A 1 36 ? 0.552   8.713   8.610   1.00 3.07 ? 36 LYS A HD3  1 
ATOM 517  H HE2  . LYS A 1 36 ? 2.446   9.345   7.590   1.00 3.30 ? 36 LYS A HE2  1 
ATOM 518  H HE3  . LYS A 1 36 ? 1.622   9.803   6.069   1.00 3.77 ? 36 LYS A HE3  1 
ATOM 519  H HZ1  . LYS A 1 36 ? 0.385   11.076  8.158   1.00 3.43 ? 36 LYS A HZ1  1 
ATOM 520  H HZ2  . LYS A 1 36 ? 2.039   11.374  8.349   1.00 4.38 ? 36 LYS A HZ2  1 
ATOM 521  H HZ3  . LYS A 1 36 ? 1.234   11.755  6.858   1.00 4.14 ? 36 LYS A HZ3  1 
ATOM 522  N N    . ARG A 1 37 ? -0.697  5.222   7.057   1.00 1.07 ? 37 ARG A N    1 
ATOM 523  C CA   . ARG A 1 37 ? 0.054   4.234   7.821   1.00 1.40 ? 37 ARG A CA   1 
ATOM 524  C C    . ARG A 1 37 ? 1.470   4.159   7.363   1.00 1.18 ? 37 ARG A C    1 
ATOM 525  O O    . ARG A 1 37 ? 2.364   3.781   8.111   1.00 1.32 ? 37 ARG A O    1 
ATOM 526  C CB   . ARG A 1 37 ? -0.710  3.008   8.444   1.00 2.50 ? 37 ARG A CB   1 
ATOM 527  C CG   . ARG A 1 37 ? -0.644  3.163   9.953   1.00 3.53 ? 37 ARG A CG   1 
ATOM 528  C CD   . ARG A 1 37 ? -1.803  4.131   10.241  1.00 4.40 ? 37 ARG A CD   1 
ATOM 529  N NE   . ARG A 1 37 ? -1.333  5.470   9.942   1.00 5.23 ? 37 ARG A NE   1 
ATOM 530  C CZ   . ARG A 1 37 ? -0.256  5.980   10.541  1.00 5.93 ? 37 ARG A CZ   1 
ATOM 531  N NH1  . ARG A 1 37 ? 0.065   5.659   11.775  1.00 6.50 ? 37 ARG A NH1  1 
ATOM 532  N NH2  . ARG A 1 37 ? 0.463   6.739   9.744   1.00 6.32 ? 37 ARG A NH2  1 
ATOM 533  H H    . ARG A 1 37 ? -0.125  5.816   6.515   1.00 1.25 ? 37 ARG A H    1 
ATOM 534  H HA   . ARG A 1 37 ? 0.424   4.815   8.597   1.00 1.56 ? 37 ARG A HA   1 
ATOM 535  H HB2  . ARG A 1 37 ? -1.732  3.016   8.089   1.00 2.99 ? 37 ARG A HB2  1 
ATOM 536  H HB3  . ARG A 1 37 ? -0.539  1.982   8.158   1.00 2.54 ? 37 ARG A HB3  1 
ATOM 537  H HG2  . ARG A 1 37 ? -0.553  2.287   10.590  1.00 3.69 ? 37 ARG A HG2  1 
ATOM 538  H HG3  . ARG A 1 37 ? 0.346   3.573   10.153  1.00 3.94 ? 37 ARG A HG3  1 
ATOM 539  H HD2  . ARG A 1 37 ? -2.595  4.055   9.508   1.00 4.69 ? 37 ARG A HD2  1 
ATOM 540  H HD3  . ARG A 1 37 ? -2.427  3.981   11.104  1.00 4.51 ? 37 ARG A HD3  1 
ATOM 541  H HE   . ARG A 1 37 ? -1.504  5.699   8.993   1.00 5.40 ? 37 ARG A HE   1 
ATOM 542  H HH11 . ARG A 1 37 ? -0.551  5.978   12.505  1.00 7.15 ? 37 ARG A HH11 1 
ATOM 543  H HH12 . ARG A 1 37 ? 0.824   5.060   12.025  1.00 6.43 ? 37 ARG A HH12 1 
ATOM 544  H HH21 . ARG A 1 37 ? 0.024   7.567   9.424   1.00 7.02 ? 37 ARG A HH21 1 
ATOM 545  H HH22 . ARG A 1 37 ? 1.355   6.456   9.382   1.00 6.07 ? 37 ARG A HH22 1 
ATOM 546  N N    . ILE A 1 38 ? 1.546   4.459   6.060   1.00 1.55 ? 38 ILE A N    1 
ATOM 547  C CA   . ILE A 1 38 ? 1.885   3.367   5.192   1.00 1.99 ? 38 ILE A CA   1 
ATOM 548  C C    . ILE A 1 38 ? 2.849   3.866   4.195   1.00 1.81 ? 38 ILE A C    1 
ATOM 549  O O    . ILE A 1 38 ? 2.822   4.996   3.713   1.00 1.93 ? 38 ILE A O    1 
ATOM 550  C CB   . ILE A 1 38 ? 0.619   2.615   4.567   1.00 2.94 ? 38 ILE A CB   1 
ATOM 551  C CG1  . ILE A 1 38 ? -0.528  2.403   5.550   1.00 3.89 ? 38 ILE A CG1  1 
ATOM 552  C CG2  . ILE A 1 38 ? 0.805   1.211   4.000   1.00 3.20 ? 38 ILE A CG2  1 
ATOM 553  C CD1  . ILE A 1 38 ? -1.994  2.142   5.309   1.00 4.38 ? 38 ILE A CD1  1 
ATOM 554  H H    . ILE A 1 38 ? 1.019   5.124   5.558   1.00 1.85 ? 38 ILE A H    1 
ATOM 555  H HA   . ILE A 1 38 ? 2.583   2.827   5.801   1.00 2.07 ? 38 ILE A HA   1 
ATOM 556  H HB   . ILE A 1 38 ? 0.283   3.282   3.780   1.00 3.13 ? 38 ILE A HB   1 
ATOM 557  H HG12 . ILE A 1 38 ? -0.311  1.639   6.269   1.00 4.25 ? 38 ILE A HG12 1 
ATOM 558  H HG13 . ILE A 1 38 ? -0.602  3.368   5.897   1.00 4.30 ? 38 ILE A HG13 1 
ATOM 559  H HG21 . ILE A 1 38 ? 1.787   1.001   3.624   1.00 3.62 ? 38 ILE A HG21 1 
ATOM 560  H HG22 . ILE A 1 38 ? 0.538   0.384   4.651   1.00 3.75 ? 38 ILE A HG22 1 
ATOM 561  H HG23 . ILE A 1 38 ? 0.026   1.048   3.294   1.00 2.95 ? 38 ILE A HG23 1 
ATOM 562  H HD11 . ILE A 1 38 ? -2.220  1.706   4.348   1.00 4.45 ? 38 ILE A HD11 1 
ATOM 563  H HD12 . ILE A 1 38 ? -2.338  1.462   6.101   1.00 4.45 ? 38 ILE A HD12 1 
ATOM 564  H HD13 . ILE A 1 38 ? -2.573  3.048   5.483   1.00 4.98 ? 38 ILE A HD13 1 
ATOM 565  N N    . ASP A 1 39 ? 3.756   2.905   4.105   1.00 1.50 ? 39 ASP A N    1 
ATOM 566  C CA   . ASP A 1 39 ? 4.904   2.879   3.326   1.00 1.45 ? 39 ASP A CA   1 
ATOM 567  C C    . ASP A 1 39 ? 4.554   1.700   2.470   1.00 1.40 ? 39 ASP A C    1 
ATOM 568  O O    . ASP A 1 39 ? 3.697   0.879   2.738   1.00 1.79 ? 39 ASP A O    1 
ATOM 569  C CB   . ASP A 1 39 ? 6.148   2.771   4.221   1.00 1.59 ? 39 ASP A CB   1 
ATOM 570  C CG   . ASP A 1 39 ? 6.835   1.396   4.419   1.00 1.75 ? 39 ASP A CG   1 
ATOM 571  O OD1  . ASP A 1 39 ? 6.204   0.344   4.543   1.00 2.04 ? 39 ASP A OD1  1 
ATOM 572  O OD2  . ASP A 1 39 ? 8.060   1.417   4.467   1.00 2.30 ? 39 ASP A OD2  1 
ATOM 573  H H    . ASP A 1 39 ? 3.578   1.993   4.495   1.00 1.38 ? 39 ASP A H    1 
ATOM 574  H HA   . ASP A 1 39 ? 4.900   3.809   2.750   1.00 1.55 ? 39 ASP A HA   1 
ATOM 575  H HB2  . ASP A 1 39 ? 6.887   3.411   3.748   1.00 1.71 ? 39 ASP A HB2  1 
ATOM 576  H HB3  . ASP A 1 39 ? 5.936   3.211   5.196   1.00 1.82 ? 39 ASP A HB3  1 
ATOM 577  N N    . LEU A 1 40 ? 5.141   1.848   1.345   1.00 1.42 ? 40 LEU A N    1 
ATOM 578  C CA   . LEU A 1 40 ? 4.684   1.174   0.192   1.00 1.49 ? 40 LEU A CA   1 
ATOM 579  C C    . LEU A 1 40 ? 5.936   1.188   -0.576  1.00 1.43 ? 40 LEU A C    1 
ATOM 580  O O    . LEU A 1 40 ? 6.864   1.941   -0.299  1.00 1.84 ? 40 LEU A O    1 
ATOM 581  C CB   . LEU A 1 40 ? 3.634   1.986   -0.596  1.00 2.02 ? 40 LEU A CB   1 
ATOM 582  C CG   . LEU A 1 40 ? 4.025   3.480   -0.563  1.00 2.79 ? 40 LEU A CG   1 
ATOM 583  C CD1  . LEU A 1 40 ? 4.901   3.891   -1.709  1.00 3.50 ? 40 LEU A CD1  1 
ATOM 584  C CD2  . LEU A 1 40 ? 2.902   4.425   -0.376  1.00 3.33 ? 40 LEU A CD2  1 
ATOM 585  H H    . LEU A 1 40 ? 5.841   2.552   1.236   1.00 1.66 ? 40 LEU A H    1 
ATOM 586  H HA   . LEU A 1 40 ? 4.421   0.160   0.473   1.00 1.52 ? 40 LEU A HA   1 
ATOM 587  H HB2  . LEU A 1 40 ? 3.548   1.614   -1.622  1.00 2.32 ? 40 LEU A HB2  1 
ATOM 588  H HB3  . LEU A 1 40 ? 2.632   1.825   -0.214  1.00 2.14 ? 40 LEU A HB3  1 
ATOM 589  H HG   . LEU A 1 40 ? 4.583   3.723   0.327   1.00 3.14 ? 40 LEU A HG   1 
ATOM 590  H HD11 . LEU A 1 40 ? 4.221   3.834   -2.550  1.00 3.88 ? 40 LEU A HD11 1 
ATOM 591  H HD12 . LEU A 1 40 ? 5.566   4.610   -1.230  1.00 4.02 ? 40 LEU A HD12 1 
ATOM 592  H HD13 . LEU A 1 40 ? 4.787   4.890   -2.126  1.00 3.67 ? 40 LEU A HD13 1 
ATOM 593  H HD21 . LEU A 1 40 ? 1.985   3.859   -0.253  1.00 3.58 ? 40 LEU A HD21 1 
ATOM 594  H HD22 . LEU A 1 40 ? 3.086   4.997   0.539   1.00 3.87 ? 40 LEU A HD22 1 
ATOM 595  H HD23 . LEU A 1 40 ? 2.818   5.164   -1.173  1.00 3.51 ? 40 LEU A HD23 1 
ATOM 596  N N    . GLY A 1 41 ? 5.862   0.320   -1.537  1.00 1.11 ? 41 GLY A N    1 
ATOM 597  C CA   . GLY A 1 41 ? 6.974   0.276   -2.410  1.00 1.17 ? 41 GLY A CA   1 
ATOM 598  C C    . GLY A 1 41 ? 6.465   -0.391  -3.622  1.00 0.86 ? 41 GLY A C    1 
ATOM 599  O O    . GLY A 1 41 ? 5.278   -0.659  -3.772  1.00 0.89 ? 41 GLY A O    1 
ATOM 600  H H    . GLY A 1 41 ? 5.065   -0.287  -1.626  1.00 1.06 ? 41 GLY A H    1 
ATOM 601  H HA2  . GLY A 1 41 ? 7.308   1.286   -2.662  1.00 1.55 ? 41 GLY A HA2  1 
ATOM 602  H HA3  . GLY A 1 41 ? 7.757   -0.301  -1.925  1.00 1.42 ? 41 GLY A HA3  1 
ATOM 603  N N    . CYS A 1 42 ? 7.471   -0.569  -4.443  1.00 0.81 ? 42 CYS A N    1 
ATOM 604  C CA   . CYS A 1 42 ? 7.435   -1.299  -5.657  1.00 0.75 ? 42 CYS A CA   1 
ATOM 605  C C    . CYS A 1 42 ? 8.094   -2.541  -5.228  1.00 1.18 ? 42 CYS A C    1 
ATOM 606  O O    . CYS A 1 42 ? 9.261   -2.609  -4.874  1.00 1.71 ? 42 CYS A O    1 
ATOM 607  C CB   . CYS A 1 42 ? 8.297   -0.584  -6.676  1.00 0.71 ? 42 CYS A CB   1 
ATOM 608  S SG   . CYS A 1 42 ? 8.247   1.187   -6.319  1.00 1.31 ? 42 CYS A SG   1 
ATOM 609  H H    . CYS A 1 42 ? 8.395   -0.415  -4.099  1.00 1.02 ? 42 CYS A H    1 
ATOM 610  H HA   . CYS A 1 42 ? 6.395   -1.496  -5.911  1.00 0.67 ? 42 CYS A HA   1 
ATOM 611  H HB2  . CYS A 1 42 ? 9.342   -0.871  -6.569  1.00 1.06 ? 42 CYS A HB2  1 
ATOM 612  H HB3  . CYS A 1 42 ? 7.988   -0.839  -7.689  1.00 1.27 ? 42 CYS A HB3  1 
ATOM 613  N N    . ALA A 1 43 ? 7.124   -3.381  -5.066  1.00 1.04 ? 43 ALA A N    1 
ATOM 614  C CA   . ALA A 1 43 ? 7.356   -4.669  -4.622  1.00 1.41 ? 43 ALA A CA   1 
ATOM 615  C C    . ALA A 1 43 ? 8.622   -5.369  -4.941  1.00 1.02 ? 43 ALA A C    1 
ATOM 616  O O    . ALA A 1 43 ? 9.469   -5.045  -5.755  1.00 1.41 ? 43 ALA A O    1 
ATOM 617  C CB   . ALA A 1 43 ? 6.434   -5.440  -5.472  1.00 2.45 ? 43 ALA A CB   1 
ATOM 618  H H    . ALA A 1 43 ? 6.174   -3.177  -5.310  1.00 0.84 ? 43 ALA A H    1 
ATOM 619  H HA   . ALA A 1 43 ? 7.141   -4.669  -3.548  1.00 1.94 ? 43 ALA A HA   1 
ATOM 620  H HB1  . ALA A 1 43 ? 5.771   -4.842  -6.058  1.00 2.55 ? 43 ALA A HB1  1 
ATOM 621  H HB2  . ALA A 1 43 ? 6.824   -6.201  -6.167  1.00 2.99 ? 43 ALA A HB2  1 
ATOM 622  H HB3  . ALA A 1 43 ? 5.965   -5.856  -4.613  1.00 2.99 ? 43 ALA A HB3  1 
ATOM 623  N N    . ALA A 1 44 ? 8.456   -6.523  -4.304  1.00 1.22 ? 44 ALA A N    1 
ATOM 624  C CA   . ALA A 1 44 ? 9.448   -7.500  -4.498  1.00 1.93 ? 44 ALA A CA   1 
ATOM 625  C C    . ALA A 1 44 ? 9.115   -8.770  -3.765  1.00 2.07 ? 44 ALA A C    1 
ATOM 626  O O    . ALA A 1 44 ? 10.055  -9.417  -3.365  1.00 2.68 ? 44 ALA A O    1 
ATOM 627  C CB   . ALA A 1 44 ? 10.697  -6.905  -3.832  1.00 2.63 ? 44 ALA A CB   1 
ATOM 628  H H    . ALA A 1 44 ? 7.635   -6.637  -3.758  1.00 1.39 ? 44 ALA A H    1 
ATOM 629  H HA   . ALA A 1 44 ? 9.514   -7.692  -5.573  1.00 2.24 ? 44 ALA A HA   1 
ATOM 630  H HB1  . ALA A 1 44 ? 10.387  -6.287  -2.986  1.00 2.80 ? 44 ALA A HB1  1 
ATOM 631  H HB2  . ALA A 1 44 ? 11.411  -7.633  -3.465  1.00 3.21 ? 44 ALA A HB2  1 
ATOM 632  H HB3  . ALA A 1 44 ? 11.209  -6.260  -4.541  1.00 2.98 ? 44 ALA A HB3  1 
ATOM 633  N N    . THR A 1 45 ? 7.850   -9.157  -3.528  1.00 1.75 ? 45 THR A N    1 
ATOM 634  C CA   . THR A 1 45 ? 7.442   -10.392 -2.828  1.00 1.85 ? 45 THR A CA   1 
ATOM 635  C C    . THR A 1 45 ? 6.670   -9.973  -1.551  1.00 1.64 ? 45 THR A C    1 
ATOM 636  O O    . THR A 1 45 ? 7.232   -9.278  -0.719  1.00 1.62 ? 45 THR A O    1 
ATOM 637  C CB   . THR A 1 45 ? 8.542   -11.453 -2.380  1.00 2.11 ? 45 THR A CB   1 
ATOM 638  O OG1  . THR A 1 45 ? 9.813   -11.662 -2.950  1.00 2.32 ? 45 THR A OG1  1 
ATOM 639  C CG2  . THR A 1 45 ? 8.079   -12.865 -2.689  1.00 3.16 ? 45 THR A CG2  1 
ATOM 640  H H    . THR A 1 45 ? 7.181   -8.489  -3.842  1.00 1.67 ? 45 THR A H    1 
ATOM 641  H HA   . THR A 1 45 ? 6.734   -10.861 -3.509  1.00 1.93 ? 45 THR A HA   1 
ATOM 642  H HB   . THR A 1 45 ? 8.748   -11.336 -1.312  1.00 1.90 ? 45 THR A HB   1 
ATOM 643  H HG1  . THR A 1 45 ? 9.960   -11.118 -3.722  1.00 2.45 ? 45 THR A HG1  1 
ATOM 644  H HG21 . THR A 1 45 ? 7.134   -13.097 -2.212  1.00 3.71 ? 45 THR A HG21 1 
ATOM 645  H HG22 . THR A 1 45 ? 7.974   -12.971 -3.772  1.00 3.65 ? 45 THR A HG22 1 
ATOM 646  H HG23 . THR A 1 45 ? 8.830   -13.594 -2.369  1.00 3.28 ? 45 THR A HG23 1 
ATOM 647  N N    . CYS A 1 46 ? 5.423   -10.479 -1.371  1.00 1.66 ? 46 CYS A N    1 
ATOM 648  C CA   . CYS A 1 46 ? 4.848   -10.459 -0.013  1.00 1.55 ? 46 CYS A CA   1 
ATOM 649  C C    . CYS A 1 46 ? 4.879   -11.870 0.492   1.00 1.62 ? 46 CYS A C    1 
ATOM 650  O O    . CYS A 1 46 ? 4.072   -12.723 0.134   1.00 1.88 ? 46 CYS A O    1 
ATOM 651  C CB   . CYS A 1 46 ? 3.391   -10.058 0.140   1.00 1.71 ? 46 CYS A CB   1 
ATOM 652  S SG   . CYS A 1 46 ? 3.241   -8.359  0.719   1.00 1.82 ? 46 CYS A SG   1 
ATOM 653  H H    . CYS A 1 46 ? 5.021   -11.082 -2.056  1.00 1.84 ? 46 CYS A H    1 
ATOM 654  H HA   . CYS A 1 46 ? 5.414   -9.781  0.620   1.00 1.46 ? 46 CYS A HA   1 
ATOM 655  H HB2  . CYS A 1 46 ? 2.928   -10.243 -0.819  1.00 1.60 ? 46 CYS A HB2  1 
ATOM 656  H HB3  . CYS A 1 46 ? 2.820   -10.655 0.856   1.00 2.26 ? 46 CYS A HB3  1 
ATOM 657  N N    . PRO A 1 47 ? 5.835   -12.126 1.391   1.00 2.01 ? 47 PRO A N    1 
ATOM 658  C CA   . PRO A 1 47 ? 5.821   -13.388 2.040   1.00 2.14 ? 47 PRO A CA   1 
ATOM 659  C C    . PRO A 1 47 ? 4.865   -13.244 3.248   1.00 1.62 ? 47 PRO A C    1 
ATOM 660  O O    . PRO A 1 47 ? 3.873   -12.531 3.280   1.00 2.09 ? 47 PRO A O    1 
ATOM 661  C CB   . PRO A 1 47 ? 7.295   -13.553 2.417   1.00 3.18 ? 47 PRO A CB   1 
ATOM 662  C CG   . PRO A 1 47 ? 7.772   -12.126 2.698   1.00 3.57 ? 47 PRO A CG   1 
ATOM 663  C CD   . PRO A 1 47 ? 6.919   -11.248 1.792   1.00 2.80 ? 47 PRO A CD   1 
ATOM 664  H HA   . PRO A 1 47 ? 5.517   -14.160 1.336   1.00 2.35 ? 47 PRO A HA   1 
ATOM 665  H HB2  . PRO A 1 47 ? 7.524   -14.256 3.213   1.00 3.35 ? 47 PRO A HB2  1 
ATOM 666  H HB3  . PRO A 1 47 ? 7.804   -13.936 1.532   1.00 3.75 ? 47 PRO A HB3  1 
ATOM 667  H HG2  . PRO A 1 47 ? 7.578   -11.849 3.735   1.00 3.76 ? 47 PRO A HG2  1 
ATOM 668  H HG3  . PRO A 1 47 ? 8.833   -11.996 2.491   1.00 4.38 ? 47 PRO A HG3  1 
ATOM 669  H HD2  . PRO A 1 47 ? 6.532   -10.371 2.314   1.00 2.73 ? 47 PRO A HD2  1 
ATOM 670  H HD3  . PRO A 1 47 ? 7.479   -10.939 0.912   1.00 3.18 ? 47 PRO A HD3  1 
ATOM 671  N N    . LYS A 1 48 ? 5.282   -13.964 4.272   1.00 1.56 ? 48 LYS A N    1 
ATOM 672  C CA   . LYS A 1 48 ? 4.414   -14.389 5.345   1.00 1.83 ? 48 LYS A CA   1 
ATOM 673  C C    . LYS A 1 48 ? 5.315   -14.489 6.552   1.00 1.79 ? 48 LYS A C    1 
ATOM 674  O O    . LYS A 1 48 ? 5.574   -15.542 7.106   1.00 2.18 ? 48 LYS A O    1 
ATOM 675  C CB   . LYS A 1 48 ? 3.771   -15.737 5.154   1.00 2.72 ? 48 LYS A CB   1 
ATOM 676  C CG   . LYS A 1 48 ? 4.490   -16.517 4.094   1.00 3.04 ? 48 LYS A CG   1 
ATOM 677  C CD   . LYS A 1 48 ? 3.890   -16.261 2.715   1.00 3.25 ? 48 LYS A CD   1 
ATOM 678  C CE   . LYS A 1 48 ? 4.138   -17.499 1.897   1.00 3.99 ? 48 LYS A CE   1 
ATOM 679  N NZ   . LYS A 1 48 ? 5.581   -17.761 1.874   1.00 4.30 ? 48 LYS A NZ   1 
ATOM 680  H H    . LYS A 1 48 ? 6.195   -14.354 4.261   1.00 2.02 ? 48 LYS A H    1 
ATOM 681  H HA   . LYS A 1 48 ? 3.565   -13.730 5.381   1.00 2.07 ? 48 LYS A HA   1 
ATOM 682  H HB2  . LYS A 1 48 ? 3.757   -16.325 6.072   1.00 3.33 ? 48 LYS A HB2  1 
ATOM 683  H HB3  . LYS A 1 48 ? 2.709   -15.609 4.942   1.00 3.13 ? 48 LYS A HB3  1 
ATOM 684  H HG2  . LYS A 1 48 ? 5.569   -16.344 4.117   1.00 3.32 ? 48 LYS A HG2  1 
ATOM 685  H HG3  . LYS A 1 48 ? 4.369   -17.560 4.374   1.00 3.48 ? 48 LYS A HG3  1 
ATOM 686  H HD2  . LYS A 1 48 ? 2.833   -15.982 2.765   1.00 3.49 ? 48 LYS A HD2  1 
ATOM 687  H HD3  . LYS A 1 48 ? 4.344   -15.433 2.206   1.00 3.08 ? 48 LYS A HD3  1 
ATOM 688  H HE2  . LYS A 1 48 ? 3.634   -18.333 2.391   1.00 4.38 ? 48 LYS A HE2  1 
ATOM 689  H HE3  . LYS A 1 48 ? 3.755   -17.400 0.883   1.00 4.35 ? 48 LYS A HE3  1 
ATOM 690  H HZ1  . LYS A 1 48 ? 6.069   -17.108 2.521   1.00 4.11 ? 48 LYS A HZ1  1 
ATOM 691  H HZ2  . LYS A 1 48 ? 5.762   -18.733 2.201   1.00 4.68 ? 48 LYS A HZ2  1 
ATOM 692  H HZ3  . LYS A 1 48 ? 5.958   -17.635 0.911   1.00 4.75 ? 48 LYS A HZ3  1 
ATOM 693  N N    . VAL A 1 49 ? 5.832   -13.336 6.882   1.00 1.54 ? 49 VAL A N    1 
ATOM 694  C CA   . VAL A 1 49 ? 6.462   -13.235 8.152   1.00 1.76 ? 49 VAL A CA   1 
ATOM 695  C C    . VAL A 1 49 ? 5.878   -11.930 8.513   1.00 1.78 ? 49 VAL A C    1 
ATOM 696  O O    . VAL A 1 49 ? 5.999   -11.004 7.729   1.00 2.47 ? 49 VAL A O    1 
ATOM 697  C CB   . VAL A 1 49 ? 7.961   -13.159 7.864   1.00 2.27 ? 49 VAL A CB   1 
ATOM 698  C CG1  . VAL A 1 49 ? 8.762   -13.589 9.082   1.00 2.58 ? 49 VAL A CG1  1 
ATOM 699  C CG2  . VAL A 1 49 ? 8.362   -14.017 6.652   1.00 2.70 ? 49 VAL A CG2  1 
ATOM 700  H H    . VAL A 1 49 ? 5.871   -12.482 6.357   1.00 1.40 ? 49 VAL A H    1 
ATOM 701  H HA   . VAL A 1 49 ? 6.127   -14.026 8.837   1.00 1.86 ? 49 VAL A HA   1 
ATOM 702  H HB   . VAL A 1 49 ? 8.224   -12.128 7.614   1.00 2.93 ? 49 VAL A HB   1 
ATOM 703  H HG11 . VAL A 1 49 ? 8.335   -14.485 9.534   1.00 2.43 ? 49 VAL A HG11 1 
ATOM 704  H HG12 . VAL A 1 49 ? 9.783   -13.820 8.783   1.00 3.05 ? 49 VAL A HG12 1 
ATOM 705  H HG13 . VAL A 1 49 ? 8.794   -12.793 9.825   1.00 3.15 ? 49 VAL A HG13 1 
ATOM 706  H HG21 . VAL A 1 49 ? 8.093   -15.061 6.818   1.00 3.00 ? 49 VAL A HG21 1 
ATOM 707  H HG22 . VAL A 1 49 ? 7.912   -13.682 5.716   1.00 3.13 ? 49 VAL A HG22 1 
ATOM 708  H HG23 . VAL A 1 49 ? 9.437   -13.963 6.505   1.00 3.02 ? 49 VAL A HG23 1 
ATOM 709  N N    . LYS A 1 50 ? 5.098   -11.879 9.564   1.00 1.60 ? 50 LYS A N    1 
ATOM 710  C CA   . LYS A 1 50 ? 4.812   -10.527 9.993   1.00 2.02 ? 50 LYS A CA   1 
ATOM 711  C C    . LYS A 1 50 ? 4.423   -10.763 11.381  1.00 1.84 ? 50 LYS A C    1 
ATOM 712  O O    . LYS A 1 50 ? 3.723   -11.724 11.679  1.00 2.03 ? 50 LYS A O    1 
ATOM 713  C CB   . LYS A 1 50 ? 3.646   -9.701  9.437   1.00 2.63 ? 50 LYS A CB   1 
ATOM 714  C CG   . LYS A 1 50 ? 2.794   -10.525 8.553   1.00 3.26 ? 50 LYS A CG   1 
ATOM 715  C CD   . LYS A 1 50 ? 3.010   -10.133 7.083   1.00 4.16 ? 50 LYS A CD   1 
ATOM 716  C CE   . LYS A 1 50 ? 2.438   -11.271 6.241   1.00 4.76 ? 50 LYS A CE   1 
ATOM 717  N NZ   . LYS A 1 50 ? 3.619   -12.021 6.626   1.00 5.71 ? 50 LYS A NZ   1 
ATOM 718  H H    . LYS A 1 50 ? 4.797   -12.637 10.159  1.00 1.68 ? 50 LYS A H    1 
ATOM 719  H HA   . LYS A 1 50 ? 5.728   -9.967  9.830   1.00 2.38 ? 50 LYS A HA   1 
ATOM 720  H HB2  . LYS A 1 50 ? 2.963   -9.302  10.200  1.00 2.65 ? 50 LYS A HB2  1 
ATOM 721  H HB3  . LYS A 1 50 ? 4.006   -8.785  8.965   1.00 3.16 ? 50 LYS A HB3  1 
ATOM 722  H HG2  . LYS A 1 50 ? 2.960   -11.581 8.755   1.00 3.52 ? 50 LYS A HG2  1 
ATOM 723  H HG3  . LYS A 1 50 ? 1.749   -10.437 8.835   1.00 3.43 ? 50 LYS A HG3  1 
ATOM 724  H HD2  . LYS A 1 50 ? 2.535   -9.183  6.861   1.00 4.42 ? 50 LYS A HD2  1 
ATOM 725  H HD3  . LYS A 1 50 ? 4.065   -9.897  6.869   1.00 4.53 ? 50 LYS A HD3  1 
ATOM 726  H HE2  . LYS A 1 50 ? 1.509   -11.093 6.794   1.00 4.91 ? 50 LYS A HE2  1 
ATOM 727  H HE3  . LYS A 1 50 ? 1.894   -12.160 6.578   1.00 4.78 ? 50 LYS A HE3  1 
ATOM 728  H HZ1  . LYS A 1 50 ? 4.262   -11.463 7.235   1.00 5.87 ? 50 LYS A HZ1  1 
ATOM 729  H HZ2  . LYS A 1 50 ? 3.395   -12.915 7.116   1.00 6.19 ? 50 LYS A HZ2  1 
ATOM 730  H HZ3  . LYS A 1 50 ? 4.133   -12.191 5.740   1.00 6.04 ? 50 LYS A HZ3  1 
ATOM 731  N N    . PRO A 1 51 ? 4.918   -9.853  12.184  1.00 1.76 ? 51 PRO A N    1 
ATOM 732  C CA   . PRO A 1 51 ? 4.446   -9.731  13.513  1.00 1.89 ? 51 PRO A CA   1 
ATOM 733  C C    . PRO A 1 51 ? 3.101   -8.997  13.403  1.00 1.80 ? 51 PRO A C    1 
ATOM 734  O O    . PRO A 1 51 ? 2.070   -9.609  13.178  1.00 2.09 ? 51 PRO A O    1 
ATOM 735  C CB   . PRO A 1 51 ? 5.647   -9.024  14.142  1.00 2.23 ? 51 PRO A CB   1 
ATOM 736  C CG   . PRO A 1 51 ? 6.302   -8.165  13.044  1.00 2.24 ? 51 PRO A CG   1 
ATOM 737  C CD   . PRO A 1 51 ? 5.931   -8.877  11.783  1.00 1.91 ? 51 PRO A CD   1 
ATOM 738  H HA   . PRO A 1 51 ? 4.254   -10.715 13.951  1.00 2.13 ? 51 PRO A HA   1 
ATOM 739  H HB2  . PRO A 1 51 ? 5.411   -8.483  15.050  1.00 2.42 ? 51 PRO A HB2  1 
ATOM 740  H HB3  . PRO A 1 51 ? 6.346   -9.828  14.379  1.00 2.53 ? 51 PRO A HB3  1 
ATOM 741  H HG2  . PRO A 1 51 ? 5.915   -7.149  12.991  1.00 2.36 ? 51 PRO A HG2  1 
ATOM 742  H HG3  . PRO A 1 51 ? 7.390   -8.124  13.106  1.00 2.61 ? 51 PRO A HG3  1 
ATOM 743  H HD2  . PRO A 1 51 ? 5.542   -8.203  11.015  1.00 1.97 ? 51 PRO A HD2  1 
ATOM 744  H HD3  . PRO A 1 51 ? 6.811   -9.393  11.394  1.00 2.02 ? 51 PRO A HD3  1 
ATOM 745  N N    . GLY A 1 52 ? 3.206   -7.695  13.634  1.00 1.56 ? 52 GLY A N    1 
ATOM 746  C CA   . GLY A 1 52 ? 2.038   -6.920  14.004  1.00 1.66 ? 52 GLY A CA   1 
ATOM 747  C C    . GLY A 1 52 ? 1.662   -5.901  12.937  1.00 1.34 ? 52 GLY A C    1 
ATOM 748  O O    . GLY A 1 52 ? 0.564   -5.363  12.930  1.00 1.48 ? 52 GLY A O    1 
ATOM 749  H H    . GLY A 1 52 ? 4.091   -7.275  13.460  1.00 1.40 ? 52 GLY A H    1 
ATOM 750  H HA2  . GLY A 1 52 ? 1.191   -7.575  14.215  1.00 1.98 ? 52 GLY A HA2  1 
ATOM 751  H HA3  . GLY A 1 52 ? 2.325   -6.400  14.913  1.00 1.83 ? 52 GLY A HA3  1 
ATOM 752  N N    . VAL A 1 53 ? 2.655   -5.633  12.082  1.00 1.43 ? 53 VAL A N    1 
ATOM 753  C CA   . VAL A 1 53 ? 2.483   -4.689  11.009  1.00 1.12 ? 53 VAL A CA   1 
ATOM 754  C C    . VAL A 1 53 ? 1.633   -5.313  9.911   1.00 1.09 ? 53 VAL A C    1 
ATOM 755  O O    . VAL A 1 53 ? 1.743   -6.500  9.624   1.00 1.43 ? 53 VAL A O    1 
ATOM 756  C CB   . VAL A 1 53 ? 3.873   -4.332  10.471  1.00 1.08 ? 53 VAL A CB   1 
ATOM 757  C CG1  . VAL A 1 53 ? 4.717   -3.619  11.565  1.00 1.11 ? 53 VAL A CG1  1 
ATOM 758  C CG2  . VAL A 1 53 ? 4.642   -5.519  9.889   1.00 1.19 ? 53 VAL A CG2  1 
ATOM 759  H H    . VAL A 1 53 ? 3.543   -6.063  12.164  1.00 1.95 ? 53 VAL A H    1 
ATOM 760  H HA   . VAL A 1 53 ? 1.971   -3.813  11.417  1.00 1.08 ? 53 VAL A HA   1 
ATOM 761  H HB   . VAL A 1 53 ? 3.702   -3.726  9.588   1.00 1.05 ? 53 VAL A HB   1 
ATOM 762  H HG11 . VAL A 1 53 ? 4.199   -3.582  12.524  1.00 1.26 ? 53 VAL A HG11 1 
ATOM 763  H HG12 . VAL A 1 53 ? 5.667   -4.123  11.720  1.00 1.72 ? 53 VAL A HG12 1 
ATOM 764  H HG13 . VAL A 1 53 ? 4.984   -2.593  11.345  1.00 1.42 ? 53 VAL A HG13 1 
ATOM 765  H HG21 . VAL A 1 53 ? 4.053   -6.062  9.151   1.00 1.76 ? 53 VAL A HG21 1 
ATOM 766  H HG22 . VAL A 1 53 ? 5.535   -5.162  9.381   1.00 1.28 ? 53 VAL A HG22 1 
ATOM 767  H HG23 . VAL A 1 53 ? 4.935   -6.208  10.674  1.00 1.54 ? 53 VAL A HG23 1 
ATOM 768  N N    . ASP A 1 54 ? 0.835   -4.416  9.314   1.00 0.86 ? 54 ASP A N    1 
ATOM 769  C CA   . ASP A 1 54 ? -0.028  -4.866  8.247   1.00 0.93 ? 54 ASP A CA   1 
ATOM 770  C C    . ASP A 1 54 ? 0.726   -4.808  6.933   1.00 0.78 ? 54 ASP A C    1 
ATOM 771  O O    . ASP A 1 54 ? 1.239   -3.766  6.565   1.00 0.61 ? 54 ASP A O    1 
ATOM 772  C CB   . ASP A 1 54 ? -1.244  -3.933  8.206   1.00 0.94 ? 54 ASP A CB   1 
ATOM 773  C CG   . ASP A 1 54 ? -2.426  -4.857  7.973   1.00 1.86 ? 54 ASP A CG   1 
ATOM 774  O OD1  . ASP A 1 54 ? -2.810  -5.531  8.933   1.00 2.80 ? 54 ASP A OD1  1 
ATOM 775  O OD2  . ASP A 1 54 ? -2.889  -4.941  6.833   1.00 2.14 ? 54 ASP A OD2  1 
ATOM 776  H H    . ASP A 1 54 ? 0.727   -3.465  9.598   1.00 0.87 ? 54 ASP A H    1 
ATOM 777  H HA   . ASP A 1 54 ? -0.291  -5.910  8.456   1.00 1.23 ? 54 ASP A HA   1 
ATOM 778  H HB2  . ASP A 1 54 ? -1.379  -3.394  9.147   1.00 1.01 ? 54 ASP A HB2  1 
ATOM 779  H HB3  . ASP A 1 54 ? -1.186  -3.184  7.415   1.00 1.37 ? 54 ASP A HB3  1 
ATOM 780  N N    . ILE A 1 55 ? 0.845   -5.969  6.275   1.00 1.00 ? 55 ILE A N    1 
ATOM 781  C CA   . ILE A 1 55 ? 1.526   -6.006  4.987   1.00 0.95 ? 55 ILE A CA   1 
ATOM 782  C C    . ILE A 1 55 ? 0.572   -6.663  4.008   1.00 1.00 ? 55 ILE A C    1 
ATOM 783  O O    . ILE A 1 55 ? 0.067   -7.764  4.233   1.00 1.22 ? 55 ILE A O    1 
ATOM 784  C CB   . ILE A 1 55 ? 2.846   -6.807  4.985   1.00 1.04 ? 55 ILE A CB   1 
ATOM 785  C CG1  . ILE A 1 55 ? 3.597   -6.700  6.317   1.00 1.06 ? 55 ILE A CG1  1 
ATOM 786  C CG2  . ILE A 1 55 ? 3.700   -6.416  3.755   1.00 1.02 ? 55 ILE A CG2  1 
ATOM 787  C CD1  . ILE A 1 55 ? 4.926   -7.458  6.324   1.00 1.30 ? 55 ILE A CD1  1 
ATOM 788  H H    . ILE A 1 55 ? 0.240   -6.704  6.568   1.00 1.25 ? 55 ILE A H    1 
ATOM 789  H HA   . ILE A 1 55 ? 1.719   -4.982  4.667   1.00 0.86 ? 55 ILE A HA   1 
ATOM 790  H HB   . ILE A 1 55 ? 2.606   -7.864  4.878   1.00 1.19 ? 55 ILE A HB   1 
ATOM 791  H HG12 . ILE A 1 55 ? 3.769   -5.669  6.557   1.00 0.98 ? 55 ILE A HG12 1 
ATOM 792  H HG13 . ILE A 1 55 ? 2.967   -7.058  7.131   1.00 1.16 ? 55 ILE A HG13 1 
ATOM 793  H HG21 . ILE A 1 55 ? 3.609   -5.360  3.513   1.00 1.74 ? 55 ILE A HG21 1 
ATOM 794  H HG22 . ILE A 1 55 ? 4.757   -6.642  3.867   1.00 1.11 ? 55 ILE A HG22 1 
ATOM 795  H HG23 . ILE A 1 55 ? 3.344   -6.938  2.870   1.00 1.32 ? 55 ILE A HG23 1 
ATOM 796  H HD11 . ILE A 1 55 ? 4.856   -8.360  5.720   1.00 1.80 ? 55 ILE A HD11 1 
ATOM 797  H HD12 . ILE A 1 55 ? 5.726   -6.848  5.907   1.00 1.76 ? 55 ILE A HD12 1 
ATOM 798  H HD13 . ILE A 1 55 ? 5.205   -7.727  7.342   1.00 1.31 ? 55 ILE A HD13 1 
ATOM 799  N N    . LYS A 1 56 ? 0.419   -5.942  2.904   1.00 0.97 ? 56 LYS A N    1 
ATOM 800  C CA   . LYS A 1 56 ? -0.425  -6.340  1.804   1.00 0.99 ? 56 LYS A CA   1 
ATOM 801  C C    . LYS A 1 56 ? 0.455   -6.195  0.585   1.00 0.95 ? 56 LYS A C    1 
ATOM 802  O O    . LYS A 1 56 ? 1.213   -5.242  0.488   1.00 1.18 ? 56 LYS A O    1 
ATOM 803  C CB   . LYS A 1 56 ? -1.604  -5.367  1.739   1.00 1.05 ? 56 LYS A CB   1 
ATOM 804  C CG   . LYS A 1 56 ? -1.131  -3.909  1.782   1.00 1.36 ? 56 LYS A CG   1 
ATOM 805  C CD   . LYS A 1 56 ? -1.996  -3.007  2.642   1.00 1.81 ? 56 LYS A CD   1 
ATOM 806  C CE   . LYS A 1 56 ? -3.166  -2.569  1.792   1.00 2.55 ? 56 LYS A CE   1 
ATOM 807  N NZ   . LYS A 1 56 ? -4.246  -3.482  2.111   1.00 2.74 ? 56 LYS A NZ   1 
ATOM 808  H H    . LYS A 1 56 ? 1.007   -5.137  2.773   1.00 1.07 ? 56 LYS A H    1 
ATOM 809  H HA   . LYS A 1 56 ? -0.744  -7.373  1.932   1.00 1.05 ? 56 LYS A HA   1 
ATOM 810  H HB2  . LYS A 1 56 ? -2.192  -5.523  0.833   1.00 0.99 ? 56 LYS A HB2  1 
ATOM 811  H HB3  . LYS A 1 56 ? -2.269  -5.586  2.574   1.00 1.27 ? 56 LYS A HB3  1 
ATOM 812  H HG2  . LYS A 1 56 ? -0.146  -3.799  2.173   1.00 1.27 ? 56 LYS A HG2  1 
ATOM 813  H HG3  . LYS A 1 56 ? -1.014  -3.557  0.760   1.00 1.84 ? 56 LYS A HG3  1 
ATOM 814  H HD2  . LYS A 1 56 ? -2.306  -3.530  3.551   1.00 1.79 ? 56 LYS A HD2  1 
ATOM 815  H HD3  . LYS A 1 56 ? -1.440  -2.147  3.007   1.00 1.95 ? 56 LYS A HD3  1 
ATOM 816  H HE2  . LYS A 1 56 ? -3.465  -1.542  1.997   1.00 2.75 ? 56 LYS A HE2  1 
ATOM 817  H HE3  . LYS A 1 56 ? -2.940  -2.636  0.723   1.00 3.11 ? 56 LYS A HE3  1 
ATOM 818  H HZ1  . LYS A 1 56 ? -3.875  -4.455  2.097   1.00 3.04 ? 56 LYS A HZ1  1 
ATOM 819  H HZ2  . LYS A 1 56 ? -4.581  -3.281  3.072   1.00 2.72 ? 56 LYS A HZ2  1 
ATOM 820  H HZ3  . LYS A 1 56 ? -4.999  -3.379  1.416   1.00 3.17 ? 56 LYS A HZ3  1 
ATOM 821  N N    . CYS A 1 57 ? 0.328   -7.172  -0.321  1.00 0.74 ? 57 CYS A N    1 
ATOM 822  C CA   . CYS A 1 57 ? 0.908   -7.037  -1.657  1.00 0.73 ? 57 CYS A CA   1 
ATOM 823  C C    . CYS A 1 57 ? -0.119  -7.517  -2.666  1.00 0.73 ? 57 CYS A C    1 
ATOM 824  O O    . CYS A 1 57 ? -0.896  -8.427  -2.370  1.00 0.98 ? 57 CYS A O    1 
ATOM 825  C CB   . CYS A 1 57 ? 2.068   -7.996  -1.838  1.00 0.87 ? 57 CYS A CB   1 
ATOM 826  S SG   . CYS A 1 57 ? 3.632   -7.566  -1.062  1.00 1.31 ? 57 CYS A SG   1 
ATOM 827  H H    . CYS A 1 57 ? -0.235  -7.958  -0.066  1.00 0.76 ? 57 CYS A H    1 
ATOM 828  H HA   . CYS A 1 57 ? 1.205   -6.012  -1.826  1.00 0.74 ? 57 CYS A HA   1 
ATOM 829  H HB2  . CYS A 1 57 ? 1.686   -8.919  -1.414  1.00 0.84 ? 57 CYS A HB2  1 
ATOM 830  H HB3  . CYS A 1 57 ? 2.290   -8.213  -2.881  1.00 1.30 ? 57 CYS A HB3  1 
ATOM 831  N N    . CYS A 1 58 ? 0.004   -7.006  -3.875  1.00 0.64 ? 58 CYS A N    1 
ATOM 832  C CA   . CYS A 1 58 ? -0.863  -7.473  -4.923  1.00 0.64 ? 58 CYS A CA   1 
ATOM 833  C C    . CYS A 1 58 ? -0.157  -7.172  -6.236  1.00 0.63 ? 58 CYS A C    1 
ATOM 834  O O    . CYS A 1 58 ? 0.336   -6.071  -6.468  1.00 0.86 ? 58 CYS A O    1 
ATOM 835  C CB   . CYS A 1 58 ? -2.167  -6.702  -4.772  1.00 0.71 ? 58 CYS A CB   1 
ATOM 836  S SG   . CYS A 1 58 ? -1.878  -4.956  -4.986  1.00 1.51 ? 58 CYS A SG   1 
ATOM 837  H H    . CYS A 1 58 ? 0.588   -6.208  -4.033  1.00 0.71 ? 58 CYS A H    1 
ATOM 838  H HA   . CYS A 1 58 ? -1.015  -8.547  -4.818  1.00 0.78 ? 58 CYS A HA   1 
ATOM 839  H HB2  . CYS A 1 58 ? -2.960  -7.080  -5.414  1.00 1.11 ? 58 CYS A HB2  1 
ATOM 840  H HB3  . CYS A 1 58 ? -2.516  -6.764  -3.743  1.00 0.91 ? 58 CYS A HB3  1 
ATOM 841  N N    . SER A 1 59 ? -0.086  -8.209  -7.084  1.00 0.81 ? 59 SER A N    1 
ATOM 842  C CA   . SER A 1 59 ? 0.452   -8.048  -8.440  1.00 0.85 ? 59 SER A CA   1 
ATOM 843  C C    . SER A 1 59 ? -0.609  -7.421  -9.182  1.00 0.51 ? 59 SER A C    1 
ATOM 844  O O    . SER A 1 59 ? -1.689  -7.307  -8.631  1.00 1.17 ? 59 SER A O    1 
ATOM 845  C CB   . SER A 1 59 ? 0.859   -9.429  -8.978  1.00 1.46 ? 59 SER A CB   1 
ATOM 846  O OG   . SER A 1 59 ? -0.160  -10.364 -8.669  1.00 1.74 ? 59 SER A OG   1 
ATOM 847  H H    . SER A 1 59 ? -0.645  -9.024  -6.963  1.00 1.12 ? 59 SER A H    1 
ATOM 848  H HA   . SER A 1 59 ? 1.219   -7.274  -8.508  1.00 1.03 ? 59 SER A HA   1 
ATOM 849  H HB2  . SER A 1 59 ? 1.092   -9.414  -10.048 1.00 1.76 ? 59 SER A HB2  1 
ATOM 850  H HB3  . SER A 1 59 ? 1.772   -9.788  -8.499  1.00 1.72 ? 59 SER A HB3  1 
ATOM 851  H HG   . SER A 1 59 ? -1.001  -9.983  -8.880  1.00 1.67 ? 59 SER A HG   1 
ATOM 852  N N    . THR A 1 60 ? -0.206  -6.962  -10.365 1.00 0.91 ? 60 THR A N    1 
ATOM 853  C CA   . THR A 1 60 ? -0.970  -6.103  -11.230 1.00 0.87 ? 60 THR A CA   1 
ATOM 854  C C    . THR A 1 60 ? 0.013   -4.937  -11.424 1.00 0.87 ? 60 THR A C    1 
ATOM 855  O O    . THR A 1 60 ? 1.211   -5.129  -11.552 1.00 1.16 ? 60 THR A O    1 
ATOM 856  C CB   . THR A 1 60 ? -2.378  -5.730  -10.627 1.00 1.11 ? 60 THR A CB   1 
ATOM 857  O OG1  . THR A 1 60 ? -3.233  -6.823  -10.340 1.00 1.44 ? 60 THR A OG1  1 
ATOM 858  C CG2  . THR A 1 60 ? -3.343  -4.927  -11.496 1.00 1.78 ? 60 THR A CG2  1 
ATOM 859  H H    . THR A 1 60 ? 0.797   -6.930  -10.494 1.00 1.52 ? 60 THR A H    1 
ATOM 860  H HA   . THR A 1 60 ? -1.047  -6.634  -12.177 1.00 1.04 ? 60 THR A HA   1 
ATOM 861  H HB   . THR A 1 60 ? -2.190  -5.205  -9.683  1.00 1.84 ? 60 THR A HB   1 
ATOM 862  H HG1  . THR A 1 60 ? -3.118  -7.505  -10.985 1.00 1.68 ? 60 THR A HG1  1 
ATOM 863  H HG21 . THR A 1 60 ? -3.551  -5.510  -12.389 1.00 2.57 ? 60 THR A HG21 1 
ATOM 864  H HG22 . THR A 1 60 ? -4.279  -4.805  -10.947 1.00 2.24 ? 60 THR A HG22 1 
ATOM 865  H HG23 . THR A 1 60 ? -3.033  -3.945  -11.834 1.00 2.05 ? 60 THR A HG23 1 
ATOM 866  N N    . ASP A 1 61 ? -0.589  -3.771  -11.397 1.00 1.16 ? 61 ASP A N    1 
ATOM 867  C CA   . ASP A 1 61 ? -0.008  -2.489  -11.662 1.00 1.40 ? 61 ASP A CA   1 
ATOM 868  C C    . ASP A 1 61 ? -0.485  -1.749  -10.435 1.00 1.21 ? 61 ASP A C    1 
ATOM 869  O O    . ASP A 1 61 ? 0.046   -1.784  -9.334  1.00 1.48 ? 61 ASP A O    1 
ATOM 870  C CB   . ASP A 1 61 ? -0.740  -1.905  -12.910 1.00 2.21 ? 61 ASP A CB   1 
ATOM 871  C CG   . ASP A 1 61 ? -0.093  -1.941  -14.273 1.00 2.08 ? 61 ASP A CG   1 
ATOM 872  O OD1  . ASP A 1 61 ? 1.090   -1.631  -14.377 1.00 2.43 ? 61 ASP A OD1  1 
ATOM 873  O OD2  . ASP A 1 61 ? -0.830  -2.167  -15.232 1.00 2.23 ? 61 ASP A OD2  1 
ATOM 874  H H    . ASP A 1 61 ? -1.525  -3.753  -11.087 1.00 1.60 ? 61 ASP A H    1 
ATOM 875  H HA   . ASP A 1 61 ? 1.083   -2.530  -11.687 1.00 1.48 ? 61 ASP A HA   1 
ATOM 876  H HB2  . ASP A 1 61 ? -1.730  -2.363  -12.986 1.00 2.75 ? 61 ASP A HB2  1 
ATOM 877  H HB3  . ASP A 1 61 ? -0.874  -0.830  -12.825 1.00 2.82 ? 61 ASP A HB3  1 
ATOM 878  N N    . ASN A 1 62 ? -1.648  -1.145  -10.681 1.00 1.21 ? 62 ASN A N    1 
ATOM 879  C CA   . ASN A 1 62 ? -2.091  -0.057  -9.862  1.00 1.31 ? 62 ASN A CA   1 
ATOM 880  C C    . ASN A 1 62 ? -2.752  -0.629  -8.694  1.00 1.23 ? 62 ASN A C    1 
ATOM 881  O O    . ASN A 1 62 ? -3.187  0.109   -7.815  1.00 1.31 ? 62 ASN A O    1 
ATOM 882  C CB   . ASN A 1 62 ? -3.113  0.837   -10.561 1.00 1.67 ? 62 ASN A CB   1 
ATOM 883  C CG   . ASN A 1 62 ? -2.472  1.350   -11.830 1.00 1.79 ? 62 ASN A CG   1 
ATOM 884  O OD1  . ASN A 1 62 ? -1.265  1.426   -11.932 1.00 2.39 ? 62 ASN A OD1  1 
ATOM 885  N ND2  . ASN A 1 62 ? -3.315  1.612   -12.825 1.00 1.82 ? 62 ASN A ND2  1 
ATOM 886  H H    . ASN A 1 62 ? -2.173  -1.458  -11.466 1.00 1.46 ? 62 ASN A H    1 
ATOM 887  H HA   . ASN A 1 62 ? -1.237  0.509   -9.532  1.00 1.31 ? 62 ASN A HA   1 
ATOM 888  H HB2  . ASN A 1 62 ? -4.037  0.299   -10.782 1.00 1.83 ? 62 ASN A HB2  1 
ATOM 889  H HB3  . ASN A 1 62 ? -3.364  1.696   -9.938  1.00 1.84 ? 62 ASN A HB3  1 
ATOM 890  H HD21 . ASN A 1 62 ? -4.293  1.716   -12.638 1.00 2.10 ? 62 ASN A HD21 1 
ATOM 891  H HD22 . ASN A 1 62 ? -2.941  1.708   -13.746 1.00 1.98 ? 62 ASN A HD22 1 
ATOM 892  N N    . CYS A 1 63 ? -2.935  -1.984  -8.795  1.00 1.17 ? 63 CYS A N    1 
ATOM 893  C CA   . CYS A 1 63 ? -3.693  -2.755  -7.873  1.00 1.16 ? 63 CYS A CA   1 
ATOM 894  C C    . CYS A 1 63 ? -4.899  -1.895  -7.667  1.00 1.50 ? 63 CYS A C    1 
ATOM 895  O O    . CYS A 1 63 ? -5.670  -1.513  -8.531  1.00 2.22 ? 63 CYS A O    1 
ATOM 896  C CB   . CYS A 1 63 ? -2.810  -3.010  -6.625  1.00 0.92 ? 63 CYS A CB   1 
ATOM 897  S SG   . CYS A 1 63 ? -3.629  -4.153  -5.497  1.00 1.61 ? 63 CYS A SG   1 
ATOM 898  H H    . CYS A 1 63 ? -2.660  -2.513  -9.588  1.00 1.28 ? 63 CYS A H    1 
ATOM 899  H HA   . CYS A 1 63 ? -4.003  -3.681  -8.350  1.00 1.32 ? 63 CYS A HA   1 
ATOM 900  H HB2  . CYS A 1 63 ? -1.838  -3.382  -6.925  1.00 1.29 ? 63 CYS A HB2  1 
ATOM 901  H HB3  . CYS A 1 63 ? -2.543  -2.124  -6.031  1.00 1.00 ? 63 CYS A HB3  1 
ATOM 902  N N    . ASN A 1 64 ? -4.697  -1.417  -6.442  1.00 1.65 ? 64 ASN A N    1 
ATOM 903  C CA   . ASN A 1 64 ? -5.033  -0.285  -5.631  1.00 1.95 ? 64 ASN A CA   1 
ATOM 904  C C    . ASN A 1 64 ? -5.771  1.025   -5.872  1.00 1.89 ? 64 ASN A C    1 
ATOM 905  O O    . ASN A 1 64 ? -5.207  1.933   -6.474  1.00 1.95 ? 64 ASN A O    1 
ATOM 906  C CB   . ASN A 1 64 ? -5.596  -1.092  -4.486  1.00 2.44 ? 64 ASN A CB   1 
ATOM 907  C CG   . ASN A 1 64 ? -6.805  -2.022  -4.992  1.00 3.19 ? 64 ASN A CG   1 
ATOM 908  O OD1  . ASN A 1 64 ? -7.371  -2.808  -4.262  1.00 3.44 ? 64 ASN A OD1  1 
ATOM 909  N ND2  . ASN A 1 64 ? -7.263  -1.775  -6.260  1.00 4.07 ? 64 ASN A ND2  1 
ATOM 910  H H    . ASN A 1 64 ? -4.452  -2.187  -5.862  1.00 2.03 ? 64 ASN A H    1 
ATOM 911  H HA   . ASN A 1 64 ? -5.615  -0.128  -6.525  1.00 2.75 ? 64 ASN A HA   1 
ATOM 912  H HB2  . ASN A 1 64 ? -4.824  -1.708  -4.027  1.00 2.63 ? 64 ASN A HB2  1 
ATOM 913  H HB3  . ASN A 1 64 ? -5.746  -0.379  -3.682  1.00 2.98 ? 64 ASN A HB3  1 
ATOM 914  H HD21 . ASN A 1 64 ? -7.190  -0.838  -6.625  1.00 4.22 ? 64 ASN A HD21 1 
ATOM 915  H HD22 . ASN A 1 64 ? -7.600  -2.367  -6.991  1.00 4.78 ? 64 ASN A HD22 1 
ATOM 916  N N    . PRO A 1 65 ? -7.051  1.183   -5.357  1.00 2.80 ? 65 PRO A N    1 
ATOM 917  C CA   . PRO A 1 65 ? -7.526  2.515   -5.369  1.00 3.49 ? 65 PRO A CA   1 
ATOM 918  C C    . PRO A 1 65 ? -6.853  3.022   -4.062  1.00 3.28 ? 65 PRO A C    1 
ATOM 919  O O    . PRO A 1 65 ? -6.241  4.079   -4.011  1.00 3.51 ? 65 PRO A O    1 
ATOM 920  C CB   . PRO A 1 65 ? -9.027  2.186   -5.407  1.00 4.68 ? 65 PRO A CB   1 
ATOM 921  C CG   . PRO A 1 65 ? -9.329  1.059   -4.445  1.00 4.78 ? 65 PRO A CG   1 
ATOM 922  C CD   . PRO A 1 65 ? -8.026  0.309   -4.604  1.00 3.73 ? 65 PRO A CD   1 
ATOM 923  H HA   . PRO A 1 65 ? -7.236  3.103   -6.242  1.00 3.72 ? 65 PRO A HA   1 
ATOM 924  H HB2  . PRO A 1 65 ? -9.707  3.028   -5.322  1.00 5.25 ? 65 PRO A HB2  1 
ATOM 925  H HB3  . PRO A 1 65 ? -9.227  1.725   -6.379  1.00 5.16 ? 65 PRO A HB3  1 
ATOM 926  H HG2  . PRO A 1 65 ? -9.053  0.966   -3.429  1.00 5.62 ? 65 PRO A HG2  1 
ATOM 927  H HG3  . PRO A 1 65 ? -9.679  1.812   -3.767  1.00 5.01 ? 65 PRO A HG3  1 
ATOM 928  H HD2  . PRO A 1 65 ? -7.626  -0.147  -3.677  1.00 3.80 ? 65 PRO A HD2  1 
ATOM 929  H HD3  . PRO A 1 65 ? -8.553  -0.436  -5.150  1.00 3.93 ? 65 PRO A HD3  1 
ATOM 930  N N    . PHE A 1 66 ? -7.041  2.120   -3.025  1.00 3.22 ? 66 PHE A N    1 
ATOM 931  C CA   . PHE A 1 66 ? -7.619  2.133   -1.675  1.00 3.23 ? 66 PHE A CA   1 
ATOM 932  C C    . PHE A 1 66 ? -6.839  3.115   -0.985  1.00 2.49 ? 66 PHE A C    1 
ATOM 933  O O    . PHE A 1 66 ? -6.046  2.825   -0.100  1.00 2.85 ? 66 PHE A O    1 
ATOM 934  C CB   . PHE A 1 66 ? -8.975  2.192   -0.895  1.00 4.24 ? 66 PHE A CB   1 
ATOM 935  C CG   . PHE A 1 66 ? -10.187 1.535   -1.375  1.00 4.80 ? 66 PHE A CG   1 
ATOM 936  C CD1  . PHE A 1 66 ? -10.090 0.178   -1.488  1.00 5.25 ? 66 PHE A CD1  1 
ATOM 937  C CD2  . PHE A 1 66 ? -11.305 2.242   -1.803  1.00 5.23 ? 66 PHE A CD2  1 
ATOM 938  C CE1  . PHE A 1 66 ? -11.045 -0.478  -2.224  1.00 5.93 ? 66 PHE A CE1  1 
ATOM 939  C CE2  . PHE A 1 66 ? -12.334 1.559   -2.415  1.00 5.85 ? 66 PHE A CE2  1 
ATOM 940  C CZ   . PHE A 1 66 ? -12.168 0.206   -2.684  1.00 6.15 ? 66 PHE A CZ   1 
ATOM 941  H H    . PHE A 1 66 ? -6.671  1.215   -3.146  1.00 3.37 ? 66 PHE A H    1 
ATOM 942  H HA   . PHE A 1 66 ? -8.357  2.572   -2.316  1.00 3.43 ? 66 PHE A HA   1 
ATOM 943  H HB2  . PHE A 1 66 ? -8.779  1.670   0.028   1.00 4.38 ? 66 PHE A HB2  1 
ATOM 944  H HB3  . PHE A 1 66 ? -9.302  3.200   -0.713  1.00 4.75 ? 66 PHE A HB3  1 
ATOM 945  H HD1  . PHE A 1 66 ? -9.201  -0.308  -1.102  1.00 5.28 ? 66 PHE A HD1  1 
ATOM 946  H HD2  . PHE A 1 66 ? -11.379 3.322   -1.735  1.00 5.29 ? 66 PHE A HD2  1 
ATOM 947  H HE1  . PHE A 1 66 ? -10.804 -1.492  -2.497  1.00 6.47 ? 66 PHE A HE1  1 
ATOM 948  H HE2  . PHE A 1 66 ? -13.228 2.101   -2.690  1.00 6.32 ? 66 PHE A HE2  1 
ATOM 949  H HZ   . PHE A 1 66 ? -12.881 -0.311  -3.300  1.00 6.75 ? 66 PHE A HZ   1 
ATOM 950  N N    . PRO A 1 67 ? -7.155  4.353   -1.409  1.00 2.01 ? 67 PRO A N    1 
ATOM 951  C CA   . PRO A 1 67 ? -6.279  5.374   -0.917  1.00 1.91 ? 67 PRO A CA   1 
ATOM 952  C C    . PRO A 1 67 ? -6.541  5.438   0.582   1.00 1.83 ? 67 PRO A C    1 
ATOM 953  O O    . PRO A 1 67 ? -5.673  5.419   1.430   1.00 2.23 ? 67 PRO A O    1 
ATOM 954  C CB   . PRO A 1 67 ? -6.752  6.580   -1.706  1.00 2.68 ? 67 PRO A CB   1 
ATOM 955  C CG   . PRO A 1 67 ? -8.153  6.262   -2.216  1.00 2.95 ? 67 PRO A CG   1 
ATOM 956  C CD   . PRO A 1 67 ? -8.306  4.818   -2.269  1.00 2.46 ? 67 PRO A CD   1 
ATOM 957  H HA   . PRO A 1 67 ? -5.235  5.113   -1.094  1.00 2.24 ? 67 PRO A HA   1 
ATOM 958  H HB2  . PRO A 1 67 ? -6.729  7.502   -1.138  1.00 3.09 ? 67 PRO A HB2  1 
ATOM 959  H HB3  . PRO A 1 67 ? -6.106  6.675   -2.577  1.00 3.16 ? 67 PRO A HB3  1 
ATOM 960  H HG2  . PRO A 1 67 ? -8.883  6.505   -1.470  1.00 3.36 ? 67 PRO A HG2  1 
ATOM 961  H HG3  . PRO A 1 67 ? -8.353  6.645   -3.215  1.00 3.58 ? 67 PRO A HG3  1 
ATOM 962  H HD2  . PRO A 1 67 ? -9.322  4.566   -1.983  1.00 2.80 ? 67 PRO A HD2  1 
ATOM 963  H HD3  . PRO A 1 67 ? -8.351  4.550   -3.312  1.00 2.72 ? 67 PRO A HD3  1 
ATOM 964  N N    . THR A 1 68 ? -7.861  5.397   0.805   1.00 1.97 ? 68 THR A N    1 
ATOM 965  C CA   . THR A 1 68 ? -8.525  5.373   2.063   1.00 2.50 ? 68 THR A CA   1 
ATOM 966  C C    . THR A 1 68 ? -7.841  6.016   3.172   1.00 2.06 ? 68 THR A C    1 
ATOM 967  O O    . THR A 1 68 ? -6.682  6.033   3.523   1.00 2.46 ? 68 THR A O    1 
ATOM 968  C CB   . THR A 1 68 ? -8.997  4.093   2.767   1.00 3.62 ? 68 THR A CB   1 
ATOM 969  O OG1  . THR A 1 68 ? -8.341  3.651   3.933   1.00 4.14 ? 68 THR A OG1  1 
ATOM 970  C CG2  . THR A 1 68 ? -8.986  3.032   1.806   1.00 4.12 ? 68 THR A CG2  1 
ATOM 971  H H    . THR A 1 68 ? -8.356  5.456   -0.061  1.00 2.15 ? 68 THR A H    1 
ATOM 972  H HA   . THR A 1 68 ? -9.389  5.950   1.716   1.00 2.86 ? 68 THR A HA   1 
ATOM 973  H HB   . THR A 1 68 ? -10.026 4.257   3.080   1.00 4.19 ? 68 THR A HB   1 
ATOM 974  H HG1  . THR A 1 68 ? -7.390  3.796   3.826   1.00 4.39 ? 68 THR A HG1  1 
ATOM 975  H HG21 . THR A 1 68 ? -9.546  3.506   1.043   1.00 4.07 ? 68 THR A HG21 1 
ATOM 976  H HG22 . THR A 1 68 ? -7.964  2.851   1.473   1.00 4.10 ? 68 THR A HG22 1 
ATOM 977  H HG23 . THR A 1 68 ? -9.506  2.135   2.113   1.00 5.00 ? 68 THR A HG23 1 
ATOM 978  N N    . TRP A 1 69 ? -8.851  6.532   3.756   1.00 1.79 ? 69 TRP A N    1 
ATOM 979  C CA   . TRP A 1 69 ? -8.491  7.813   4.074   1.00 1.73 ? 69 TRP A CA   1 
ATOM 980  C C    . TRP A 1 69 ? -8.866  7.898   5.388   1.00 1.88 ? 69 TRP A C    1 
ATOM 981  O O    . TRP A 1 69 ? -8.118  8.120   6.257   1.00 2.36 ? 69 TRP A O    1 
ATOM 982  C CB   . TRP A 1 69 ? -9.271  8.618   3.059   1.00 2.44 ? 69 TRP A CB   1 
ATOM 983  C CG   . TRP A 1 69 ? -8.202  9.490   2.667   1.00 3.12 ? 69 TRP A CG   1 
ATOM 984  C CD1  . TRP A 1 69 ? -7.359  9.398   1.577   1.00 3.60 ? 69 TRP A CD1  1 
ATOM 985  C CD2  . TRP A 1 69 ? -7.759  10.484  3.552   1.00 3.99 ? 69 TRP A CD2  1 
ATOM 986  N NE1  . TRP A 1 69 ? -6.391  10.325  1.786   1.00 4.57 ? 69 TRP A NE1  1 
ATOM 987  C CE2  . TRP A 1 69 ? -6.586  10.991  3.010   1.00 4.80 ? 69 TRP A CE2  1 
ATOM 988  C CE3  . TRP A 1 69 ? -8.203  10.808  4.787   1.00 4.49 ? 69 TRP A CE3  1 
ATOM 989  C CZ2  . TRP A 1 69 ? -5.965  11.965  3.738   1.00 5.87 ? 69 TRP A CZ2  1 
ATOM 990  C CZ3  . TRP A 1 69 ? -7.579  11.746  5.545   1.00 5.60 ? 69 TRP A CZ3  1 
ATOM 991  C CH2  . TRP A 1 69 ? -6.436  12.331  5.014   1.00 6.23 ? 69 TRP A CH2  1 
ATOM 992  H H    . TRP A 1 69 ? -9.766  6.345   3.417   1.00 2.12 ? 69 TRP A H    1 
ATOM 993  H HA   . TRP A 1 69 ? -7.410  8.009   4.179   1.00 1.77 ? 69 TRP A HA   1 
ATOM 994  H HB2  . TRP A 1 69 ? -9.396  7.992   2.226   1.00 2.47 ? 69 TRP A HB2  1 
ATOM 995  H HB3  . TRP A 1 69 ? -10.184 9.155   3.327   1.00 3.08 ? 69 TRP A HB3  1 
ATOM 996  H HD1  . TRP A 1 69 ? -7.436  8.639   0.806   1.00 3.59 ? 69 TRP A HD1  1 
ATOM 997  H HE1  . TRP A 1 69 ? -5.609  10.428  1.191   1.00 5.23 ? 69 TRP A HE1  1 
ATOM 998  H HE3  . TRP A 1 69 ? -9.016  10.313  5.226   1.00 4.24 ? 69 TRP A HE3  1 
ATOM 999  H HZ2  . TRP A 1 69 ? -5.069  12.412  3.344   1.00 6.59 ? 69 TRP A HZ2  1 
ATOM 1000 H HZ3  . TRP A 1 69 ? -7.939  11.909  6.549   1.00 6.17 ? 69 TRP A HZ3  1 
ATOM 1001 H HH2  . TRP A 1 69 ? -5.965  13.086  5.612   1.00 7.16 ? 69 TRP A HH2  1 
ATOM 1002 N N    . LYS A 1 70 ? -10.106 7.734   5.479   1.00 2.24 ? 70 LYS A N    1 
ATOM 1003 C CA   . LYS A 1 70 ? -10.799 8.115   6.626   1.00 2.79 ? 70 LYS A CA   1 
ATOM 1004 C C    . LYS A 1 70 ? -11.940 7.183   6.677   1.00 3.39 ? 70 LYS A C    1 
ATOM 1005 O O    . LYS A 1 70 ? -12.697 7.113   7.637   1.00 3.98 ? 70 LYS A O    1 
ATOM 1006 C CB   . LYS A 1 70 ? -11.015 9.548   6.237   1.00 3.42 ? 70 LYS A CB   1 
ATOM 1007 C CG   . LYS A 1 70 ? -12.332 10.178  6.141   1.00 3.60 ? 70 LYS A CG   1 
ATOM 1008 C CD   . LYS A 1 70 ? -11.910 11.623  5.864   1.00 4.30 ? 70 LYS A CD   1 
ATOM 1009 C CE   . LYS A 1 70 ? -13.121 12.444  5.615   1.00 5.01 ? 70 LYS A CE   1 
ATOM 1010 N NZ   . LYS A 1 70 ? -13.728 12.404  6.928   1.00 5.79 ? 70 LYS A NZ   1 
ATOM 1011 H H    . LYS A 1 70 ? -10.594 7.842   4.623   1.00 2.52 ? 70 LYS A H    1 
ATOM 1012 H HA   . LYS A 1 70 ? -10.168 8.000   7.477   1.00 2.65 ? 70 LYS A HA   1 
ATOM 1013 H HB2  . LYS A 1 70 ? -10.304 10.132  6.814   1.00 4.05 ? 70 LYS A HB2  1 
ATOM 1014 H HB3  . LYS A 1 70 ? -10.793 9.686   5.178   1.00 3.60 ? 70 LYS A HB3  1 
ATOM 1015 H HG2  . LYS A 1 70 ? -12.843 9.785   5.276   1.00 3.69 ? 70 LYS A HG2  1 
ATOM 1016 H HG3  . LYS A 1 70 ? -12.961 9.968   7.000   1.00 3.62 ? 70 LYS A HG3  1 
ATOM 1017 H HD2  . LYS A 1 70 ? -11.334 12.000  6.715   1.00 4.39 ? 70 LYS A HD2  1 
ATOM 1018 H HD3  . LYS A 1 70 ? -11.234 11.706  5.005   1.00 4.68 ? 70 LYS A HD3  1 
ATOM 1019 H HE2  . LYS A 1 70 ? -12.850 13.460  5.329   1.00 5.18 ? 70 LYS A HE2  1 
ATOM 1020 H HE3  . LYS A 1 70 ? -13.769 11.981  4.862   1.00 5.23 ? 70 LYS A HE3  1 
ATOM 1021 H HZ1  . LYS A 1 70 ? -12.959 12.546  7.616   1.00 5.93 ? 70 LYS A HZ1  1 
ATOM 1022 H HZ2  . LYS A 1 70 ? -14.450 13.140  7.027   1.00 6.42 ? 70 LYS A HZ2  1 
ATOM 1023 H HZ3  . LYS A 1 70 ? -14.122 11.451  7.054   1.00 5.91 ? 70 LYS A HZ3  1 
ATOM 1024 N N    . ARG A 1 71 ? -12.012 6.546   5.476   1.00 3.58 ? 71 ARG A N    1 
ATOM 1025 C CA   . ARG A 1 71 ? -13.145 5.854   5.165   1.00 4.37 ? 71 ARG A CA   1 
ATOM 1026 C C    . ARG A 1 71 ? -13.278 5.342   3.810   1.00 4.43 ? 71 ARG A C    1 
ATOM 1027 O O    . ARG A 1 71 ? -14.351 4.921   3.431   1.00 4.60 ? 71 ARG A O    1 
ATOM 1028 C CB   . ARG A 1 71 ? -14.082 7.023   4.983   1.00 5.06 ? 71 ARG A CB   1 
ATOM 1029 C CG   . ARG A 1 71 ? -15.136 6.617   5.878   1.00 5.69 ? 71 ARG A CG   1 
ATOM 1030 C CD   . ARG A 1 71 ? -16.234 7.517   5.447   1.00 6.70 ? 71 ARG A CD   1 
ATOM 1031 N NE   . ARG A 1 71 ? -17.239 7.533   6.434   1.00 6.64 ? 71 ARG A NE   1 
ATOM 1032 C CZ   . ARG A 1 71 ? -17.787 6.407   6.917   1.00 7.00 ? 71 ARG A CZ   1 
ATOM 1033 N NH1  . ARG A 1 71 ? -17.389 5.181   6.540   1.00 7.76 ? 71 ARG A NH1  1 
ATOM 1034 N NH2  . ARG A 1 71 ? -18.745 6.603   7.792   1.00 6.79 ? 71 ARG A NH2  1 
ATOM 1035 H H    . ARG A 1 71 ? -11.739 7.023   4.656   1.00 3.31 ? 71 ARG A H    1 
ATOM 1036 H HA   . ARG A 1 71 ? -13.273 5.070   5.914   1.00 4.59 ? 71 ARG A HA   1 
ATOM 1037 H HB2  . ARG A 1 71 ? -13.725 8.002   5.272   1.00 4.97 ? 71 ARG A HB2  1 
ATOM 1038 H HB3  . ARG A 1 71 ? -14.457 7.269   3.972   1.00 5.39 ? 71 ARG A HB3  1 
ATOM 1039 H HG2  . ARG A 1 71 ? -15.302 5.564   5.657   1.00 5.64 ? 71 ARG A HG2  1 
ATOM 1040 H HG3  . ARG A 1 71 ? -14.825 6.684   6.921   1.00 5.67 ? 71 ARG A HG3  1 
ATOM 1041 H HD2  . ARG A 1 71 ? -15.875 8.547   5.353   1.00 7.27 ? 71 ARG A HD2  1 
ATOM 1042 H HD3  . ARG A 1 71 ? -16.649 7.185   4.496   1.00 7.09 ? 71 ARG A HD3  1 
ATOM 1043 H HE   . ARG A 1 71 ? -17.455 8.484   6.652   1.00 6.37 ? 71 ARG A HE   1 
ATOM 1044 H HH11 . ARG A 1 71 ? -16.692 5.114   5.814   1.00 8.01 ? 71 ARG A HH11 1 
ATOM 1045 H HH12 . ARG A 1 71 ? -17.710 4.313   6.914   1.00 8.22 ? 71 ARG A HH12 1 
ATOM 1046 H HH21 . ARG A 1 71 ? -19.131 7.527   7.841   1.00 6.39 ? 71 ARG A HH21 1 
ATOM 1047 H HH22 . ARG A 1 71 ? -19.119 5.896   8.390   1.00 7.14 ? 71 ARG A HH22 1 
ATOM 1048 N N    . LYS A 1 72 ? -12.222 5.610   3.076   1.00 4.59 ? 72 LYS A N    1 
ATOM 1049 C CA   . LYS A 1 72 ? -12.519 6.002   1.730   1.00 4.80 ? 72 LYS A CA   1 
ATOM 1050 C C    . LYS A 1 72 ? -13.170 7.336   1.667   1.00 5.27 ? 72 LYS A C    1 
ATOM 1051 O O    . LYS A 1 72 ? -14.303 7.574   1.297   1.00 5.96 ? 72 LYS A O    1 
ATOM 1052 C CB   . LYS A 1 72 ? -13.227 5.022   0.855   1.00 5.78 ? 72 LYS A CB   1 
ATOM 1053 C CG   . LYS A 1 72 ? -12.319 3.848   0.963   1.00 6.29 ? 72 LYS A CG   1 
ATOM 1054 C CD   . LYS A 1 72 ? -12.666 2.888   2.084   1.00 6.43 ? 72 LYS A CD   1 
ATOM 1055 C CE   . LYS A 1 72 ? -13.465 1.820   1.414   1.00 7.04 ? 72 LYS A CE   1 
ATOM 1056 N NZ   . LYS A 1 72 ? -12.386 0.876   1.188   1.00 7.61 ? 72 LYS A NZ   1 
ATOM 1057 H H    . LYS A 1 72 ? -11.345 5.825   3.484   1.00 4.82 ? 72 LYS A H    1 
ATOM 1058 H HA   . LYS A 1 72 ? -11.494 6.079   1.383   1.00 4.16 ? 72 LYS A HA   1 
ATOM 1059 H HB2  . LYS A 1 72 ? -14.260 4.827   1.136   1.00 6.18 ? 72 LYS A HB2  1 
ATOM 1060 H HB3  . LYS A 1 72 ? -13.261 5.395   -0.172  1.00 6.05 ? 72 LYS A HB3  1 
ATOM 1061 H HG2  . LYS A 1 72 ? -12.368 3.382   0.009   1.00 6.81 ? 72 LYS A HG2  1 
ATOM 1062 H HG3  . LYS A 1 72 ? -11.295 4.158   1.018   1.00 6.40 ? 72 LYS A HG3  1 
ATOM 1063 H HD2  . LYS A 1 72 ? -11.750 2.587   2.600   1.00 6.79 ? 72 LYS A HD2  1 
ATOM 1064 H HD3  . LYS A 1 72 ? -13.283 3.189   2.901   1.00 5.98 ? 72 LYS A HD3  1 
ATOM 1065 H HE2  . LYS A 1 72 ? -14.278 1.450   2.041   1.00 6.99 ? 72 LYS A HE2  1 
ATOM 1066 H HE3  . LYS A 1 72 ? -13.908 2.158   0.468   1.00 7.41 ? 72 LYS A HE3  1 
ATOM 1067 H HZ1  . LYS A 1 72 ? -11.505 1.431   1.119   1.00 8.01 ? 72 LYS A HZ1  1 
ATOM 1068 H HZ2  . LYS A 1 72 ? -12.263 0.259   2.016   1.00 7.54 ? 72 LYS A HZ2  1 
ATOM 1069 H HZ3  . LYS A 1 72 ? -12.461 0.339   0.302   1.00 7.88 ? 72 LYS A HZ3  1 
ATOM 1070 N N    . HIS A 1 73 ? -12.149 8.112   1.898   1.00 5.17 ? 73 HIS A N    1 
ATOM 1071 C CA   . HIS A 1 73 ? -11.461 8.460   0.687   1.00 6.00 ? 73 HIS A CA   1 
ATOM 1072 C C    . HIS A 1 73 ? -11.374 10.008  0.585   1.00 6.42 ? 73 HIS A C    1 
ATOM 1073 O O    . HIS A 1 73 ? -13.662 9.947   3.248   1.00 7.13 ? 73 HIS A O    1 
ATOM 1074 C CB   . HIS A 1 73 ? -11.609 7.583   -0.589  1.00 6.82 ? 73 HIS A CB   1 
ATOM 1075 C CG   . HIS A 1 73 ? -10.581 8.140   -1.508  1.00 7.22 ? 73 HIS A CG   1 
ATOM 1076 N ND1  . HIS A 1 73 ? -9.471  8.800   -1.086  1.00 7.36 ? 73 HIS A ND1  1 
ATOM 1077 C CD2  . HIS A 1 73 ? -10.559 8.052   -2.875  1.00 7.82 ? 73 HIS A CD2  1 
ATOM 1078 C CE1  . HIS A 1 73 ? -8.737  9.182   -2.155  1.00 8.04 ? 73 HIS A CE1  1 
ATOM 1079 N NE2  . HIS A 1 73 ? -9.422  8.685   -3.220  1.00 8.31 ? 73 HIS A NE2  1 
ATOM 1080 O OXT  . HIS A 1 73 ? -13.455 9.715   -0.902  1.00 7.31 ? 73 HIS A OXT  1 
ATOM 1081 H H    . HIS A 1 73 ? -11.587 7.858   2.670   1.00 4.89 ? 73 HIS A H    1 
ATOM 1082 H HA   . HIS A 1 73 ? -10.504 8.044   0.855   1.00 6.11 ? 73 HIS A HA   1 
ATOM 1083 H HB2  . HIS A 1 73 ? -11.314 6.532   -0.501  1.00 6.98 ? 73 HIS A HB2  1 
ATOM 1084 H HB3  . HIS A 1 73 ? -12.597 7.558   -1.042  1.00 7.26 ? 73 HIS A HB3  1 
ATOM 1085 H HD1  . HIS A 1 73 ? -9.198  8.920   -0.156  1.00 7.22 ? 73 HIS A HD1  1 
ATOM 1086 H HD2  . HIS A 1 73 ? -11.256 7.477   -3.468  1.00 8.01 ? 73 HIS A HD2  1 
ATOM 1087 H HE1  . HIS A 1 73 ? -8.195  9.524   -1.283  1.00 8.53 ? 73 HIS A HE1  1 
# 
